data_2KJP
#
_entry.id   2KJP
#
_entity_poly.entity_id   1
_entity_poly.type   'polypeptide(L)'
_entity_poly.pdbx_seq_one_letter_code
;NGIYASSVVENMPAKGKIEVGDKIISADGKNYQSAEKLIDYISSKKAGDKVTLKIEREEKEKRVTLTLKQFPDEPDRAGI
GVSLEHHHHHH
;
_entity_poly.pdbx_strand_id   A
#
# COMPACT_ATOMS: atom_id res chain seq x y z
N ASN A 1 -5.26 -6.58 6.28
CA ASN A 1 -4.03 -5.90 5.80
C ASN A 1 -4.41 -4.91 4.69
N GLY A 2 -5.03 -5.42 3.63
CA GLY A 2 -5.44 -4.57 2.51
C GLY A 2 -6.53 -3.59 2.92
N ILE A 3 -7.63 -4.12 3.47
CA ILE A 3 -8.76 -3.28 3.91
C ILE A 3 -8.61 -2.91 5.39
N TYR A 4 -7.60 -3.47 6.04
CA TYR A 4 -7.37 -3.19 7.46
C TYR A 4 -5.87 -3.29 7.79
N ALA A 5 -5.22 -2.13 7.83
CA ALA A 5 -3.78 -2.06 8.14
C ALA A 5 -3.55 -2.35 9.62
N SER A 6 -2.28 -2.48 10.00
CA SER A 6 -1.93 -2.75 11.39
C SER A 6 -0.45 -2.49 11.63
N SER A 7 0.36 -2.74 10.61
CA SER A 7 1.81 -2.52 10.69
C SER A 7 2.44 -2.69 9.31
N VAL A 8 3.21 -1.68 8.89
CA VAL A 8 3.88 -1.69 7.57
C VAL A 8 5.31 -1.18 7.70
N VAL A 9 6.25 -1.84 7.00
CA VAL A 9 7.65 -1.41 7.05
C VAL A 9 7.78 0.04 6.59
N GLU A 10 8.68 0.78 7.26
CA GLU A 10 8.92 2.19 6.93
C GLU A 10 9.97 2.27 5.80
N ASN A 11 11.05 3.03 6.01
CA ASN A 11 12.10 3.21 5.02
C ASN A 11 11.56 3.84 3.74
N MET A 12 10.40 4.50 3.84
CA MET A 12 9.74 5.18 2.68
C MET A 12 9.40 6.63 3.09
N PRO A 13 9.04 7.51 2.17
CA PRO A 13 8.69 8.93 2.52
C PRO A 13 7.59 9.01 3.57
N ALA A 14 6.65 8.07 3.53
CA ALA A 14 5.52 8.03 4.46
C ALA A 14 4.87 9.42 4.64
N LYS A 15 5.22 10.37 3.77
CA LYS A 15 4.67 11.73 3.86
C LYS A 15 3.27 11.83 3.25
N GLY A 16 2.28 12.02 4.10
CA GLY A 16 0.90 12.14 3.66
C GLY A 16 0.25 10.78 3.47
N LYS A 17 1.06 9.71 3.53
CA LYS A 17 0.56 8.34 3.37
C LYS A 17 1.04 7.51 4.57
N ILE A 18 0.12 7.08 5.45
CA ILE A 18 0.48 6.30 6.65
C ILE A 18 -0.46 5.11 6.75
N GLU A 19 0.04 4.00 7.33
CA GLU A 19 -0.77 2.78 7.50
C GLU A 19 -0.38 2.11 8.83
N VAL A 20 -1.28 2.20 9.82
CA VAL A 20 -1.08 1.60 11.16
C VAL A 20 -2.42 1.47 11.88
N GLY A 21 -3.32 0.71 11.30
CA GLY A 21 -4.65 0.48 11.88
C GLY A 21 -5.71 1.28 11.13
N ASP A 22 -5.26 2.29 10.37
CA ASP A 22 -6.19 3.13 9.61
C ASP A 22 -6.96 2.27 8.61
N LYS A 23 -8.01 2.85 8.01
CA LYS A 23 -8.85 2.14 7.02
C LYS A 23 -8.82 2.89 5.69
N ILE A 24 -8.75 2.13 4.59
CA ILE A 24 -8.71 2.69 3.23
C ILE A 24 -10.11 2.55 2.62
N ILE A 25 -10.73 3.69 2.30
CA ILE A 25 -12.06 3.70 1.70
C ILE A 25 -12.01 3.16 0.27
N SER A 26 -11.08 3.69 -0.53
CA SER A 26 -10.92 3.30 -1.92
C SER A 26 -9.62 3.85 -2.49
N ALA A 27 -9.19 3.31 -3.64
CA ALA A 27 -7.96 3.74 -4.33
C ALA A 27 -8.30 4.07 -5.78
N ASP A 28 -7.82 5.21 -6.28
CA ASP A 28 -8.09 5.62 -7.66
C ASP A 28 -9.61 5.65 -7.94
N GLY A 29 -10.39 6.04 -6.94
CA GLY A 29 -11.84 6.12 -7.10
C GLY A 29 -12.46 4.75 -7.32
N LYS A 30 -11.62 3.71 -7.33
CA LYS A 30 -12.09 2.33 -7.54
C LYS A 30 -12.36 1.65 -6.20
N ASN A 31 -13.62 1.24 -5.98
CA ASN A 31 -14.01 0.57 -4.75
C ASN A 31 -13.50 -0.87 -4.75
N TYR A 32 -13.59 -1.53 -3.59
CA TYR A 32 -13.13 -2.93 -3.46
C TYR A 32 -14.06 -3.69 -2.51
N GLN A 33 -14.43 -4.92 -2.88
CA GLN A 33 -15.30 -5.76 -2.04
C GLN A 33 -14.49 -6.50 -0.99
N SER A 34 -13.29 -6.96 -1.37
CA SER A 34 -12.40 -7.70 -0.46
C SER A 34 -10.94 -7.36 -0.74
N ALA A 35 -10.08 -7.61 0.26
CA ALA A 35 -8.66 -7.31 0.13
C ALA A 35 -8.07 -7.92 -1.16
N GLU A 36 -8.55 -9.11 -1.51
CA GLU A 36 -8.04 -9.79 -2.71
C GLU A 36 -8.13 -8.89 -3.94
N LYS A 37 -9.27 -8.23 -4.09
CA LYS A 37 -9.46 -7.32 -5.22
C LYS A 37 -8.44 -6.18 -5.16
N LEU A 38 -8.25 -5.58 -3.97
CA LEU A 38 -7.31 -4.47 -3.82
C LEU A 38 -5.91 -4.87 -4.28
N ILE A 39 -5.43 -6.02 -3.79
CA ILE A 39 -4.11 -6.51 -4.19
C ILE A 39 -4.08 -6.76 -5.69
N ASP A 40 -5.11 -7.46 -6.18
CA ASP A 40 -5.19 -7.77 -7.62
C ASP A 40 -5.16 -6.49 -8.45
N TYR A 41 -5.91 -5.47 -8.03
CA TYR A 41 -5.95 -4.21 -8.76
C TYR A 41 -4.54 -3.62 -8.93
N ILE A 42 -3.78 -3.55 -7.84
CA ILE A 42 -2.42 -3.01 -7.90
C ILE A 42 -1.55 -3.86 -8.84
N SER A 43 -1.59 -5.18 -8.64
CA SER A 43 -0.80 -6.12 -9.48
C SER A 43 0.65 -5.64 -9.62
N SER A 44 1.11 -4.94 -8.59
CA SER A 44 2.46 -4.38 -8.60
C SER A 44 2.53 -3.22 -9.59
N LYS A 45 2.27 -2.01 -9.10
CA LYS A 45 2.31 -0.79 -9.93
C LYS A 45 2.87 0.40 -9.13
N LYS A 46 3.93 0.16 -8.34
CA LYS A 46 4.55 1.24 -7.54
C LYS A 46 5.82 1.69 -8.22
N ALA A 47 6.45 2.73 -7.66
CA ALA A 47 7.69 3.28 -8.18
C ALA A 47 7.49 4.05 -9.48
N GLY A 48 7.33 5.37 -9.36
CA GLY A 48 7.15 6.27 -10.51
C GLY A 48 5.68 6.56 -10.75
N ASP A 49 4.86 5.51 -10.70
CA ASP A 49 3.41 5.68 -10.91
C ASP A 49 2.84 6.52 -9.77
N LYS A 50 1.63 7.05 -9.99
CA LYS A 50 0.94 7.86 -8.97
C LYS A 50 -0.50 7.39 -8.86
N VAL A 51 -1.04 7.40 -7.63
CA VAL A 51 -2.43 6.98 -7.37
C VAL A 51 -3.00 7.84 -6.24
N THR A 52 -4.34 7.90 -6.18
CA THR A 52 -5.04 8.66 -5.13
C THR A 52 -5.59 7.69 -4.10
N LEU A 53 -5.13 7.80 -2.85
CA LEU A 53 -5.58 6.93 -1.75
C LEU A 53 -6.18 7.78 -0.63
N LYS A 54 -7.46 7.55 -0.32
CA LYS A 54 -8.14 8.29 0.75
C LYS A 54 -8.01 7.50 2.05
N ILE A 55 -7.78 8.21 3.16
CA ILE A 55 -7.63 7.60 4.50
C ILE A 55 -8.66 8.22 5.44
N GLU A 56 -9.02 7.46 6.47
CA GLU A 56 -9.99 7.91 7.50
C GLU A 56 -9.28 8.04 8.85
N ARG A 57 -9.45 9.19 9.51
CA ARG A 57 -8.83 9.47 10.82
C ARG A 57 -9.84 10.14 11.76
N GLU A 58 -10.36 9.39 12.72
CA GLU A 58 -11.32 9.93 13.68
C GLU A 58 -12.43 10.73 12.96
N GLU A 59 -13.03 10.10 11.96
CA GLU A 59 -14.11 10.73 11.18
C GLU A 59 -13.58 11.92 10.34
N LYS A 60 -12.31 11.85 9.89
CA LYS A 60 -11.70 12.92 9.06
C LYS A 60 -11.06 12.29 7.83
N GLU A 61 -11.18 12.98 6.69
CA GLU A 61 -10.61 12.52 5.41
C GLU A 61 -9.60 13.54 4.90
N LYS A 62 -8.53 13.03 4.26
CA LYS A 62 -7.47 13.88 3.71
C LYS A 62 -7.11 13.42 2.31
N ARG A 63 -6.66 14.36 1.47
CA ARG A 63 -6.27 14.07 0.08
C ARG A 63 -4.89 14.65 -0.18
N VAL A 64 -3.91 13.77 -0.44
CA VAL A 64 -2.53 14.18 -0.73
C VAL A 64 -1.99 13.36 -1.90
N THR A 65 -1.27 14.03 -2.81
CA THR A 65 -0.68 13.38 -3.98
C THR A 65 0.77 12.99 -3.65
N LEU A 66 1.06 11.68 -3.69
CA LEU A 66 2.41 11.17 -3.42
C LEU A 66 2.79 10.16 -4.49
N THR A 67 4.09 9.97 -4.69
CA THR A 67 4.61 9.02 -5.67
C THR A 67 4.95 7.72 -4.96
N LEU A 68 4.41 6.61 -5.46
CA LEU A 68 4.65 5.31 -4.88
C LEU A 68 6.15 5.02 -4.83
N LYS A 69 6.52 4.04 -4.00
CA LYS A 69 7.93 3.65 -3.82
C LYS A 69 8.05 2.13 -3.75
N GLN A 70 9.31 1.67 -3.78
CA GLN A 70 9.66 0.25 -3.74
C GLN A 70 10.75 0.03 -2.69
N PHE A 71 10.72 -1.15 -2.07
CA PHE A 71 11.70 -1.52 -1.03
C PHE A 71 13.12 -0.99 -1.42
N PRO A 72 13.61 0.09 -0.81
CA PRO A 72 14.97 0.65 -1.16
C PRO A 72 16.10 -0.36 -1.02
N ASP A 73 15.81 -1.51 -0.42
CA ASP A 73 16.82 -2.57 -0.20
C ASP A 73 16.51 -3.79 -1.09
N GLU A 74 15.63 -3.62 -2.08
CA GLU A 74 15.26 -4.71 -2.99
C GLU A 74 14.50 -4.16 -4.22
N PRO A 75 15.15 -3.40 -5.07
CA PRO A 75 14.47 -2.82 -6.28
C PRO A 75 14.06 -3.91 -7.28
N ASP A 76 14.65 -5.10 -7.15
CA ASP A 76 14.34 -6.21 -8.06
C ASP A 76 12.89 -6.66 -7.85
N ARG A 77 12.37 -6.46 -6.63
CA ARG A 77 10.98 -6.84 -6.27
C ARG A 77 10.27 -5.65 -5.67
N ALA A 78 8.95 -5.71 -5.69
CA ALA A 78 8.09 -4.65 -5.15
C ALA A 78 6.89 -5.25 -4.41
N GLY A 79 6.56 -4.66 -3.26
CA GLY A 79 5.43 -5.11 -2.46
C GLY A 79 5.64 -6.54 -1.97
N ILE A 80 5.21 -6.82 -0.74
CA ILE A 80 5.37 -8.14 -0.16
C ILE A 80 4.55 -9.16 -0.95
N GLY A 81 3.33 -8.79 -1.32
CA GLY A 81 2.45 -9.68 -2.09
C GLY A 81 2.26 -11.02 -1.37
N VAL A 82 2.49 -11.01 -0.06
CA VAL A 82 2.36 -12.22 0.75
C VAL A 82 3.25 -13.33 0.19
N SER A 83 4.43 -13.52 0.82
CA SER A 83 5.39 -14.54 0.39
C SER A 83 6.05 -15.20 1.60
N LEU A 84 5.50 -14.93 2.79
CA LEU A 84 6.05 -15.50 4.02
C LEU A 84 5.77 -17.00 4.08
N GLU A 85 6.79 -17.80 3.78
CA GLU A 85 6.65 -19.26 3.80
C GLU A 85 6.33 -19.74 5.21
N HIS A 86 5.50 -20.79 5.31
CA HIS A 86 5.12 -21.35 6.61
C HIS A 86 6.23 -22.26 7.15
N HIS A 87 7.38 -22.24 6.47
CA HIS A 87 8.52 -23.06 6.90
C HIS A 87 8.96 -22.68 8.32
N HIS A 88 9.12 -21.39 8.56
CA HIS A 88 9.54 -20.90 9.89
C HIS A 88 8.41 -21.12 10.89
N HIS A 89 8.37 -22.30 11.50
CA HIS A 89 7.34 -22.62 12.48
C HIS A 89 7.47 -21.70 13.69
N HIS A 90 8.71 -21.53 14.18
CA HIS A 90 8.96 -20.67 15.34
C HIS A 90 10.46 -20.42 15.48
N HIS A 91 11.25 -21.50 15.45
CA HIS A 91 12.70 -21.39 15.58
C HIS A 91 13.29 -20.55 14.45
N ASN A 1 -2.24 -7.88 4.15
CA ASN A 1 -2.46 -6.41 4.30
C ASN A 1 -3.25 -5.91 3.09
N GLY A 2 -4.14 -4.93 3.32
CA GLY A 2 -4.95 -4.37 2.23
C GLY A 2 -6.04 -3.46 2.78
N ILE A 3 -7.22 -4.02 2.99
CA ILE A 3 -8.35 -3.25 3.52
C ILE A 3 -8.06 -2.83 4.95
N TYR A 4 -7.07 -3.46 5.57
CA TYR A 4 -6.71 -3.15 6.97
C TYR A 4 -5.20 -3.30 7.17
N ALA A 5 -4.50 -2.17 7.28
CA ALA A 5 -3.05 -2.17 7.49
C ALA A 5 -2.72 -2.60 8.92
N SER A 6 -1.90 -3.63 9.07
CA SER A 6 -1.52 -4.14 10.41
C SER A 6 -0.22 -3.51 10.88
N SER A 7 0.66 -3.23 9.93
CA SER A 7 1.95 -2.62 10.24
C SER A 7 2.67 -2.24 8.96
N VAL A 8 3.56 -1.26 9.04
CA VAL A 8 4.35 -0.80 7.88
C VAL A 8 5.76 -0.40 8.32
N VAL A 9 6.71 -0.48 7.38
CA VAL A 9 8.11 -0.13 7.66
C VAL A 9 8.36 1.35 7.33
N GLU A 10 8.92 2.09 8.29
CA GLU A 10 9.19 3.51 8.10
C GLU A 10 10.31 3.72 7.07
N ASN A 11 9.96 3.65 5.78
CA ASN A 11 10.97 3.84 4.72
C ASN A 11 10.29 4.17 3.39
N MET A 12 9.02 4.62 3.46
CA MET A 12 8.22 4.96 2.25
C MET A 12 7.73 6.44 2.35
N PRO A 13 7.10 6.98 1.32
CA PRO A 13 6.57 8.38 1.34
C PRO A 13 5.67 8.67 2.55
N ALA A 14 5.43 7.63 3.40
CA ALA A 14 4.57 7.69 4.64
C ALA A 14 3.89 9.04 4.89
N LYS A 15 4.65 10.12 4.72
CA LYS A 15 4.11 11.47 4.83
C LYS A 15 2.84 11.55 3.98
N GLY A 16 1.98 12.52 4.24
CA GLY A 16 0.76 12.70 3.45
C GLY A 16 -0.14 11.45 3.40
N LYS A 17 0.39 10.26 3.71
CA LYS A 17 -0.41 9.01 3.69
C LYS A 17 0.08 8.09 4.82
N ILE A 18 -0.67 8.02 5.92
CA ILE A 18 -0.32 7.15 7.04
C ILE A 18 -1.07 5.84 6.89
N GLU A 19 -0.42 4.73 7.22
CA GLU A 19 -1.04 3.39 7.11
C GLU A 19 -0.66 2.57 8.34
N VAL A 20 -1.64 2.34 9.24
CA VAL A 20 -1.43 1.56 10.46
C VAL A 20 -2.76 1.38 11.19
N GLY A 21 -3.47 0.31 10.82
CA GLY A 21 -4.77 0.01 11.43
C GLY A 21 -5.87 0.81 10.74
N ASP A 22 -5.45 1.88 10.07
CA ASP A 22 -6.37 2.75 9.36
C ASP A 22 -7.03 2.00 8.21
N LYS A 23 -8.25 2.41 7.86
CA LYS A 23 -9.02 1.78 6.77
C LYS A 23 -8.98 2.66 5.52
N ILE A 24 -8.89 2.00 4.36
CA ILE A 24 -8.84 2.68 3.04
C ILE A 24 -10.22 2.52 2.36
N ILE A 25 -10.88 3.63 2.07
CA ILE A 25 -12.22 3.62 1.45
C ILE A 25 -12.15 3.09 0.02
N SER A 26 -11.18 3.59 -0.75
CA SER A 26 -10.99 3.19 -2.15
C SER A 26 -9.66 3.73 -2.67
N ALA A 27 -9.25 3.25 -3.86
CA ALA A 27 -8.00 3.70 -4.50
C ALA A 27 -8.26 3.99 -5.99
N ASP A 28 -7.73 5.11 -6.48
CA ASP A 28 -7.92 5.50 -7.89
C ASP A 28 -9.41 5.62 -8.23
N GLY A 29 -10.19 6.16 -7.30
CA GLY A 29 -11.63 6.33 -7.53
C GLY A 29 -12.32 4.98 -7.75
N LYS A 30 -11.57 3.88 -7.60
CA LYS A 30 -12.11 2.51 -7.79
C LYS A 30 -12.03 1.73 -6.47
N ASN A 31 -13.17 1.15 -6.07
CA ASN A 31 -13.24 0.37 -4.82
C ASN A 31 -12.72 -1.05 -5.07
N TYR A 32 -12.59 -1.83 -4.00
CA TYR A 32 -12.10 -3.21 -4.09
C TYR A 32 -12.73 -4.05 -2.98
N GLN A 33 -13.73 -4.86 -3.34
CA GLN A 33 -14.41 -5.70 -2.37
C GLN A 33 -13.43 -6.74 -1.79
N SER A 34 -12.68 -7.39 -2.69
CA SER A 34 -11.70 -8.41 -2.28
C SER A 34 -10.35 -7.76 -1.93
N ALA A 35 -9.86 -8.05 -0.72
CA ALA A 35 -8.58 -7.49 -0.27
C ALA A 35 -7.44 -7.96 -1.16
N GLU A 36 -7.49 -9.22 -1.56
CA GLU A 36 -6.43 -9.79 -2.43
C GLU A 36 -6.30 -8.97 -3.71
N LYS A 37 -7.43 -8.48 -4.24
CA LYS A 37 -7.42 -7.67 -5.46
C LYS A 37 -6.80 -6.29 -5.21
N LEU A 38 -7.11 -5.68 -4.06
CA LEU A 38 -6.57 -4.35 -3.74
C LEU A 38 -5.05 -4.36 -3.69
N ILE A 39 -4.48 -5.28 -2.90
CA ILE A 39 -3.03 -5.37 -2.75
C ILE A 39 -2.40 -5.69 -4.10
N ASP A 40 -2.98 -6.64 -4.82
CA ASP A 40 -2.46 -7.03 -6.13
C ASP A 40 -2.56 -5.87 -7.12
N TYR A 41 -3.68 -5.14 -7.07
CA TYR A 41 -3.89 -4.01 -7.98
C TYR A 41 -2.82 -2.91 -7.80
N ILE A 42 -2.67 -2.41 -6.57
CA ILE A 42 -1.70 -1.34 -6.29
C ILE A 42 -0.26 -1.84 -6.38
N SER A 43 0.01 -3.02 -5.82
CA SER A 43 1.36 -3.59 -5.83
C SER A 43 1.85 -3.84 -7.25
N SER A 44 0.91 -3.97 -8.19
CA SER A 44 1.23 -4.21 -9.60
C SER A 44 1.42 -2.89 -10.34
N LYS A 45 1.27 -1.77 -9.61
CA LYS A 45 1.41 -0.42 -10.21
C LYS A 45 2.16 0.54 -9.28
N LYS A 46 3.30 0.11 -8.69
CA LYS A 46 4.12 0.98 -7.81
C LYS A 46 5.36 1.44 -8.56
N ALA A 47 5.85 2.65 -8.22
CA ALA A 47 7.04 3.22 -8.83
C ALA A 47 6.81 3.53 -10.32
N GLY A 48 6.44 4.79 -10.59
CA GLY A 48 6.19 5.27 -11.96
C GLY A 48 4.69 5.47 -12.21
N ASP A 49 3.91 5.46 -11.12
CA ASP A 49 2.46 5.66 -11.23
C ASP A 49 1.91 6.31 -9.98
N LYS A 50 1.10 7.36 -10.17
CA LYS A 50 0.48 8.09 -9.06
C LYS A 50 -0.90 7.50 -8.79
N VAL A 51 -1.33 7.55 -7.52
CA VAL A 51 -2.62 7.01 -7.10
C VAL A 51 -3.14 7.84 -5.92
N THR A 52 -4.45 7.91 -5.81
CA THR A 52 -5.11 8.65 -4.71
C THR A 52 -5.66 7.64 -3.71
N LEU A 53 -5.22 7.73 -2.44
CA LEU A 53 -5.67 6.81 -1.39
C LEU A 53 -6.35 7.60 -0.27
N LYS A 54 -7.64 7.34 -0.04
CA LYS A 54 -8.40 8.03 1.00
C LYS A 54 -8.22 7.25 2.29
N ILE A 55 -7.97 7.99 3.38
CA ILE A 55 -7.78 7.41 4.73
C ILE A 55 -8.87 7.95 5.65
N GLU A 56 -9.15 7.23 6.73
CA GLU A 56 -10.17 7.64 7.73
C GLU A 56 -9.48 7.84 9.08
N ARG A 57 -9.61 9.05 9.64
CA ARG A 57 -8.99 9.38 10.94
C ARG A 57 -9.97 10.24 11.76
N GLU A 58 -10.29 9.79 12.97
CA GLU A 58 -11.19 10.51 13.86
C GLU A 58 -12.44 11.01 13.12
N GLU A 59 -12.95 10.20 12.19
CA GLU A 59 -14.13 10.54 11.38
C GLU A 59 -13.78 11.66 10.36
N LYS A 60 -12.53 11.66 9.88
CA LYS A 60 -12.06 12.66 8.89
C LYS A 60 -11.15 12.00 7.87
N GLU A 61 -11.01 12.65 6.70
CA GLU A 61 -10.16 12.14 5.61
C GLU A 61 -9.28 13.27 5.08
N LYS A 62 -8.17 12.89 4.44
CA LYS A 62 -7.22 13.86 3.86
C LYS A 62 -6.78 13.37 2.48
N ARG A 63 -6.41 14.32 1.62
CA ARG A 63 -5.97 14.01 0.25
C ARG A 63 -4.64 14.72 -0.04
N VAL A 64 -3.64 13.93 -0.47
CA VAL A 64 -2.30 14.48 -0.78
C VAL A 64 -1.76 13.79 -2.04
N THR A 65 -1.17 14.58 -2.94
CA THR A 65 -0.60 14.02 -4.18
C THR A 65 0.84 13.59 -3.91
N LEU A 66 1.10 12.27 -4.00
CA LEU A 66 2.44 11.70 -3.81
C LEU A 66 2.68 10.61 -4.85
N THR A 67 3.95 10.28 -5.07
CA THR A 67 4.34 9.22 -6.00
C THR A 67 4.63 7.95 -5.20
N LEU A 68 4.22 6.80 -5.72
CA LEU A 68 4.44 5.53 -5.01
C LEU A 68 5.93 5.24 -4.91
N LYS A 69 6.26 4.10 -4.31
CA LYS A 69 7.67 3.72 -4.11
C LYS A 69 7.82 2.19 -4.17
N GLN A 70 9.06 1.73 -4.17
CA GLN A 70 9.38 0.29 -4.22
C GLN A 70 10.45 -0.06 -3.19
N PHE A 71 10.32 -1.24 -2.60
CA PHE A 71 11.25 -1.72 -1.59
C PHE A 71 12.72 -1.67 -2.14
N PRO A 72 13.61 -0.79 -1.65
CA PRO A 72 15.00 -0.73 -2.21
C PRO A 72 15.72 -2.09 -2.24
N ASP A 73 15.77 -2.77 -1.11
CA ASP A 73 16.47 -4.05 -1.00
C ASP A 73 15.82 -5.13 -1.87
N GLU A 74 14.64 -4.82 -2.43
CA GLU A 74 13.90 -5.76 -3.29
C GLU A 74 13.30 -5.01 -4.49
N PRO A 75 14.10 -4.65 -5.49
CA PRO A 75 13.61 -3.89 -6.69
C PRO A 75 12.98 -4.82 -7.73
N ASP A 76 12.97 -6.12 -7.43
CA ASP A 76 12.39 -7.13 -8.33
C ASP A 76 10.90 -7.32 -8.00
N ARG A 77 10.50 -6.83 -6.82
CA ARG A 77 9.09 -6.94 -6.36
C ARG A 77 8.68 -5.67 -5.64
N ALA A 78 7.36 -5.41 -5.61
CA ALA A 78 6.81 -4.21 -4.95
C ALA A 78 5.52 -4.58 -4.20
N GLY A 79 5.27 -3.89 -3.08
CA GLY A 79 4.08 -4.14 -2.26
C GLY A 79 4.21 -5.43 -1.46
N ILE A 80 4.88 -6.43 -2.03
CA ILE A 80 5.10 -7.73 -1.38
C ILE A 80 6.52 -8.22 -1.65
N GLY A 81 7.06 -9.01 -0.71
CA GLY A 81 8.42 -9.55 -0.84
C GLY A 81 8.94 -10.02 0.51
N VAL A 82 8.46 -11.18 0.96
CA VAL A 82 8.89 -11.74 2.24
C VAL A 82 8.65 -10.73 3.37
N SER A 83 7.56 -10.90 4.12
CA SER A 83 7.23 -10.00 5.23
C SER A 83 8.32 -10.06 6.30
N LEU A 84 9.28 -9.13 6.23
CA LEU A 84 10.36 -9.06 7.20
C LEU A 84 11.12 -10.40 7.26
N GLU A 85 11.25 -10.98 8.46
CA GLU A 85 11.94 -12.27 8.64
C GLU A 85 13.37 -12.19 8.10
N HIS A 86 13.53 -12.41 6.80
CA HIS A 86 14.84 -12.36 6.15
C HIS A 86 15.30 -10.91 6.01
N HIS A 87 15.54 -10.24 7.14
CA HIS A 87 15.99 -8.84 7.12
C HIS A 87 17.35 -8.75 6.43
N HIS A 88 18.25 -9.65 6.77
CA HIS A 88 19.59 -9.68 6.19
C HIS A 88 20.30 -10.98 6.52
N HIS A 89 21.41 -11.25 5.85
CA HIS A 89 22.18 -12.46 6.07
C HIS A 89 22.69 -12.52 7.52
N HIS A 90 23.19 -11.39 8.01
CA HIS A 90 23.71 -11.31 9.38
C HIS A 90 23.79 -9.85 9.83
N HIS A 91 23.80 -9.65 11.15
CA HIS A 91 23.89 -8.29 11.71
C HIS A 91 25.21 -7.63 11.32
N ASN A 1 -3.97 -8.22 8.59
CA ASN A 1 -3.10 -8.05 7.39
C ASN A 1 -3.97 -8.04 6.13
N GLY A 2 -5.27 -8.31 6.32
CA GLY A 2 -6.21 -8.32 5.20
C GLY A 2 -6.31 -6.95 4.57
N ILE A 3 -7.53 -6.40 4.50
CA ILE A 3 -7.74 -5.08 3.91
C ILE A 3 -7.04 -4.02 4.76
N TYR A 4 -7.19 -4.16 6.08
CA TYR A 4 -6.60 -3.21 7.03
C TYR A 4 -5.07 -3.43 7.14
N ALA A 5 -4.34 -2.33 7.30
CA ALA A 5 -2.88 -2.39 7.44
C ALA A 5 -2.50 -2.94 8.81
N SER A 6 -1.44 -3.75 8.85
CA SER A 6 -0.94 -4.36 10.10
C SER A 6 0.38 -3.71 10.52
N SER A 7 1.20 -3.38 9.53
CA SER A 7 2.49 -2.73 9.78
C SER A 7 3.12 -2.25 8.48
N VAL A 8 4.12 -1.36 8.59
CA VAL A 8 4.83 -0.81 7.41
C VAL A 8 6.32 -0.75 7.70
N VAL A 9 7.12 -0.82 6.64
CA VAL A 9 8.59 -0.78 6.74
C VAL A 9 9.11 0.66 6.76
N GLU A 10 10.15 0.90 7.58
CA GLU A 10 10.77 2.24 7.70
C GLU A 10 10.90 2.91 6.35
N ASN A 11 10.89 4.24 6.38
CA ASN A 11 10.90 5.04 5.19
C ASN A 11 9.46 5.06 4.71
N MET A 12 9.31 5.15 3.41
CA MET A 12 8.00 5.22 2.71
C MET A 12 7.45 6.65 2.80
N PRO A 13 6.60 7.10 1.86
CA PRO A 13 6.08 8.51 1.87
C PRO A 13 5.52 8.94 3.23
N ALA A 14 5.36 7.98 4.17
CA ALA A 14 4.86 8.23 5.55
C ALA A 14 3.96 9.47 5.69
N LYS A 15 4.54 10.66 5.51
CA LYS A 15 3.80 11.90 5.58
C LYS A 15 2.88 12.02 4.35
N GLY A 16 1.57 11.86 4.57
CA GLY A 16 0.56 11.94 3.51
C GLY A 16 -0.07 10.59 3.23
N LYS A 17 0.71 9.50 3.39
CA LYS A 17 0.21 8.14 3.18
C LYS A 17 0.66 7.30 4.36
N ILE A 18 -0.29 6.94 5.23
CA ILE A 18 -0.01 6.11 6.40
C ILE A 18 -0.86 4.85 6.34
N GLU A 19 -0.33 3.75 6.87
CA GLU A 19 -1.02 2.48 6.90
C GLU A 19 -0.65 1.77 8.21
N VAL A 20 -1.59 1.75 9.16
CA VAL A 20 -1.39 1.10 10.47
C VAL A 20 -2.77 0.85 11.10
N GLY A 21 -3.50 -0.12 10.57
CA GLY A 21 -4.84 -0.44 11.10
C GLY A 21 -5.89 0.45 10.46
N ASP A 22 -5.46 1.58 9.87
CA ASP A 22 -6.38 2.51 9.23
C ASP A 22 -7.21 1.81 8.16
N LYS A 23 -8.31 2.44 7.75
CA LYS A 23 -9.21 1.86 6.73
C LYS A 23 -9.13 2.64 5.41
N ILE A 24 -9.00 1.89 4.30
CA ILE A 24 -8.91 2.48 2.94
C ILE A 24 -10.27 2.31 2.23
N ILE A 25 -10.93 3.43 1.94
CA ILE A 25 -12.23 3.42 1.27
C ILE A 25 -12.07 2.89 -0.16
N SER A 26 -11.08 3.42 -0.89
CA SER A 26 -10.82 3.01 -2.27
C SER A 26 -9.53 3.64 -2.77
N ALA A 27 -9.06 3.15 -3.93
CA ALA A 27 -7.84 3.65 -4.58
C ALA A 27 -8.16 3.93 -6.04
N ASP A 28 -7.66 5.06 -6.56
CA ASP A 28 -7.93 5.46 -7.95
C ASP A 28 -9.44 5.41 -8.28
N GLY A 29 -10.28 5.66 -7.29
CA GLY A 29 -11.73 5.65 -7.50
C GLY A 29 -12.26 4.24 -7.71
N LYS A 30 -11.38 3.22 -7.57
CA LYS A 30 -11.79 1.81 -7.76
C LYS A 30 -12.11 1.17 -6.41
N ASN A 31 -13.38 0.80 -6.21
CA ASN A 31 -13.80 0.17 -4.96
C ASN A 31 -13.23 -1.25 -4.87
N TYR A 32 -13.20 -1.81 -3.65
CA TYR A 32 -12.67 -3.17 -3.41
C TYR A 32 -13.58 -3.92 -2.43
N GLN A 33 -14.04 -5.11 -2.84
CA GLN A 33 -14.91 -5.94 -2.00
C GLN A 33 -14.08 -6.68 -0.94
N SER A 34 -12.90 -7.15 -1.34
CA SER A 34 -12.01 -7.90 -0.44
C SER A 34 -10.54 -7.57 -0.72
N ALA A 35 -9.70 -7.76 0.30
CA ALA A 35 -8.26 -7.48 0.19
C ALA A 35 -7.69 -8.11 -1.08
N GLU A 36 -8.20 -9.29 -1.43
CA GLU A 36 -7.72 -10.00 -2.60
C GLU A 36 -7.79 -9.11 -3.85
N LYS A 37 -8.91 -8.41 -4.03
CA LYS A 37 -9.08 -7.54 -5.19
C LYS A 37 -8.04 -6.40 -5.13
N LEU A 38 -7.89 -5.74 -3.97
CA LEU A 38 -6.95 -4.62 -3.85
C LEU A 38 -5.54 -5.03 -4.30
N ILE A 39 -5.06 -6.15 -3.79
CA ILE A 39 -3.72 -6.64 -4.17
C ILE A 39 -3.70 -6.95 -5.65
N ASP A 40 -4.74 -7.66 -6.12
CA ASP A 40 -4.83 -8.02 -7.53
C ASP A 40 -4.77 -6.77 -8.42
N TYR A 41 -5.57 -5.76 -8.11
CA TYR A 41 -5.59 -4.54 -8.91
C TYR A 41 -4.19 -3.90 -9.01
N ILE A 42 -3.53 -3.69 -7.86
CA ILE A 42 -2.19 -3.08 -7.88
C ILE A 42 -1.23 -3.97 -8.66
N SER A 43 -1.24 -5.27 -8.36
CA SER A 43 -0.37 -6.26 -9.05
C SER A 43 1.06 -5.72 -9.19
N SER A 44 1.42 -4.83 -8.26
CA SER A 44 2.75 -4.21 -8.24
C SER A 44 2.82 -3.10 -9.30
N LYS A 45 2.48 -1.88 -8.88
CA LYS A 45 2.52 -0.68 -9.75
C LYS A 45 3.04 0.53 -8.98
N LYS A 46 4.05 0.31 -8.14
CA LYS A 46 4.65 1.40 -7.36
C LYS A 46 5.87 1.97 -8.08
N ALA A 47 6.33 3.14 -7.62
CA ALA A 47 7.50 3.81 -8.21
C ALA A 47 7.24 4.31 -9.63
N GLY A 48 7.00 5.63 -9.76
CA GLY A 48 6.77 6.29 -11.05
C GLY A 48 5.31 6.74 -11.20
N ASP A 49 4.39 5.79 -11.14
CA ASP A 49 2.96 6.09 -11.28
C ASP A 49 2.44 6.77 -10.02
N LYS A 50 1.42 7.61 -10.19
CA LYS A 50 0.78 8.32 -9.06
C LYS A 50 -0.60 7.71 -8.82
N VAL A 51 -1.06 7.77 -7.57
CA VAL A 51 -2.37 7.21 -7.19
C VAL A 51 -2.94 8.04 -6.05
N THR A 52 -4.28 8.12 -6.00
CA THR A 52 -5.00 8.86 -4.95
C THR A 52 -5.61 7.84 -4.01
N LEU A 53 -5.21 7.87 -2.73
CA LEU A 53 -5.71 6.93 -1.71
C LEU A 53 -6.50 7.69 -0.64
N LYS A 54 -7.75 7.26 -0.41
CA LYS A 54 -8.62 7.88 0.59
C LYS A 54 -8.60 7.05 1.87
N ILE A 55 -8.52 7.73 3.02
CA ILE A 55 -8.50 7.08 4.34
C ILE A 55 -9.35 7.88 5.32
N GLU A 56 -9.63 7.25 6.46
CA GLU A 56 -10.40 7.86 7.55
C GLU A 56 -9.54 7.90 8.82
N ARG A 57 -9.42 9.10 9.41
CA ARG A 57 -8.65 9.32 10.64
C ARG A 57 -9.48 10.22 11.56
N GLU A 58 -9.74 9.75 12.78
CA GLU A 58 -10.52 10.54 13.75
C GLU A 58 -11.80 11.11 13.11
N GLU A 59 -12.51 10.29 12.32
CA GLU A 59 -13.76 10.72 11.65
C GLU A 59 -13.48 11.74 10.54
N LYS A 60 -12.20 12.10 10.35
CA LYS A 60 -11.78 13.07 9.33
C LYS A 60 -11.10 12.36 8.17
N GLU A 61 -11.14 13.00 7.00
CA GLU A 61 -10.54 12.47 5.77
C GLU A 61 -9.53 13.48 5.23
N LYS A 62 -8.34 13.00 4.85
CA LYS A 62 -7.26 13.86 4.31
C LYS A 62 -6.81 13.33 2.95
N ARG A 63 -6.46 14.25 2.05
CA ARG A 63 -6.00 13.91 0.68
C ARG A 63 -4.68 14.62 0.40
N VAL A 64 -3.68 13.87 -0.08
CA VAL A 64 -2.35 14.42 -0.40
C VAL A 64 -1.85 13.78 -1.69
N THR A 65 -1.21 14.59 -2.56
CA THR A 65 -0.66 14.07 -3.82
C THR A 65 0.81 13.70 -3.58
N LEU A 66 1.11 12.41 -3.72
CA LEU A 66 2.47 11.88 -3.53
C LEU A 66 2.78 10.84 -4.60
N THR A 67 4.08 10.56 -4.80
CA THR A 67 4.52 9.55 -5.78
C THR A 67 4.81 8.24 -5.02
N LEU A 68 4.40 7.11 -5.61
CA LEU A 68 4.61 5.80 -4.97
C LEU A 68 6.11 5.50 -4.86
N LYS A 69 6.46 4.59 -3.93
CA LYS A 69 7.87 4.20 -3.69
C LYS A 69 7.99 2.67 -3.67
N GLN A 70 9.23 2.18 -3.77
CA GLN A 70 9.52 0.73 -3.77
C GLN A 70 10.48 0.37 -2.63
N PHE A 71 10.28 -0.81 -2.05
CA PHE A 71 11.11 -1.31 -0.94
C PHE A 71 12.61 -1.00 -1.17
N PRO A 72 13.38 -0.61 -0.16
CA PRO A 72 14.83 -0.26 -0.36
C PRO A 72 15.74 -1.48 -0.63
N ASP A 73 15.75 -2.44 0.29
CA ASP A 73 16.59 -3.64 0.17
C ASP A 73 16.01 -4.65 -0.81
N GLU A 74 15.03 -4.22 -1.62
CA GLU A 74 14.38 -5.10 -2.62
C GLU A 74 13.90 -4.25 -3.81
N PRO A 75 14.80 -3.64 -4.56
CA PRO A 75 14.41 -2.79 -5.73
C PRO A 75 13.96 -3.65 -6.92
N ASP A 76 14.26 -4.94 -6.86
CA ASP A 76 13.89 -5.88 -7.94
C ASP A 76 12.45 -6.35 -7.76
N ARG A 77 11.84 -5.99 -6.61
CA ARG A 77 10.46 -6.38 -6.29
C ARG A 77 9.71 -5.18 -5.72
N ALA A 78 8.39 -5.16 -5.93
CA ALA A 78 7.52 -4.07 -5.43
C ALA A 78 6.21 -4.67 -4.90
N GLY A 79 5.73 -4.09 -3.79
CA GLY A 79 4.47 -4.54 -3.17
C GLY A 79 4.68 -5.86 -2.45
N ILE A 80 3.59 -6.40 -1.89
CA ILE A 80 3.66 -7.67 -1.16
C ILE A 80 3.76 -8.82 -2.18
N GLY A 81 4.81 -9.63 -2.04
CA GLY A 81 5.04 -10.78 -2.94
C GLY A 81 4.22 -11.98 -2.47
N VAL A 82 4.48 -13.14 -3.11
CA VAL A 82 3.76 -14.36 -2.75
C VAL A 82 4.15 -14.80 -1.35
N SER A 83 3.20 -15.39 -0.62
CA SER A 83 3.47 -15.84 0.74
C SER A 83 4.55 -16.93 0.74
N LEU A 84 5.44 -16.90 1.73
CA LEU A 84 6.51 -17.88 1.84
C LEU A 84 5.98 -19.16 2.51
N GLU A 85 5.46 -20.08 1.70
CA GLU A 85 4.92 -21.33 2.23
C GLU A 85 6.05 -22.15 2.88
N HIS A 86 6.21 -21.98 4.20
CA HIS A 86 7.25 -22.68 4.94
C HIS A 86 8.63 -22.45 4.31
N HIS A 87 9.65 -23.12 4.85
CA HIS A 87 11.01 -23.00 4.33
C HIS A 87 11.06 -23.51 2.90
N HIS A 88 12.28 -23.57 2.33
CA HIS A 88 12.47 -24.05 0.96
C HIS A 88 13.87 -24.67 0.81
N HIS A 89 13.98 -25.67 -0.05
CA HIS A 89 15.25 -26.36 -0.28
C HIS A 89 16.30 -25.37 -0.81
N HIS A 90 15.89 -24.57 -1.80
CA HIS A 90 16.78 -23.57 -2.41
C HIS A 90 18.08 -24.22 -2.87
N HIS A 91 18.04 -24.90 -4.03
CA HIS A 91 19.21 -25.56 -4.58
C HIS A 91 19.82 -26.53 -3.57
N ASN A 1 -4.72 -7.06 8.75
CA ASN A 1 -4.35 -7.07 7.31
C ASN A 1 -5.61 -6.87 6.46
N GLY A 2 -5.49 -7.13 5.16
CA GLY A 2 -6.63 -6.97 4.26
C GLY A 2 -7.07 -5.51 4.17
N ILE A 3 -8.36 -5.30 3.94
CA ILE A 3 -8.92 -3.95 3.85
C ILE A 3 -8.75 -3.22 5.18
N TYR A 4 -8.31 -3.96 6.20
CA TYR A 4 -8.08 -3.39 7.54
C TYR A 4 -6.57 -3.28 7.80
N ALA A 5 -6.11 -2.08 8.14
CA ALA A 5 -4.69 -1.85 8.41
C ALA A 5 -4.31 -2.46 9.77
N SER A 6 -3.05 -2.89 9.87
CA SER A 6 -2.53 -3.49 11.11
C SER A 6 -1.06 -3.13 11.29
N SER A 7 -0.28 -3.27 10.21
CA SER A 7 1.15 -2.94 10.24
C SER A 7 1.73 -2.97 8.83
N VAL A 8 2.62 -2.02 8.55
CA VAL A 8 3.30 -1.92 7.24
C VAL A 8 4.77 -1.56 7.42
N VAL A 9 5.59 -1.94 6.44
CA VAL A 9 7.02 -1.67 6.47
C VAL A 9 7.28 -0.18 6.22
N GLU A 10 8.19 0.41 6.99
CA GLU A 10 8.55 1.83 6.86
C GLU A 10 9.59 2.02 5.74
N ASN A 11 10.61 2.84 5.98
CA ASN A 11 11.68 3.11 5.02
C ASN A 11 11.13 3.75 3.73
N MET A 12 9.92 4.34 3.81
CA MET A 12 9.26 5.00 2.66
C MET A 12 9.06 6.50 2.98
N PRO A 13 8.60 7.31 2.03
CA PRO A 13 8.37 8.78 2.29
C PRO A 13 7.37 9.02 3.42
N ALA A 14 6.54 8.00 3.65
CA ALA A 14 5.50 8.05 4.68
C ALA A 14 4.74 9.38 4.63
N LYS A 15 4.81 10.07 3.48
CA LYS A 15 4.13 11.37 3.31
C LYS A 15 2.65 11.22 3.65
N GLY A 16 2.22 11.91 4.72
CA GLY A 16 0.82 11.90 5.19
C GLY A 16 0.07 10.60 4.84
N LYS A 17 0.76 9.44 4.86
CA LYS A 17 0.15 8.14 4.55
C LYS A 17 0.62 7.14 5.60
N ILE A 18 -0.31 6.51 6.30
CA ILE A 18 0.03 5.54 7.35
C ILE A 18 -1.02 4.45 7.37
N GLU A 19 -0.67 3.29 7.93
CA GLU A 19 -1.59 2.16 8.04
C GLU A 19 -1.34 1.44 9.38
N VAL A 20 -2.28 1.62 10.34
CA VAL A 20 -2.19 1.02 11.68
C VAL A 20 -3.60 0.99 12.31
N GLY A 21 -4.52 0.32 11.62
CA GLY A 21 -5.92 0.20 12.06
C GLY A 21 -6.79 1.11 11.22
N ASP A 22 -6.17 2.10 10.59
CA ASP A 22 -6.88 3.03 9.72
C ASP A 22 -7.59 2.24 8.61
N LYS A 23 -8.70 2.80 8.08
CA LYS A 23 -9.50 2.14 7.02
C LYS A 23 -9.42 2.94 5.72
N ILE A 24 -9.26 2.22 4.60
CA ILE A 24 -9.18 2.81 3.26
C ILE A 24 -10.59 2.78 2.63
N ILE A 25 -11.18 3.96 2.39
CA ILE A 25 -12.52 4.06 1.80
C ILE A 25 -12.52 3.54 0.36
N SER A 26 -11.56 4.02 -0.43
CA SER A 26 -11.42 3.63 -1.83
C SER A 26 -10.08 4.12 -2.37
N ALA A 27 -9.66 3.59 -3.53
CA ALA A 27 -8.40 3.96 -4.18
C ALA A 27 -8.67 4.27 -5.66
N ASP A 28 -8.11 5.36 -6.17
CA ASP A 28 -8.30 5.75 -7.57
C ASP A 28 -9.79 5.89 -7.91
N GLY A 29 -10.54 6.51 -7.00
CA GLY A 29 -11.98 6.72 -7.21
C GLY A 29 -12.71 5.41 -7.50
N LYS A 30 -12.01 4.28 -7.33
CA LYS A 30 -12.59 2.94 -7.59
C LYS A 30 -12.76 2.19 -6.27
N ASN A 31 -13.95 1.63 -6.05
CA ASN A 31 -14.25 0.88 -4.83
C ASN A 31 -13.85 -0.58 -5.02
N TYR A 32 -13.92 -1.36 -3.94
CA TYR A 32 -13.57 -2.79 -3.98
C TYR A 32 -14.42 -3.57 -2.97
N GLN A 33 -15.50 -4.18 -3.47
CA GLN A 33 -16.40 -4.96 -2.62
C GLN A 33 -15.65 -6.16 -2.01
N SER A 34 -14.74 -6.73 -2.80
CA SER A 34 -13.94 -7.89 -2.37
C SER A 34 -12.53 -7.46 -1.96
N ALA A 35 -12.12 -7.84 -0.75
CA ALA A 35 -10.81 -7.47 -0.24
C ALA A 35 -9.69 -7.97 -1.15
N GLU A 36 -9.86 -9.19 -1.65
CA GLU A 36 -8.84 -9.80 -2.51
C GLU A 36 -8.49 -8.92 -3.70
N LYS A 37 -9.51 -8.32 -4.30
CA LYS A 37 -9.33 -7.45 -5.46
C LYS A 37 -8.44 -6.25 -5.10
N LEU A 38 -8.61 -5.69 -3.90
CA LEU A 38 -7.81 -4.55 -3.48
C LEU A 38 -6.32 -4.94 -3.41
N ILE A 39 -6.03 -6.15 -2.90
CA ILE A 39 -4.63 -6.60 -2.80
C ILE A 39 -3.97 -6.59 -4.17
N ASP A 40 -4.64 -7.15 -5.16
CA ASP A 40 -4.09 -7.18 -6.51
C ASP A 40 -3.78 -5.76 -6.99
N TYR A 41 -4.69 -4.83 -6.72
CA TYR A 41 -4.50 -3.45 -7.11
C TYR A 41 -3.29 -2.84 -6.39
N ILE A 42 -3.19 -3.05 -5.07
CA ILE A 42 -2.05 -2.51 -4.30
C ILE A 42 -0.75 -3.14 -4.83
N SER A 43 -0.80 -4.45 -5.07
CA SER A 43 0.36 -5.19 -5.57
C SER A 43 0.79 -4.65 -6.93
N SER A 44 -0.16 -4.11 -7.68
CA SER A 44 0.13 -3.56 -9.01
C SER A 44 0.95 -2.29 -8.90
N LYS A 45 0.98 -1.66 -7.72
CA LYS A 45 1.73 -0.42 -7.57
C LYS A 45 3.23 -0.64 -7.89
N LYS A 46 3.63 -0.08 -9.01
CA LYS A 46 5.01 -0.14 -9.53
C LYS A 46 5.89 0.92 -8.85
N ALA A 47 7.06 1.21 -9.42
CA ALA A 47 7.98 2.24 -8.87
C ALA A 47 7.90 3.50 -9.74
N GLY A 48 7.46 4.62 -9.15
CA GLY A 48 7.34 5.91 -9.86
C GLY A 48 5.89 6.22 -10.26
N ASP A 49 5.07 5.18 -10.42
CA ASP A 49 3.65 5.36 -10.78
C ASP A 49 2.98 6.37 -9.83
N LYS A 50 1.69 6.68 -10.07
CA LYS A 50 0.96 7.62 -9.24
C LYS A 50 -0.45 7.09 -8.98
N VAL A 51 -0.96 7.36 -7.79
CA VAL A 51 -2.29 6.90 -7.39
C VAL A 51 -2.77 7.72 -6.20
N THR A 52 -4.09 7.83 -6.05
CA THR A 52 -4.72 8.56 -4.94
C THR A 52 -5.29 7.54 -3.95
N LEU A 53 -4.86 7.63 -2.67
CA LEU A 53 -5.33 6.70 -1.61
C LEU A 53 -6.03 7.50 -0.51
N LYS A 54 -7.29 7.16 -0.23
CA LYS A 54 -8.06 7.85 0.82
C LYS A 54 -7.88 7.11 2.14
N ILE A 55 -7.71 7.87 3.23
CA ILE A 55 -7.53 7.31 4.60
C ILE A 55 -8.60 7.91 5.50
N GLU A 56 -8.87 7.23 6.62
CA GLU A 56 -9.86 7.66 7.62
C GLU A 56 -9.14 7.93 8.95
N ARG A 57 -9.36 9.13 9.51
CA ARG A 57 -8.76 9.54 10.80
C ARG A 57 -9.79 10.31 11.63
N GLU A 58 -10.10 9.80 12.82
CA GLU A 58 -11.07 10.44 13.73
C GLU A 58 -12.30 10.99 12.97
N GLU A 59 -12.86 10.16 12.08
CA GLU A 59 -14.03 10.55 11.28
C GLU A 59 -13.68 11.67 10.28
N LYS A 60 -12.43 11.67 9.78
CA LYS A 60 -11.98 12.67 8.80
C LYS A 60 -11.09 12.01 7.75
N GLU A 61 -10.96 12.65 6.58
CA GLU A 61 -10.15 12.15 5.47
C GLU A 61 -9.19 13.24 4.97
N LYS A 62 -8.03 12.82 4.47
CA LYS A 62 -7.01 13.73 3.95
C LYS A 62 -6.49 13.23 2.60
N ARG A 63 -6.40 14.13 1.61
CA ARG A 63 -5.92 13.78 0.27
C ARG A 63 -4.42 14.04 0.18
N VAL A 64 -3.67 13.02 -0.26
CA VAL A 64 -2.21 13.08 -0.41
C VAL A 64 -1.81 12.54 -1.78
N THR A 65 -0.99 13.31 -2.50
CA THR A 65 -0.49 12.92 -3.82
C THR A 65 0.97 12.54 -3.66
N LEU A 66 1.27 11.27 -3.92
CA LEU A 66 2.63 10.75 -3.82
C LEU A 66 2.94 9.90 -5.05
N THR A 67 4.21 9.82 -5.39
CA THR A 67 4.66 9.00 -6.50
C THR A 67 5.13 7.67 -5.96
N LEU A 68 4.82 6.59 -6.68
CA LEU A 68 5.21 5.25 -6.26
C LEU A 68 6.72 5.20 -6.02
N LYS A 69 7.14 4.45 -4.99
CA LYS A 69 8.55 4.31 -4.61
C LYS A 69 8.99 2.84 -4.75
N GLN A 70 10.28 2.61 -4.53
CA GLN A 70 10.91 1.28 -4.64
C GLN A 70 11.71 0.99 -3.37
N PHE A 71 11.75 -0.29 -2.99
CA PHE A 71 12.50 -0.71 -1.81
C PHE A 71 14.01 -0.44 -2.01
N PRO A 72 14.75 -0.16 -0.97
CA PRO A 72 16.23 0.15 -1.11
C PRO A 72 17.09 -1.05 -1.54
N ASP A 73 17.16 -2.10 -0.71
CA ASP A 73 17.98 -3.28 -1.00
C ASP A 73 17.21 -4.34 -1.80
N GLU A 74 16.04 -3.96 -2.33
CA GLU A 74 15.21 -4.88 -3.14
C GLU A 74 14.60 -4.12 -4.33
N PRO A 75 15.41 -3.52 -5.17
CA PRO A 75 14.90 -2.76 -6.36
C PRO A 75 14.34 -3.70 -7.43
N ASP A 76 14.68 -4.98 -7.34
CA ASP A 76 14.21 -5.98 -8.30
C ASP A 76 12.70 -6.14 -8.20
N ARG A 77 12.10 -5.54 -7.17
CA ARG A 77 10.64 -5.60 -6.93
C ARG A 77 10.12 -4.20 -6.60
N ALA A 78 8.87 -3.94 -6.96
CA ALA A 78 8.21 -2.63 -6.72
C ALA A 78 6.80 -2.84 -6.18
N GLY A 79 6.38 -1.95 -5.26
CA GLY A 79 5.05 -2.01 -4.63
C GLY A 79 5.18 -2.48 -3.17
N ILE A 80 4.37 -3.48 -2.78
CA ILE A 80 4.39 -4.02 -1.40
C ILE A 80 5.35 -5.23 -1.32
N GLY A 81 4.85 -6.42 -1.70
CA GLY A 81 5.67 -7.63 -1.65
C GLY A 81 6.00 -8.01 -0.21
N VAL A 82 4.97 -8.35 0.56
CA VAL A 82 5.16 -8.76 1.97
C VAL A 82 5.75 -10.16 2.05
N SER A 83 6.37 -10.61 0.96
CA SER A 83 6.97 -11.94 0.92
C SER A 83 8.09 -12.06 1.95
N LEU A 84 8.56 -10.91 2.45
CA LEU A 84 9.62 -10.89 3.45
C LEU A 84 9.14 -11.60 4.72
N GLU A 85 10.04 -12.38 5.34
CA GLU A 85 9.71 -13.11 6.56
C GLU A 85 10.98 -13.66 7.18
N HIS A 86 10.95 -13.93 8.49
CA HIS A 86 12.11 -14.47 9.20
C HIS A 86 11.68 -14.93 10.59
N HIS A 87 11.24 -16.18 10.69
CA HIS A 87 10.80 -16.73 11.98
C HIS A 87 11.94 -16.74 12.98
N HIS A 88 13.11 -17.22 12.55
CA HIS A 88 14.28 -17.27 13.43
C HIS A 88 14.73 -15.86 13.78
N HIS A 89 15.52 -15.74 14.84
CA HIS A 89 16.02 -14.44 15.28
C HIS A 89 17.17 -14.62 16.28
N HIS A 90 18.20 -13.79 16.15
CA HIS A 90 19.36 -13.87 17.06
C HIS A 90 18.92 -13.52 18.48
N HIS A 91 18.05 -12.51 18.59
CA HIS A 91 17.57 -12.05 19.89
C HIS A 91 16.33 -11.16 19.72
N ASN A 1 0.62 -5.98 2.72
CA ASN A 1 -0.41 -4.93 2.50
C ASN A 1 -1.76 -5.61 2.26
N GLY A 2 -2.84 -4.86 2.44
CA GLY A 2 -4.19 -5.39 2.26
C GLY A 2 -5.24 -4.32 2.53
N ILE A 3 -6.47 -4.75 2.78
CA ILE A 3 -7.57 -3.83 3.06
C ILE A 3 -7.28 -3.02 4.32
N TYR A 4 -6.23 -3.42 5.05
CA TYR A 4 -5.84 -2.72 6.28
C TYR A 4 -4.33 -2.86 6.51
N ALA A 5 -3.66 -1.75 6.85
CA ALA A 5 -2.21 -1.77 7.10
C ALA A 5 -1.95 -2.23 8.54
N SER A 6 -1.14 -3.30 8.70
CA SER A 6 -0.81 -3.84 10.04
C SER A 6 0.58 -3.41 10.46
N SER A 7 1.39 -3.02 9.48
CA SER A 7 2.76 -2.57 9.73
C SER A 7 3.32 -1.95 8.46
N VAL A 8 4.29 -1.05 8.62
CA VAL A 8 4.94 -0.36 7.48
C VAL A 8 6.36 0.04 7.86
N VAL A 9 7.21 0.19 6.83
CA VAL A 9 8.62 0.59 7.03
C VAL A 9 8.74 2.12 6.93
N GLU A 10 9.27 2.74 7.98
CA GLU A 10 9.44 4.20 7.99
C GLU A 10 10.43 4.64 6.92
N ASN A 11 9.96 4.74 5.68
CA ASN A 11 10.82 5.16 4.56
C ASN A 11 9.98 5.41 3.30
N MET A 12 8.72 5.86 3.49
CA MET A 12 7.80 6.12 2.35
C MET A 12 7.26 7.57 2.45
N PRO A 13 6.36 7.99 1.57
CA PRO A 13 5.77 9.36 1.60
C PRO A 13 5.15 9.74 2.95
N ALA A 14 5.15 8.78 3.91
CA ALA A 14 4.60 8.94 5.30
C ALA A 14 3.87 10.26 5.53
N LYS A 15 4.54 11.36 5.18
CA LYS A 15 3.95 12.68 5.28
C LYS A 15 2.64 12.71 4.49
N GLY A 16 1.66 13.44 5.00
CA GLY A 16 0.37 13.59 4.32
C GLY A 16 -0.35 12.25 4.07
N LYS A 17 0.39 11.12 4.07
CA LYS A 17 -0.19 9.79 3.82
C LYS A 17 0.52 8.80 4.73
N ILE A 18 -0.19 8.33 5.76
CA ILE A 18 0.35 7.36 6.72
C ILE A 18 -0.43 6.06 6.64
N GLU A 19 0.24 4.96 6.98
CA GLU A 19 -0.37 3.63 6.97
C GLU A 19 0.19 2.81 8.15
N VAL A 20 -0.69 2.54 9.12
CA VAL A 20 -0.34 1.76 10.31
C VAL A 20 -1.62 1.55 11.12
N GLY A 21 -2.25 0.41 10.92
CA GLY A 21 -3.49 0.07 11.61
C GLY A 21 -4.67 0.79 10.98
N ASP A 22 -4.35 1.84 10.20
CA ASP A 22 -5.36 2.63 9.52
C ASP A 22 -5.94 1.83 8.37
N LYS A 23 -7.15 2.21 7.96
CA LYS A 23 -7.87 1.55 6.86
C LYS A 23 -7.98 2.51 5.68
N ILE A 24 -8.05 1.94 4.47
CA ILE A 24 -8.15 2.72 3.22
C ILE A 24 -9.61 2.69 2.72
N ILE A 25 -10.21 3.88 2.61
CA ILE A 25 -11.60 4.01 2.16
C ILE A 25 -11.71 3.53 0.72
N SER A 26 -10.78 3.97 -0.13
CA SER A 26 -10.77 3.60 -1.55
C SER A 26 -9.38 3.80 -2.13
N ALA A 27 -9.14 3.13 -3.26
CA ALA A 27 -7.85 3.19 -3.97
C ALA A 27 -8.09 3.53 -5.43
N ASP A 28 -7.96 4.81 -5.79
CA ASP A 28 -8.18 5.25 -7.18
C ASP A 28 -9.45 4.64 -7.79
N GLY A 29 -10.32 4.13 -6.92
CA GLY A 29 -11.56 3.50 -7.35
C GLY A 29 -12.51 3.34 -6.17
N LYS A 30 -12.87 2.09 -5.85
CA LYS A 30 -13.82 1.78 -4.76
C LYS A 30 -13.10 1.15 -3.56
N ASN A 31 -13.87 0.90 -2.49
CA ASN A 31 -13.32 0.29 -1.27
C ASN A 31 -13.03 -1.18 -1.50
N TYR A 32 -13.59 -1.70 -2.59
CA TYR A 32 -13.43 -3.12 -2.94
C TYR A 32 -13.78 -4.02 -1.75
N GLN A 33 -14.98 -4.61 -1.77
CA GLN A 33 -15.41 -5.48 -0.69
C GLN A 33 -14.45 -6.66 -0.52
N SER A 34 -14.06 -7.28 -1.65
CA SER A 34 -13.12 -8.41 -1.62
C SER A 34 -11.68 -7.90 -1.60
N ALA A 35 -10.92 -8.36 -0.63
CA ALA A 35 -9.53 -7.95 -0.49
C ALA A 35 -8.72 -8.35 -1.72
N GLU A 36 -8.99 -9.55 -2.26
CA GLU A 36 -8.26 -10.04 -3.42
C GLU A 36 -8.26 -9.02 -4.57
N LYS A 37 -9.39 -8.35 -4.75
CA LYS A 37 -9.52 -7.35 -5.81
C LYS A 37 -8.55 -6.18 -5.56
N LEU A 38 -8.44 -5.74 -4.31
CA LEU A 38 -7.54 -4.63 -3.98
C LEU A 38 -6.09 -5.04 -4.24
N ILE A 39 -5.70 -6.23 -3.80
CA ILE A 39 -4.31 -6.68 -4.00
C ILE A 39 -3.98 -6.73 -5.49
N ASP A 40 -4.84 -7.39 -6.27
CA ASP A 40 -4.61 -7.52 -7.70
C ASP A 40 -4.53 -6.14 -8.37
N TYR A 41 -5.35 -5.20 -7.90
CA TYR A 41 -5.37 -3.87 -8.48
C TYR A 41 -3.99 -3.20 -8.37
N ILE A 42 -3.36 -3.29 -7.18
CA ILE A 42 -2.04 -2.71 -7.00
C ILE A 42 -1.03 -3.43 -7.89
N SER A 43 -1.08 -4.77 -7.91
CA SER A 43 -0.17 -5.57 -8.74
C SER A 43 1.30 -5.16 -8.49
N SER A 44 1.52 -4.53 -7.34
CA SER A 44 2.85 -4.08 -6.93
C SER A 44 3.37 -2.96 -7.84
N LYS A 45 2.48 -2.42 -8.69
CA LYS A 45 2.85 -1.37 -9.64
C LYS A 45 3.24 -0.07 -8.90
N LYS A 46 4.25 -0.15 -8.02
CA LYS A 46 4.73 1.01 -7.27
C LYS A 46 6.02 1.51 -7.89
N ALA A 47 6.32 2.81 -7.72
CA ALA A 47 7.52 3.43 -8.28
C ALA A 47 7.29 3.78 -9.75
N GLY A 48 6.87 5.04 -9.99
CA GLY A 48 6.60 5.55 -11.34
C GLY A 48 5.12 5.87 -11.51
N ASP A 49 4.27 4.86 -11.31
CA ASP A 49 2.82 5.04 -11.46
C ASP A 49 2.30 5.88 -10.29
N LYS A 50 1.36 6.79 -10.59
CA LYS A 50 0.75 7.67 -9.60
C LYS A 50 -0.70 7.27 -9.39
N VAL A 51 -1.20 7.44 -8.17
CA VAL A 51 -2.59 7.10 -7.83
C VAL A 51 -3.01 7.91 -6.61
N THR A 52 -4.33 8.01 -6.40
CA THR A 52 -4.89 8.74 -5.24
C THR A 52 -5.38 7.75 -4.19
N LEU A 53 -4.82 7.84 -2.98
CA LEU A 53 -5.20 6.98 -1.84
C LEU A 53 -5.91 7.84 -0.80
N LYS A 54 -6.84 7.20 -0.09
CA LYS A 54 -7.63 7.83 0.97
C LYS A 54 -7.42 7.08 2.28
N ILE A 55 -7.17 7.83 3.37
CA ILE A 55 -6.96 7.26 4.71
C ILE A 55 -8.06 7.80 5.63
N GLU A 56 -8.44 6.98 6.61
CA GLU A 56 -9.49 7.34 7.59
C GLU A 56 -8.86 7.46 8.98
N ARG A 57 -9.02 8.63 9.61
CA ARG A 57 -8.49 8.89 10.96
C ARG A 57 -9.56 9.58 11.80
N GLU A 58 -10.05 8.90 12.83
CA GLU A 58 -11.07 9.46 13.72
C GLU A 58 -12.18 10.18 12.93
N GLU A 59 -12.59 9.55 11.82
CA GLU A 59 -13.63 10.10 10.93
C GLU A 59 -13.14 11.36 10.22
N LYS A 60 -11.83 11.42 9.91
CA LYS A 60 -11.22 12.58 9.20
C LYS A 60 -10.46 12.09 7.98
N GLU A 61 -11.07 12.26 6.80
CA GLU A 61 -10.46 11.85 5.54
C GLU A 61 -9.54 12.96 5.03
N LYS A 62 -8.46 12.56 4.36
CA LYS A 62 -7.48 13.52 3.81
C LYS A 62 -7.10 13.09 2.39
N ARG A 63 -6.74 14.07 1.55
CA ARG A 63 -6.35 13.82 0.16
C ARG A 63 -5.02 14.53 -0.12
N VAL A 64 -4.02 13.76 -0.54
CA VAL A 64 -2.68 14.29 -0.86
C VAL A 64 -2.17 13.61 -2.13
N THR A 65 -1.60 14.40 -3.06
CA THR A 65 -1.07 13.84 -4.32
C THR A 65 0.39 13.46 -4.11
N LEU A 66 0.67 12.15 -4.23
CA LEU A 66 2.03 11.62 -4.05
C LEU A 66 2.30 10.53 -5.09
N THR A 67 3.58 10.18 -5.28
CA THR A 67 3.97 9.11 -6.21
C THR A 67 4.27 7.87 -5.39
N LEU A 68 3.85 6.69 -5.88
CA LEU A 68 4.06 5.44 -5.15
C LEU A 68 5.54 5.28 -4.76
N LYS A 69 5.84 4.24 -3.97
CA LYS A 69 7.22 3.99 -3.51
C LYS A 69 7.49 2.50 -3.39
N GLN A 70 8.76 2.12 -3.51
CA GLN A 70 9.21 0.72 -3.42
C GLN A 70 10.39 0.57 -2.46
N PHE A 71 10.39 -0.53 -1.71
CA PHE A 71 11.44 -0.81 -0.74
C PHE A 71 12.84 -0.69 -1.40
N PRO A 72 13.85 -0.13 -0.74
CA PRO A 72 15.21 0.02 -1.35
C PRO A 72 15.99 -1.31 -1.41
N ASP A 73 16.10 -1.99 -0.26
CA ASP A 73 16.85 -3.25 -0.19
C ASP A 73 16.19 -4.35 -1.01
N GLU A 74 15.01 -4.06 -1.56
CA GLU A 74 14.25 -5.03 -2.38
C GLU A 74 13.65 -4.31 -3.61
N PRO A 75 14.47 -3.98 -4.61
CA PRO A 75 13.98 -3.29 -5.85
C PRO A 75 13.33 -4.27 -6.83
N ASP A 76 13.40 -5.56 -6.49
CA ASP A 76 12.81 -6.62 -7.35
C ASP A 76 11.34 -6.85 -6.96
N ARG A 77 10.98 -6.41 -5.75
CA ARG A 77 9.60 -6.56 -5.24
C ARG A 77 9.18 -5.30 -4.49
N ALA A 78 7.87 -5.02 -4.49
CA ALA A 78 7.32 -3.83 -3.80
C ALA A 78 6.03 -4.21 -3.08
N GLY A 79 5.75 -3.52 -1.97
CA GLY A 79 4.54 -3.79 -1.18
C GLY A 79 4.61 -5.19 -0.56
N ILE A 80 4.34 -5.27 0.75
CA ILE A 80 4.40 -6.55 1.45
C ILE A 80 3.35 -7.51 0.87
N GLY A 81 2.12 -7.02 0.71
CA GLY A 81 1.03 -7.84 0.18
C GLY A 81 0.77 -9.03 1.10
N VAL A 82 -0.46 -9.55 1.06
CA VAL A 82 -0.82 -10.70 1.89
C VAL A 82 0.01 -11.92 1.48
N SER A 83 -0.32 -12.47 0.30
CA SER A 83 0.39 -13.64 -0.22
C SER A 83 0.10 -13.81 -1.70
N LEU A 84 0.93 -14.61 -2.37
CA LEU A 84 0.75 -14.87 -3.80
C LEU A 84 -0.58 -15.59 -4.05
N GLU A 85 -0.96 -15.71 -5.32
CA GLU A 85 -2.22 -16.38 -5.69
C GLU A 85 -2.26 -16.63 -7.19
N HIS A 86 -2.35 -15.55 -7.98
CA HIS A 86 -2.39 -15.68 -9.43
C HIS A 86 -1.09 -16.28 -9.95
N HIS A 87 -1.18 -17.40 -10.66
CA HIS A 87 -0.01 -18.07 -11.22
C HIS A 87 -0.45 -19.17 -12.19
N HIS A 88 -0.85 -18.76 -13.40
CA HIS A 88 -1.29 -19.71 -14.42
C HIS A 88 -1.27 -19.04 -15.79
N HIS A 89 -1.17 -19.86 -16.84
CA HIS A 89 -1.14 -19.35 -18.22
C HIS A 89 -0.02 -18.31 -18.39
N HIS A 90 0.89 -18.26 -17.42
CA HIS A 90 2.00 -17.31 -17.47
C HIS A 90 2.86 -17.54 -18.72
N HIS A 91 3.15 -18.81 -18.99
CA HIS A 91 3.97 -19.17 -20.15
C HIS A 91 5.31 -18.43 -20.14
N ASN A 1 -2.44 -5.18 7.27
CA ASN A 1 -2.22 -4.73 5.87
C ASN A 1 -3.53 -4.89 5.08
N GLY A 2 -3.44 -4.76 3.77
CA GLY A 2 -4.62 -4.89 2.90
C GLY A 2 -5.64 -3.81 3.23
N ILE A 3 -6.91 -4.22 3.36
CA ILE A 3 -8.00 -3.28 3.68
C ILE A 3 -7.92 -2.86 5.15
N TYR A 4 -6.79 -3.11 5.80
CA TYR A 4 -6.63 -2.74 7.22
C TYR A 4 -5.14 -2.62 7.58
N ALA A 5 -4.67 -1.38 7.81
CA ALA A 5 -3.27 -1.14 8.17
C ALA A 5 -3.01 -1.56 9.62
N SER A 6 -2.39 -2.73 9.78
CA SER A 6 -2.05 -3.27 11.12
C SER A 6 -0.59 -2.99 11.46
N SER A 7 0.15 -2.49 10.46
CA SER A 7 1.56 -2.17 10.64
C SER A 7 2.07 -1.40 9.43
N VAL A 8 3.29 -0.85 9.55
CA VAL A 8 3.92 -0.09 8.46
C VAL A 8 5.42 -0.39 8.45
N VAL A 9 5.98 -0.58 7.26
CA VAL A 9 7.41 -0.88 7.12
C VAL A 9 8.21 0.39 7.41
N GLU A 10 9.30 0.24 8.18
CA GLU A 10 10.18 1.38 8.53
C GLU A 10 11.19 1.62 7.42
N ASN A 11 10.73 1.60 6.16
CA ASN A 11 11.63 1.82 5.01
C ASN A 11 10.88 2.37 3.80
N MET A 12 9.76 3.07 4.05
CA MET A 12 8.93 3.69 2.97
C MET A 12 8.56 5.12 3.43
N PRO A 13 8.20 6.06 2.56
CA PRO A 13 7.84 7.44 3.01
C PRO A 13 6.60 7.50 3.91
N ALA A 14 5.67 6.54 3.72
CA ALA A 14 4.38 6.48 4.47
C ALA A 14 3.79 7.88 4.73
N LYS A 15 4.23 8.88 3.93
CA LYS A 15 3.81 10.28 4.09
C LYS A 15 2.41 10.47 3.50
N GLY A 16 1.47 10.96 4.29
CA GLY A 16 0.10 11.19 3.83
C GLY A 16 -0.60 9.87 3.46
N LYS A 17 0.19 8.81 3.19
CA LYS A 17 -0.29 7.49 2.88
C LYS A 17 -0.89 6.91 4.14
N ILE A 18 -1.09 5.61 4.12
CA ILE A 18 -1.66 4.91 5.25
C ILE A 18 -0.79 5.01 6.50
N GLU A 19 -1.46 4.91 7.64
CA GLU A 19 -0.84 4.97 8.96
C GLU A 19 -1.19 3.71 9.74
N VAL A 20 -0.72 3.65 10.98
CA VAL A 20 -0.97 2.48 11.84
C VAL A 20 -2.42 2.46 12.31
N GLY A 21 -3.20 1.52 11.77
CA GLY A 21 -4.62 1.37 12.13
C GLY A 21 -5.52 2.07 11.13
N ASP A 22 -4.96 2.85 10.20
CA ASP A 22 -5.76 3.56 9.21
C ASP A 22 -6.43 2.58 8.27
N LYS A 23 -7.57 3.01 7.71
CA LYS A 23 -8.36 2.20 6.76
C LYS A 23 -8.43 2.91 5.42
N ILE A 24 -8.47 2.14 4.34
CA ILE A 24 -8.53 2.65 2.96
C ILE A 24 -9.99 2.51 2.47
N ILE A 25 -10.67 3.66 2.33
CA ILE A 25 -12.06 3.67 1.87
C ILE A 25 -12.15 3.22 0.42
N SER A 26 -11.22 3.71 -0.40
CA SER A 26 -11.18 3.35 -1.82
C SER A 26 -9.83 3.76 -2.42
N ALA A 27 -9.56 3.28 -3.64
CA ALA A 27 -8.31 3.58 -4.37
C ALA A 27 -8.65 4.11 -5.75
N ASP A 28 -8.23 5.35 -6.05
CA ASP A 28 -8.50 5.96 -7.35
C ASP A 28 -9.99 5.97 -7.66
N GLY A 29 -10.82 6.08 -6.62
CA GLY A 29 -12.28 6.11 -6.77
C GLY A 29 -12.85 4.70 -6.88
N LYS A 30 -11.97 3.69 -7.00
CA LYS A 30 -12.40 2.28 -7.11
C LYS A 30 -12.44 1.65 -5.72
N ASN A 31 -13.47 0.84 -5.45
CA ASN A 31 -13.66 0.13 -4.17
C ASN A 31 -13.65 -1.37 -4.40
N TYR A 32 -13.28 -2.13 -3.37
CA TYR A 32 -13.23 -3.59 -3.46
C TYR A 32 -13.54 -4.22 -2.09
N GLN A 33 -14.64 -4.97 -2.01
CA GLN A 33 -15.02 -5.61 -0.75
C GLN A 33 -13.97 -6.64 -0.33
N SER A 34 -13.52 -7.43 -1.31
CA SER A 34 -12.50 -8.47 -1.07
C SER A 34 -11.09 -7.85 -1.16
N ALA A 35 -10.24 -8.17 -0.19
CA ALA A 35 -8.87 -7.65 -0.13
C ALA A 35 -8.05 -8.11 -1.33
N GLU A 36 -8.25 -9.36 -1.74
CA GLU A 36 -7.49 -9.95 -2.85
C GLU A 36 -7.56 -9.09 -4.11
N LYS A 37 -8.76 -8.59 -4.37
CA LYS A 37 -8.98 -7.72 -5.53
C LYS A 37 -8.17 -6.41 -5.38
N LEU A 38 -8.16 -5.84 -4.16
CA LEU A 38 -7.43 -4.59 -3.92
C LEU A 38 -5.93 -4.82 -4.10
N ILE A 39 -5.39 -5.94 -3.59
CA ILE A 39 -3.97 -6.23 -3.73
C ILE A 39 -3.64 -6.37 -5.22
N ASP A 40 -4.46 -7.14 -5.94
CA ASP A 40 -4.25 -7.35 -7.37
C ASP A 40 -4.33 -6.04 -8.14
N TYR A 41 -5.21 -5.13 -7.70
CA TYR A 41 -5.37 -3.84 -8.38
C TYR A 41 -4.04 -3.08 -8.38
N ILE A 42 -3.32 -3.10 -7.25
CA ILE A 42 -2.01 -2.43 -7.17
C ILE A 42 -1.05 -3.10 -8.17
N SER A 43 -1.07 -4.44 -8.21
CA SER A 43 -0.20 -5.21 -9.11
C SER A 43 1.28 -4.86 -8.88
N SER A 44 1.57 -4.37 -7.68
CA SER A 44 2.94 -4.00 -7.32
C SER A 44 3.45 -2.84 -8.17
N LYS A 45 2.53 -2.20 -8.91
CA LYS A 45 2.88 -1.09 -9.80
C LYS A 45 3.36 0.12 -8.98
N LYS A 46 4.42 -0.08 -8.21
CA LYS A 46 5.01 0.96 -7.36
C LYS A 46 6.30 1.46 -8.01
N ALA A 47 6.69 2.71 -7.71
CA ALA A 47 7.92 3.32 -8.24
C ALA A 47 7.67 3.95 -9.61
N GLY A 48 7.42 5.27 -9.60
CA GLY A 48 7.17 6.05 -10.83
C GLY A 48 5.68 6.35 -10.99
N ASP A 49 4.86 5.31 -10.88
CA ASP A 49 3.40 5.47 -11.01
C ASP A 49 2.88 6.31 -9.84
N LYS A 50 1.79 7.03 -10.06
CA LYS A 50 1.17 7.89 -9.04
C LYS A 50 -0.33 7.61 -8.98
N VAL A 51 -0.95 7.83 -7.82
CA VAL A 51 -2.39 7.58 -7.65
C VAL A 51 -2.89 8.32 -6.40
N THR A 52 -4.20 8.53 -6.32
CA THR A 52 -4.83 9.20 -5.17
C THR A 52 -5.45 8.15 -4.25
N LEU A 53 -5.00 8.12 -2.98
CA LEU A 53 -5.50 7.16 -1.97
C LEU A 53 -6.28 7.90 -0.89
N LYS A 54 -7.52 7.46 -0.65
CA LYS A 54 -8.37 8.07 0.37
C LYS A 54 -8.13 7.37 1.70
N ILE A 55 -7.80 8.16 2.74
CA ILE A 55 -7.51 7.65 4.09
C ILE A 55 -8.51 8.24 5.08
N GLU A 56 -8.84 7.45 6.11
CA GLU A 56 -9.78 7.85 7.18
C GLU A 56 -9.04 7.90 8.52
N ARG A 57 -9.13 9.06 9.20
CA ARG A 57 -8.49 9.26 10.51
C ARG A 57 -9.48 9.95 11.44
N GLU A 58 -9.93 9.24 12.47
CA GLU A 58 -10.88 9.80 13.44
C GLU A 58 -12.05 10.53 12.74
N GLU A 59 -12.59 9.90 11.69
CA GLU A 59 -13.70 10.49 10.92
C GLU A 59 -13.28 11.79 10.21
N LYS A 60 -12.01 11.85 9.79
CA LYS A 60 -11.48 13.02 9.05
C LYS A 60 -10.66 12.55 7.85
N GLU A 61 -11.16 12.85 6.65
CA GLU A 61 -10.48 12.47 5.41
C GLU A 61 -9.45 13.53 5.05
N LYS A 62 -8.29 13.09 4.55
CA LYS A 62 -7.20 14.00 4.15
C LYS A 62 -6.61 13.56 2.80
N ARG A 63 -6.81 14.40 1.76
CA ARG A 63 -6.30 14.12 0.43
C ARG A 63 -4.88 14.67 0.27
N VAL A 64 -3.93 13.77 0.00
CA VAL A 64 -2.51 14.15 -0.19
C VAL A 64 -1.95 13.45 -1.43
N THR A 65 -1.22 14.19 -2.26
CA THR A 65 -0.62 13.63 -3.48
C THR A 65 0.80 13.15 -3.17
N LEU A 66 1.04 11.83 -3.32
CA LEU A 66 2.36 11.22 -3.05
C LEU A 66 2.71 10.28 -4.21
N THR A 67 4.01 9.97 -4.34
CA THR A 67 4.51 9.06 -5.38
C THR A 67 4.86 7.72 -4.72
N LEU A 68 4.45 6.61 -5.36
CA LEU A 68 4.69 5.27 -4.79
C LEU A 68 6.19 5.05 -4.56
N LYS A 69 6.52 3.99 -3.82
CA LYS A 69 7.93 3.65 -3.54
C LYS A 69 8.09 2.13 -3.43
N GLN A 70 9.35 1.70 -3.48
CA GLN A 70 9.73 0.28 -3.42
C GLN A 70 10.85 0.04 -2.40
N PHE A 71 10.74 -1.04 -1.64
CA PHE A 71 11.76 -1.40 -0.64
C PHE A 71 13.17 -1.42 -1.32
N PRO A 72 14.09 -0.53 -1.00
CA PRO A 72 15.44 -0.52 -1.66
C PRO A 72 16.09 -1.92 -1.77
N ASP A 73 16.17 -2.63 -0.66
CA ASP A 73 16.81 -3.95 -0.64
C ASP A 73 16.15 -4.94 -1.61
N GLU A 74 15.06 -4.51 -2.26
CA GLU A 74 14.35 -5.37 -3.25
C GLU A 74 13.88 -4.51 -4.43
N PRO A 75 14.75 -4.15 -5.36
CA PRO A 75 14.35 -3.30 -6.52
C PRO A 75 13.61 -4.12 -7.58
N ASP A 76 13.65 -5.45 -7.45
CA ASP A 76 12.98 -6.35 -8.40
C ASP A 76 11.55 -6.65 -7.93
N ARG A 77 11.27 -6.39 -6.65
CA ARG A 77 9.94 -6.64 -6.06
C ARG A 77 9.52 -5.44 -5.21
N ALA A 78 8.22 -5.15 -5.19
CA ALA A 78 7.67 -4.03 -4.41
C ALA A 78 6.35 -4.42 -3.77
N GLY A 79 6.01 -3.74 -2.67
CA GLY A 79 4.77 -4.03 -1.95
C GLY A 79 4.80 -5.45 -1.39
N ILE A 80 3.68 -5.89 -0.82
CA ILE A 80 3.58 -7.24 -0.24
C ILE A 80 2.13 -7.69 -0.22
N GLY A 81 1.91 -9.00 -0.34
CA GLY A 81 0.56 -9.56 -0.34
C GLY A 81 0.59 -11.09 -0.30
N VAL A 82 0.00 -11.72 -1.32
CA VAL A 82 -0.04 -13.19 -1.37
C VAL A 82 1.37 -13.74 -1.57
N SER A 83 1.75 -14.73 -0.76
CA SER A 83 3.07 -15.34 -0.86
C SER A 83 3.18 -16.13 -2.17
N LEU A 84 4.40 -16.25 -2.69
CA LEU A 84 4.63 -16.99 -3.94
C LEU A 84 4.34 -18.48 -3.72
N GLU A 85 3.70 -19.11 -4.71
CA GLU A 85 3.36 -20.52 -4.62
C GLU A 85 4.59 -21.39 -4.88
N HIS A 86 5.78 -20.78 -4.76
CA HIS A 86 7.03 -21.50 -4.99
C HIS A 86 7.14 -22.70 -4.05
N HIS A 87 6.83 -23.89 -4.56
CA HIS A 87 6.89 -25.12 -3.77
C HIS A 87 8.35 -25.44 -3.39
N HIS A 88 8.57 -25.82 -2.14
CA HIS A 88 9.91 -26.16 -1.66
C HIS A 88 10.40 -27.45 -2.31
N HIS A 89 11.69 -27.49 -2.66
CA HIS A 89 12.26 -28.68 -3.29
C HIS A 89 12.14 -29.89 -2.37
N HIS A 90 12.37 -29.69 -1.08
CA HIS A 90 12.27 -30.77 -0.11
C HIS A 90 10.84 -31.28 -0.02
N HIS A 91 10.68 -32.56 0.34
CA HIS A 91 9.37 -33.17 0.46
C HIS A 91 8.53 -32.45 1.51
N ASN A 1 -4.48 -6.46 7.70
CA ASN A 1 -3.76 -6.19 6.44
C ASN A 1 -4.77 -5.82 5.35
N GLY A 2 -4.28 -5.20 4.27
CA GLY A 2 -5.15 -4.79 3.17
C GLY A 2 -6.19 -3.79 3.65
N ILE A 3 -7.40 -4.27 3.93
CA ILE A 3 -8.48 -3.40 4.42
C ILE A 3 -8.23 -3.01 5.87
N TYR A 4 -7.02 -3.27 6.36
CA TYR A 4 -6.69 -2.92 7.75
C TYR A 4 -5.17 -2.77 7.91
N ALA A 5 -4.71 -1.53 8.07
CA ALA A 5 -3.29 -1.25 8.25
C ALA A 5 -2.85 -1.67 9.65
N SER A 6 -1.75 -2.42 9.73
CA SER A 6 -1.19 -2.90 11.01
C SER A 6 0.27 -2.52 11.10
N SER A 7 0.90 -2.30 9.95
CA SER A 7 2.31 -1.92 9.89
C SER A 7 2.65 -1.45 8.48
N VAL A 8 3.83 -0.85 8.34
CA VAL A 8 4.31 -0.34 7.04
C VAL A 8 5.79 -0.71 6.86
N VAL A 9 6.11 -1.30 5.70
CA VAL A 9 7.48 -1.70 5.39
C VAL A 9 8.44 -0.52 5.52
N GLU A 10 9.70 -0.83 5.85
CA GLU A 10 10.76 0.19 6.01
C GLU A 10 10.67 1.30 4.96
N ASN A 11 11.47 2.35 5.13
CA ASN A 11 11.45 3.49 4.23
C ASN A 11 10.04 4.10 4.25
N MET A 12 9.27 3.85 3.20
CA MET A 12 7.90 4.40 3.07
C MET A 12 7.82 5.89 3.52
N PRO A 13 7.90 6.88 2.63
CA PRO A 13 7.86 8.32 3.05
C PRO A 13 6.65 8.64 3.92
N ALA A 14 5.71 7.70 3.95
CA ALA A 14 4.46 7.82 4.74
C ALA A 14 3.91 9.27 4.69
N LYS A 15 4.35 10.04 3.68
CA LYS A 15 3.94 11.43 3.52
C LYS A 15 2.56 11.51 2.92
N GLY A 16 1.71 12.33 3.51
CA GLY A 16 0.35 12.48 3.01
C GLY A 16 -0.43 11.16 3.01
N LYS A 17 0.26 10.03 3.29
CA LYS A 17 -0.33 8.70 3.31
C LYS A 17 0.08 8.02 4.62
N ILE A 18 -0.86 7.82 5.54
CA ILE A 18 -0.57 7.19 6.84
C ILE A 18 -1.33 5.87 6.90
N GLU A 19 -0.65 4.82 7.36
CA GLU A 19 -1.27 3.49 7.47
C GLU A 19 -0.75 2.81 8.75
N VAL A 20 -1.59 2.76 9.78
CA VAL A 20 -1.26 2.13 11.07
C VAL A 20 -2.54 2.04 11.90
N GLY A 21 -3.25 0.93 11.76
CA GLY A 21 -4.49 0.71 12.51
C GLY A 21 -5.65 1.40 11.83
N ASP A 22 -5.33 2.34 10.94
CA ASP A 22 -6.35 3.11 10.21
C ASP A 22 -7.00 2.20 9.17
N LYS A 23 -8.08 2.71 8.55
CA LYS A 23 -8.83 1.96 7.52
C LYS A 23 -8.85 2.77 6.23
N ILE A 24 -8.87 2.06 5.10
CA ILE A 24 -8.89 2.68 3.76
C ILE A 24 -10.35 2.71 3.25
N ILE A 25 -10.92 3.92 3.16
CA ILE A 25 -12.30 4.08 2.70
C ILE A 25 -12.42 3.65 1.25
N SER A 26 -11.43 4.03 0.45
CA SER A 26 -11.43 3.68 -0.99
C SER A 26 -10.00 3.72 -1.53
N ALA A 27 -9.79 2.98 -2.63
CA ALA A 27 -8.47 2.89 -3.29
C ALA A 27 -8.65 3.13 -4.78
N ASP A 28 -8.45 4.38 -5.22
CA ASP A 28 -8.59 4.74 -6.63
C ASP A 28 -9.93 4.26 -7.21
N GLY A 29 -10.83 3.83 -6.32
CA GLY A 29 -12.14 3.32 -6.73
C GLY A 29 -13.07 3.25 -5.52
N LYS A 30 -13.53 2.04 -5.19
CA LYS A 30 -14.48 1.82 -4.08
C LYS A 30 -13.80 1.19 -2.87
N ASN A 31 -14.58 1.01 -1.80
CA ASN A 31 -14.08 0.41 -0.56
C ASN A 31 -13.77 -1.06 -0.76
N TYR A 32 -14.32 -1.61 -1.83
CA TYR A 32 -14.16 -3.04 -2.17
C TYR A 32 -14.50 -3.92 -0.95
N GLN A 33 -15.69 -4.53 -0.98
CA GLN A 33 -16.11 -5.40 0.12
C GLN A 33 -15.12 -6.54 0.33
N SER A 34 -14.66 -7.14 -0.77
CA SER A 34 -13.68 -8.24 -0.71
C SER A 34 -12.26 -7.68 -0.84
N ALA A 35 -11.48 -7.78 0.24
CA ALA A 35 -10.11 -7.28 0.25
C ALA A 35 -9.30 -7.87 -0.90
N GLU A 36 -9.67 -9.07 -1.32
CA GLU A 36 -8.97 -9.76 -2.41
C GLU A 36 -8.91 -8.88 -3.65
N LYS A 37 -10.01 -8.19 -3.92
CA LYS A 37 -10.08 -7.30 -5.08
C LYS A 37 -9.06 -6.17 -4.93
N LEU A 38 -9.00 -5.58 -3.74
CA LEU A 38 -8.08 -4.47 -3.50
C LEU A 38 -6.63 -4.92 -3.76
N ILE A 39 -6.27 -6.05 -3.15
CA ILE A 39 -4.91 -6.60 -3.32
C ILE A 39 -4.64 -6.85 -4.80
N ASP A 40 -5.58 -7.50 -5.48
CA ASP A 40 -5.41 -7.79 -6.91
C ASP A 40 -5.28 -6.49 -7.71
N TYR A 41 -6.07 -5.46 -7.37
CA TYR A 41 -6.03 -4.19 -8.09
C TYR A 41 -4.64 -3.54 -8.00
N ILE A 42 -4.12 -3.34 -6.78
CA ILE A 42 -2.82 -2.72 -6.62
C ILE A 42 -1.74 -3.59 -7.23
N SER A 43 -1.86 -4.90 -7.05
CA SER A 43 -0.89 -5.84 -7.61
C SER A 43 0.53 -5.45 -7.20
N SER A 44 0.63 -4.84 -6.03
CA SER A 44 1.90 -4.40 -5.49
C SER A 44 2.64 -3.48 -6.45
N LYS A 45 1.93 -3.01 -7.49
CA LYS A 45 2.51 -2.13 -8.51
C LYS A 45 3.11 -0.87 -7.89
N LYS A 46 4.20 -1.03 -7.12
CA LYS A 46 4.88 0.08 -6.46
C LYS A 46 6.07 0.53 -7.29
N ALA A 47 6.51 1.78 -7.09
CA ALA A 47 7.64 2.34 -7.82
C ALA A 47 7.31 2.62 -9.28
N GLY A 48 6.86 3.87 -9.56
CA GLY A 48 6.53 4.32 -10.92
C GLY A 48 5.07 4.77 -11.01
N ASP A 49 4.14 3.85 -10.76
CA ASP A 49 2.71 4.16 -10.84
C ASP A 49 2.26 4.94 -9.59
N LYS A 50 1.40 5.94 -9.79
CA LYS A 50 0.85 6.75 -8.69
C LYS A 50 -0.54 6.25 -8.35
N VAL A 51 -0.93 6.37 -7.08
CA VAL A 51 -2.27 5.94 -6.62
C VAL A 51 -2.73 6.85 -5.49
N THR A 52 -4.04 7.14 -5.46
CA THR A 52 -4.62 7.99 -4.42
C THR A 52 -5.25 7.08 -3.36
N LEU A 53 -4.70 7.12 -2.14
CA LEU A 53 -5.19 6.30 -1.02
C LEU A 53 -5.81 7.21 0.04
N LYS A 54 -7.14 7.16 0.17
CA LYS A 54 -7.83 7.99 1.15
C LYS A 54 -7.87 7.23 2.47
N ILE A 55 -7.76 7.97 3.57
CA ILE A 55 -7.76 7.40 4.94
C ILE A 55 -8.90 8.05 5.72
N GLU A 56 -9.43 7.31 6.69
CA GLU A 56 -10.53 7.80 7.55
C GLU A 56 -9.99 8.01 8.97
N ARG A 57 -10.12 9.24 9.49
CA ARG A 57 -9.65 9.58 10.85
C ARG A 57 -10.70 10.45 11.56
N GLU A 58 -11.22 9.96 12.67
CA GLU A 58 -12.22 10.70 13.47
C GLU A 58 -13.27 11.39 12.57
N GLU A 59 -13.75 10.66 11.55
CA GLU A 59 -14.76 11.18 10.60
C GLU A 59 -14.17 12.26 9.69
N LYS A 60 -12.87 12.13 9.36
CA LYS A 60 -12.17 13.08 8.46
C LYS A 60 -11.41 12.31 7.39
N GLU A 61 -11.27 12.94 6.22
CA GLU A 61 -10.55 12.32 5.08
C GLU A 61 -9.57 13.33 4.50
N LYS A 62 -8.44 12.82 3.98
CA LYS A 62 -7.39 13.66 3.38
C LYS A 62 -6.87 12.99 2.10
N ARG A 63 -6.49 13.83 1.12
CA ARG A 63 -5.97 13.36 -0.17
C ARG A 63 -4.67 14.12 -0.51
N VAL A 64 -3.65 13.37 -0.96
CA VAL A 64 -2.34 13.96 -1.32
C VAL A 64 -1.74 13.19 -2.50
N THR A 65 -1.07 13.91 -3.39
CA THR A 65 -0.42 13.28 -4.56
C THR A 65 1.00 12.85 -4.18
N LEU A 66 1.23 11.53 -4.19
CA LEU A 66 2.55 10.95 -3.87
C LEU A 66 2.88 9.85 -4.88
N THR A 67 4.16 9.46 -4.91
CA THR A 67 4.64 8.41 -5.80
C THR A 67 5.01 7.19 -4.96
N LEU A 68 4.62 6.00 -5.42
CA LEU A 68 4.94 4.79 -4.68
C LEU A 68 6.46 4.64 -4.58
N LYS A 69 6.92 3.92 -3.55
CA LYS A 69 8.36 3.72 -3.30
C LYS A 69 8.82 2.35 -3.78
N GLN A 70 10.12 2.07 -3.62
CA GLN A 70 10.72 0.80 -4.04
C GLN A 70 11.45 0.14 -2.86
N PHE A 71 11.46 -1.20 -2.84
CA PHE A 71 12.12 -1.96 -1.78
C PHE A 71 13.62 -1.51 -1.65
N PRO A 72 14.03 -0.83 -0.58
CA PRO A 72 15.46 -0.37 -0.44
C PRO A 72 16.48 -1.50 -0.62
N ASP A 73 16.15 -2.68 -0.08
CA ASP A 73 17.05 -3.83 -0.14
C ASP A 73 16.84 -4.64 -1.42
N GLU A 74 16.24 -4.02 -2.42
CA GLU A 74 15.99 -4.69 -3.70
C GLU A 74 15.55 -3.67 -4.76
N PRO A 75 16.40 -2.74 -5.14
CA PRO A 75 16.04 -1.69 -6.15
C PRO A 75 15.95 -2.27 -7.58
N ASP A 76 16.38 -3.53 -7.73
CA ASP A 76 16.34 -4.20 -9.04
C ASP A 76 14.92 -4.72 -9.32
N ARG A 77 14.05 -4.66 -8.30
CA ARG A 77 12.66 -5.13 -8.42
C ARG A 77 11.75 -4.22 -7.61
N ALA A 78 10.43 -4.29 -7.88
CA ALA A 78 9.43 -3.50 -7.17
C ALA A 78 8.20 -4.37 -6.91
N GLY A 79 7.55 -4.13 -5.78
CA GLY A 79 6.36 -4.90 -5.41
C GLY A 79 6.71 -6.37 -5.17
N ILE A 80 5.84 -7.08 -4.44
CA ILE A 80 6.06 -8.49 -4.12
C ILE A 80 7.40 -8.68 -3.41
N GLY A 81 7.42 -8.48 -2.10
CA GLY A 81 8.65 -8.64 -1.32
C GLY A 81 9.09 -10.10 -1.33
N VAL A 82 10.38 -10.34 -1.62
CA VAL A 82 10.93 -11.70 -1.64
C VAL A 82 11.20 -12.18 -0.21
N SER A 83 10.76 -13.40 0.09
CA SER A 83 10.95 -13.99 1.42
C SER A 83 12.43 -14.34 1.65
N LEU A 84 13.31 -13.80 0.80
CA LEU A 84 14.74 -14.06 0.89
C LEU A 84 15.03 -15.55 0.76
N GLU A 85 14.24 -16.24 -0.08
CA GLU A 85 14.42 -17.68 -0.30
C GLU A 85 13.60 -18.13 -1.51
N HIS A 86 14.23 -18.14 -2.68
CA HIS A 86 13.56 -18.56 -3.92
C HIS A 86 14.59 -18.76 -5.02
N HIS A 87 15.32 -17.71 -5.35
CA HIS A 87 16.34 -17.76 -6.39
C HIS A 87 17.44 -18.77 -6.01
N HIS A 88 18.13 -19.29 -7.03
CA HIS A 88 19.20 -20.26 -6.79
C HIS A 88 20.01 -20.47 -8.08
N HIS A 89 19.45 -20.02 -9.20
CA HIS A 89 20.14 -20.17 -10.50
C HIS A 89 21.46 -19.41 -10.48
N HIS A 90 21.43 -18.16 -10.01
CA HIS A 90 22.64 -17.34 -9.95
C HIS A 90 22.38 -16.10 -9.11
N HIS A 91 23.47 -15.48 -8.64
CA HIS A 91 23.38 -14.26 -7.82
C HIS A 91 22.51 -14.50 -6.59
N ASN A 1 -2.42 -8.22 5.04
CA ASN A 1 -2.50 -6.74 4.93
C ASN A 1 -3.89 -6.35 4.41
N GLY A 2 -4.04 -6.36 3.08
CA GLY A 2 -5.32 -6.01 2.46
C GLY A 2 -5.68 -4.56 2.77
N ILE A 3 -6.97 -4.31 3.01
CA ILE A 3 -7.47 -2.97 3.32
C ILE A 3 -7.05 -2.56 4.73
N TYR A 4 -6.31 -3.45 5.40
CA TYR A 4 -5.84 -3.21 6.78
C TYR A 4 -4.31 -3.15 6.78
N ALA A 5 -3.74 -2.18 7.52
CA ALA A 5 -2.28 -2.03 7.61
C ALA A 5 -1.73 -2.75 8.86
N SER A 6 -1.03 -3.86 8.65
CA SER A 6 -0.46 -4.65 9.76
C SER A 6 0.94 -4.13 10.15
N SER A 7 1.67 -3.59 9.17
CA SER A 7 3.02 -3.06 9.41
C SER A 7 3.49 -2.20 8.24
N VAL A 8 4.57 -1.42 8.46
CA VAL A 8 5.14 -0.56 7.42
C VAL A 8 6.63 -0.34 7.72
N VAL A 9 7.39 -0.01 6.67
CA VAL A 9 8.85 0.25 6.78
C VAL A 9 9.12 1.72 6.46
N GLU A 10 10.08 2.31 7.18
CA GLU A 10 10.45 3.71 6.94
C GLU A 10 11.00 3.86 5.53
N ASN A 11 11.86 4.86 5.32
CA ASN A 11 12.46 5.10 4.02
C ASN A 11 11.41 5.27 2.92
N MET A 12 10.24 5.83 3.28
CA MET A 12 9.13 6.07 2.33
C MET A 12 8.80 7.59 2.37
N PRO A 13 8.09 8.15 1.40
CA PRO A 13 7.77 9.62 1.41
C PRO A 13 6.91 10.06 2.60
N ALA A 14 6.15 9.10 3.16
CA ALA A 14 5.25 9.37 4.31
C ALA A 14 4.53 10.72 4.17
N LYS A 15 4.42 11.21 2.92
CA LYS A 15 3.77 12.50 2.66
C LYS A 15 2.31 12.42 3.05
N GLY A 16 1.87 13.36 3.91
CA GLY A 16 0.47 13.45 4.40
C GLY A 16 -0.28 12.12 4.29
N LYS A 17 0.40 11.02 4.64
CA LYS A 17 -0.19 9.67 4.61
C LYS A 17 0.33 8.89 5.80
N ILE A 18 -0.55 8.24 6.54
CA ILE A 18 -0.15 7.45 7.71
C ILE A 18 -0.89 6.13 7.70
N GLU A 19 -0.28 5.12 8.32
CA GLU A 19 -0.82 3.77 8.35
C GLU A 19 -0.64 3.18 9.75
N VAL A 20 -0.86 1.87 9.87
CA VAL A 20 -0.76 1.13 11.14
C VAL A 20 -2.00 1.41 11.99
N GLY A 21 -2.97 0.50 11.90
CA GLY A 21 -4.23 0.60 12.64
C GLY A 21 -5.28 1.33 11.82
N ASP A 22 -4.84 2.26 10.94
CA ASP A 22 -5.75 3.02 10.11
C ASP A 22 -6.29 2.14 9.00
N LYS A 23 -7.19 2.69 8.19
CA LYS A 23 -7.80 1.96 7.07
C LYS A 23 -7.87 2.86 5.86
N ILE A 24 -7.90 2.26 4.66
CA ILE A 24 -7.97 3.02 3.39
C ILE A 24 -9.42 2.93 2.85
N ILE A 25 -10.03 4.08 2.57
CA ILE A 25 -11.41 4.13 2.06
C ILE A 25 -11.45 3.65 0.61
N SER A 26 -10.72 4.34 -0.27
CA SER A 26 -10.69 4.00 -1.70
C SER A 26 -9.38 4.47 -2.32
N ALA A 27 -8.93 3.75 -3.36
CA ALA A 27 -7.67 4.09 -4.04
C ALA A 27 -7.85 5.15 -5.14
N ASP A 28 -8.01 4.71 -6.37
CA ASP A 28 -8.22 5.59 -7.53
C ASP A 28 -9.72 5.85 -7.78
N GLY A 29 -10.46 6.17 -6.73
CA GLY A 29 -11.91 6.46 -6.88
C GLY A 29 -12.71 5.17 -7.07
N LYS A 30 -12.22 4.09 -6.45
CA LYS A 30 -12.88 2.76 -6.53
C LYS A 30 -13.04 2.14 -5.14
N ASN A 31 -14.29 2.00 -4.70
CA ASN A 31 -14.61 1.41 -3.39
C ASN A 31 -14.78 -0.10 -3.55
N TYR A 32 -13.68 -0.83 -3.46
CA TYR A 32 -13.71 -2.29 -3.59
C TYR A 32 -14.44 -2.92 -2.41
N GLN A 33 -15.40 -3.79 -2.71
CA GLN A 33 -16.19 -4.47 -1.66
C GLN A 33 -15.41 -5.64 -1.07
N SER A 34 -14.36 -6.07 -1.78
CA SER A 34 -13.51 -7.20 -1.33
C SER A 34 -12.03 -6.83 -1.43
N ALA A 35 -11.34 -6.89 -0.30
CA ALA A 35 -9.91 -6.54 -0.24
C ALA A 35 -9.11 -7.26 -1.32
N GLU A 36 -9.53 -8.49 -1.64
CA GLU A 36 -8.84 -9.27 -2.65
C GLU A 36 -8.79 -8.51 -3.98
N LYS A 37 -9.91 -7.87 -4.32
CA LYS A 37 -9.99 -7.09 -5.56
C LYS A 37 -8.96 -5.95 -5.54
N LEU A 38 -8.86 -5.24 -4.41
CA LEU A 38 -7.92 -4.12 -4.31
C LEU A 38 -6.50 -4.59 -4.63
N ILE A 39 -6.11 -5.75 -4.09
CA ILE A 39 -4.77 -6.29 -4.34
C ILE A 39 -4.62 -6.58 -5.84
N ASP A 40 -5.63 -7.22 -6.42
CA ASP A 40 -5.60 -7.56 -7.84
C ASP A 40 -5.45 -6.30 -8.72
N TYR A 41 -6.25 -5.27 -8.45
CA TYR A 41 -6.21 -4.03 -9.26
C TYR A 41 -4.83 -3.36 -9.20
N ILE A 42 -4.32 -3.10 -7.99
CA ILE A 42 -3.03 -2.45 -7.85
C ILE A 42 -1.93 -3.36 -8.35
N SER A 43 -2.03 -4.66 -8.04
CA SER A 43 -1.03 -5.66 -8.47
C SER A 43 0.39 -5.11 -8.26
N SER A 44 0.52 -4.39 -7.15
CA SER A 44 1.77 -3.76 -6.75
C SER A 44 1.99 -2.44 -7.48
N LYS A 45 1.95 -2.45 -8.83
CA LYS A 45 2.16 -1.26 -9.71
C LYS A 45 2.82 -0.08 -8.96
N LYS A 46 3.92 -0.36 -8.26
CA LYS A 46 4.65 0.66 -7.48
C LYS A 46 5.81 1.24 -8.30
N ALA A 47 6.44 2.31 -7.79
CA ALA A 47 7.55 2.97 -8.46
C ALA A 47 7.17 3.47 -9.86
N GLY A 48 7.25 4.79 -10.06
CA GLY A 48 6.93 5.42 -11.34
C GLY A 48 5.45 5.75 -11.45
N ASP A 49 4.61 4.72 -11.42
CA ASP A 49 3.16 4.92 -11.50
C ASP A 49 2.66 5.66 -10.27
N LYS A 50 1.61 6.48 -10.45
CA LYS A 50 1.02 7.26 -9.35
C LYS A 50 -0.25 6.58 -8.85
N VAL A 51 -0.80 7.12 -7.76
CA VAL A 51 -2.04 6.58 -7.19
C VAL A 51 -2.63 7.59 -6.21
N THR A 52 -3.92 7.42 -5.89
CA THR A 52 -4.61 8.28 -4.93
C THR A 52 -5.02 7.41 -3.74
N LEU A 53 -4.40 7.61 -2.57
CA LEU A 53 -4.72 6.81 -1.36
C LEU A 53 -5.19 7.77 -0.26
N LYS A 54 -6.39 7.51 0.27
CA LYS A 54 -7.00 8.31 1.34
C LYS A 54 -6.90 7.51 2.64
N ILE A 55 -6.80 8.21 3.78
CA ILE A 55 -6.70 7.57 5.09
C ILE A 55 -7.86 8.05 5.96
N GLU A 56 -8.29 7.18 6.89
CA GLU A 56 -9.39 7.47 7.81
C GLU A 56 -8.86 7.68 9.23
N ARG A 57 -9.23 8.80 9.87
CA ARG A 57 -8.79 9.10 11.24
C ARG A 57 -9.96 9.69 12.05
N GLU A 58 -10.58 8.84 12.87
CA GLU A 58 -11.70 9.27 13.72
C GLU A 58 -12.79 9.99 12.89
N GLU A 59 -13.33 9.28 11.90
CA GLU A 59 -14.41 9.83 11.06
C GLU A 59 -13.92 11.02 10.20
N LYS A 60 -12.65 10.98 9.76
CA LYS A 60 -12.07 12.06 8.90
C LYS A 60 -11.50 11.42 7.63
N GLU A 61 -11.30 12.23 6.59
CA GLU A 61 -10.75 11.75 5.31
C GLU A 61 -9.73 12.78 4.79
N LYS A 62 -8.67 12.30 4.12
CA LYS A 62 -7.61 13.17 3.56
C LYS A 62 -7.25 12.69 2.16
N ARG A 63 -6.90 13.64 1.27
CA ARG A 63 -6.52 13.33 -0.12
C ARG A 63 -5.17 13.98 -0.45
N VAL A 64 -4.21 13.17 -0.91
CA VAL A 64 -2.87 13.64 -1.27
C VAL A 64 -2.39 12.89 -2.52
N THR A 65 -1.52 13.55 -3.31
CA THR A 65 -0.94 12.95 -4.53
C THR A 65 0.58 12.84 -4.36
N LEU A 66 1.08 11.60 -4.39
CA LEU A 66 2.52 11.31 -4.29
C LEU A 66 2.93 10.22 -5.27
N THR A 67 4.21 10.14 -5.57
CA THR A 67 4.72 9.09 -6.45
C THR A 67 4.95 7.82 -5.64
N LEU A 68 4.54 6.68 -6.19
CA LEU A 68 4.70 5.40 -5.50
C LEU A 68 6.18 5.14 -5.20
N LYS A 69 6.44 4.33 -4.16
CA LYS A 69 7.82 3.99 -3.73
C LYS A 69 7.97 2.47 -3.65
N GLN A 70 9.24 1.99 -3.69
CA GLN A 70 9.55 0.55 -3.63
C GLN A 70 10.70 0.30 -2.64
N PHE A 71 10.66 -0.86 -1.97
CA PHE A 71 11.69 -1.24 -0.99
C PHE A 71 13.12 -0.91 -1.53
N PRO A 72 14.07 -0.47 -0.70
CA PRO A 72 15.45 -0.12 -1.18
C PRO A 72 16.34 -1.35 -1.51
N ASP A 73 16.59 -2.22 -0.52
CA ASP A 73 17.47 -3.39 -0.71
C ASP A 73 16.77 -4.53 -1.45
N GLU A 74 15.62 -4.21 -2.04
CA GLU A 74 14.82 -5.20 -2.80
C GLU A 74 14.15 -4.50 -4.00
N PRO A 75 14.91 -4.01 -4.96
CA PRO A 75 14.33 -3.32 -6.16
C PRO A 75 13.62 -4.31 -7.09
N ASP A 76 13.81 -5.61 -6.82
CA ASP A 76 13.19 -6.66 -7.63
C ASP A 76 11.80 -7.00 -7.09
N ARG A 77 11.41 -6.30 -6.00
CA ARG A 77 10.09 -6.52 -5.38
C ARG A 77 9.60 -5.20 -4.75
N ALA A 78 8.27 -5.05 -4.66
CA ALA A 78 7.66 -3.86 -4.07
C ALA A 78 6.43 -4.23 -3.24
N GLY A 79 6.21 -3.50 -2.14
CA GLY A 79 5.07 -3.76 -1.26
C GLY A 79 5.22 -3.03 0.07
N ILE A 80 5.43 -1.72 0.01
CA ILE A 80 5.60 -0.90 1.21
C ILE A 80 4.31 -0.95 2.05
N GLY A 81 4.12 -2.05 2.80
CA GLY A 81 2.93 -2.22 3.66
C GLY A 81 2.32 -3.61 3.49
N VAL A 82 3.10 -4.54 2.93
CA VAL A 82 2.62 -5.91 2.71
C VAL A 82 3.81 -6.87 2.58
N SER A 83 3.63 -8.09 3.07
CA SER A 83 4.68 -9.12 3.02
C SER A 83 4.07 -10.50 3.26
N LEU A 84 4.51 -11.49 2.47
CA LEU A 84 3.99 -12.85 2.60
C LEU A 84 4.48 -13.47 3.91
N GLU A 85 3.61 -14.20 4.60
CA GLU A 85 3.97 -14.84 5.86
C GLU A 85 5.07 -15.87 5.64
N HIS A 86 5.51 -16.49 6.72
CA HIS A 86 6.57 -17.51 6.64
C HIS A 86 6.08 -18.71 5.82
N HIS A 87 6.68 -18.91 4.65
CA HIS A 87 6.28 -20.03 3.78
C HIS A 87 6.59 -21.36 4.46
N HIS A 88 7.77 -21.46 5.07
CA HIS A 88 8.18 -22.68 5.76
C HIS A 88 8.03 -23.90 4.85
N HIS A 89 9.06 -24.19 4.06
CA HIS A 89 9.05 -25.33 3.14
C HIS A 89 10.44 -25.58 2.57
N HIS A 90 11.24 -26.35 3.30
CA HIS A 90 12.60 -26.67 2.87
C HIS A 90 13.16 -27.83 3.70
N HIS A 91 13.84 -28.77 3.04
CA HIS A 91 14.41 -29.92 3.73
C HIS A 91 15.46 -29.47 4.75
N ASN A 1 -5.38 -6.70 10.15
CA ASN A 1 -4.83 -7.09 8.82
C ASN A 1 -5.98 -7.26 7.84
N GLY A 2 -7.20 -7.01 8.32
CA GLY A 2 -8.38 -7.14 7.47
C GLY A 2 -8.34 -6.12 6.34
N ILE A 3 -9.46 -5.43 6.12
CA ILE A 3 -9.52 -4.44 5.04
C ILE A 3 -8.57 -3.28 5.36
N TYR A 4 -8.58 -2.85 6.62
CA TYR A 4 -7.72 -1.75 7.08
C TYR A 4 -6.28 -2.23 7.26
N ALA A 5 -5.33 -1.32 7.04
CA ALA A 5 -3.91 -1.64 7.19
C ALA A 5 -3.56 -1.80 8.67
N SER A 6 -2.92 -2.91 8.99
CA SER A 6 -2.48 -3.19 10.36
C SER A 6 -1.18 -2.47 10.62
N SER A 7 -0.11 -2.97 10.00
CA SER A 7 1.22 -2.40 10.18
C SER A 7 2.16 -2.86 9.06
N VAL A 8 2.96 -1.91 8.55
CA VAL A 8 3.93 -2.18 7.46
C VAL A 8 5.26 -1.48 7.75
N VAL A 9 6.37 -2.13 7.39
CA VAL A 9 7.70 -1.56 7.63
C VAL A 9 7.79 -0.12 7.11
N GLU A 10 8.48 0.74 7.88
CA GLU A 10 8.63 2.16 7.53
C GLU A 10 9.92 2.40 6.78
N ASN A 11 9.85 2.44 5.45
CA ASN A 11 11.04 2.65 4.63
C ASN A 11 10.67 3.40 3.35
N MET A 12 9.67 4.29 3.47
CA MET A 12 9.18 5.10 2.33
C MET A 12 9.04 6.57 2.76
N PRO A 13 8.71 7.49 1.86
CA PRO A 13 8.54 8.94 2.20
C PRO A 13 7.48 9.16 3.26
N ALA A 14 6.54 8.22 3.34
CA ALA A 14 5.43 8.29 4.30
C ALA A 14 4.82 9.71 4.34
N LYS A 15 5.10 10.51 3.31
CA LYS A 15 4.62 11.88 3.21
C LYS A 15 3.09 11.84 3.08
N GLY A 16 2.42 12.67 3.86
CA GLY A 16 0.96 12.79 3.83
C GLY A 16 0.24 11.43 3.61
N LYS A 17 0.95 10.31 3.83
CA LYS A 17 0.39 8.97 3.67
C LYS A 17 0.95 8.08 4.77
N ILE A 18 0.10 7.36 5.48
CA ILE A 18 0.54 6.47 6.55
C ILE A 18 -0.32 5.22 6.50
N GLU A 19 0.20 4.12 7.02
CA GLU A 19 -0.54 2.86 7.07
C GLU A 19 -0.13 2.15 8.36
N VAL A 20 -0.99 2.25 9.38
CA VAL A 20 -0.76 1.62 10.69
C VAL A 20 -2.09 1.57 11.45
N GLY A 21 -2.91 0.57 11.16
CA GLY A 21 -4.21 0.44 11.82
C GLY A 21 -5.26 1.28 11.12
N ASP A 22 -4.81 2.30 10.39
CA ASP A 22 -5.72 3.19 9.67
C ASP A 22 -6.42 2.41 8.57
N LYS A 23 -7.54 2.97 8.08
CA LYS A 23 -8.34 2.33 7.02
C LYS A 23 -8.27 3.19 5.75
N ILE A 24 -8.14 2.54 4.58
CA ILE A 24 -8.07 3.23 3.30
C ILE A 24 -9.48 3.28 2.70
N ILE A 25 -10.01 4.50 2.51
CA ILE A 25 -11.36 4.66 1.98
C ILE A 25 -11.44 4.09 0.56
N SER A 26 -10.54 4.55 -0.30
CA SER A 26 -10.50 4.11 -1.70
C SER A 26 -9.25 4.63 -2.38
N ALA A 27 -8.93 4.08 -3.55
CA ALA A 27 -7.75 4.49 -4.34
C ALA A 27 -8.18 4.69 -5.80
N ASP A 28 -7.71 5.78 -6.42
CA ASP A 28 -8.05 6.10 -7.81
C ASP A 28 -9.53 6.44 -7.97
N GLY A 29 -10.28 6.49 -6.87
CA GLY A 29 -11.71 6.80 -6.92
C GLY A 29 -12.53 5.52 -7.10
N LYS A 30 -12.06 4.43 -6.48
CA LYS A 30 -12.75 3.12 -6.56
C LYS A 30 -12.69 2.39 -5.21
N ASN A 31 -13.86 1.99 -4.69
CA ASN A 31 -13.93 1.26 -3.42
C ASN A 31 -13.51 -0.19 -3.64
N TYR A 32 -13.23 -0.90 -2.54
CA TYR A 32 -12.82 -2.31 -2.60
C TYR A 32 -13.39 -3.08 -1.39
N GLN A 33 -13.92 -4.28 -1.66
CA GLN A 33 -14.49 -5.11 -0.59
C GLN A 33 -13.39 -5.77 0.21
N SER A 34 -12.87 -6.90 -0.29
CA SER A 34 -11.81 -7.65 0.39
C SER A 34 -10.43 -7.06 0.05
N ALA A 35 -9.52 -7.06 1.05
CA ALA A 35 -8.18 -6.53 0.86
C ALA A 35 -7.51 -7.15 -0.36
N GLU A 36 -7.94 -8.35 -0.71
CA GLU A 36 -7.38 -9.07 -1.85
C GLU A 36 -7.50 -8.22 -3.12
N LYS A 37 -8.65 -7.56 -3.29
CA LYS A 37 -8.85 -6.71 -4.47
C LYS A 37 -7.90 -5.51 -4.43
N LEU A 38 -7.78 -4.84 -3.27
CA LEU A 38 -6.91 -3.66 -3.19
C LEU A 38 -5.47 -4.03 -3.55
N ILE A 39 -4.96 -5.12 -3.00
CA ILE A 39 -3.60 -5.56 -3.30
C ILE A 39 -3.49 -5.92 -4.80
N ASP A 40 -4.47 -6.67 -5.29
CA ASP A 40 -4.46 -7.10 -6.69
C ASP A 40 -4.55 -5.88 -7.61
N TYR A 41 -5.35 -4.87 -7.23
CA TYR A 41 -5.51 -3.67 -8.04
C TYR A 41 -4.15 -2.99 -8.26
N ILE A 42 -3.38 -2.81 -7.19
CA ILE A 42 -2.05 -2.20 -7.31
C ILE A 42 -1.17 -3.08 -8.19
N SER A 43 -1.24 -4.39 -7.98
CA SER A 43 -0.47 -5.35 -8.77
C SER A 43 1.02 -4.99 -8.75
N SER A 44 1.43 -4.30 -7.69
CA SER A 44 2.82 -3.88 -7.50
C SER A 44 3.20 -2.71 -8.44
N LYS A 45 2.20 -2.12 -9.11
CA LYS A 45 2.43 -1.01 -10.05
C LYS A 45 2.95 0.22 -9.31
N LYS A 46 4.09 0.07 -8.61
CA LYS A 46 4.70 1.16 -7.86
C LYS A 46 5.97 1.61 -8.58
N ALA A 47 6.47 2.81 -8.24
CA ALA A 47 7.67 3.35 -8.86
C ALA A 47 7.34 3.96 -10.23
N GLY A 48 7.28 5.30 -10.27
CA GLY A 48 6.98 6.04 -11.50
C GLY A 48 5.49 6.34 -11.61
N ASP A 49 4.67 5.29 -11.63
CA ASP A 49 3.23 5.47 -11.74
C ASP A 49 2.70 6.18 -10.50
N LYS A 50 1.84 7.19 -10.69
CA LYS A 50 1.27 7.94 -9.58
C LYS A 50 -0.14 7.41 -9.28
N VAL A 51 -0.71 7.86 -8.16
CA VAL A 51 -2.05 7.47 -7.77
C VAL A 51 -2.54 8.37 -6.64
N THR A 52 -3.86 8.32 -6.38
CA THR A 52 -4.47 9.10 -5.29
C THR A 52 -4.94 8.13 -4.21
N LEU A 53 -4.35 8.22 -3.00
CA LEU A 53 -4.70 7.34 -1.88
C LEU A 53 -5.35 8.14 -0.76
N LYS A 54 -6.58 7.77 -0.40
CA LYS A 54 -7.33 8.44 0.67
C LYS A 54 -7.24 7.62 1.94
N ILE A 55 -7.17 8.29 3.10
CA ILE A 55 -7.08 7.64 4.42
C ILE A 55 -8.22 8.13 5.29
N GLU A 56 -8.59 7.33 6.28
CA GLU A 56 -9.67 7.64 7.24
C GLU A 56 -9.09 7.69 8.66
N ARG A 57 -9.39 8.79 9.37
CA ARG A 57 -8.93 8.97 10.77
C ARG A 57 -10.11 9.43 11.62
N GLU A 58 -10.73 8.49 12.32
CA GLU A 58 -11.87 8.80 13.19
C GLU A 58 -12.94 9.60 12.42
N GLU A 59 -13.43 9.02 11.31
CA GLU A 59 -14.47 9.64 10.48
C GLU A 59 -13.98 10.92 9.79
N LYS A 60 -12.68 10.98 9.43
CA LYS A 60 -12.10 12.16 8.75
C LYS A 60 -11.32 11.72 7.50
N GLU A 61 -11.85 12.04 6.33
CA GLU A 61 -11.19 11.69 5.06
C GLU A 61 -10.18 12.77 4.70
N LYS A 62 -9.12 12.40 3.98
CA LYS A 62 -8.07 13.34 3.57
C LYS A 62 -7.61 13.01 2.15
N ARG A 63 -7.56 14.05 1.29
CA ARG A 63 -7.11 13.89 -0.09
C ARG A 63 -5.62 14.22 -0.19
N VAL A 64 -4.84 13.28 -0.71
CA VAL A 64 -3.39 13.44 -0.85
C VAL A 64 -2.93 12.78 -2.15
N THR A 65 -1.87 13.34 -2.74
CA THR A 65 -1.26 12.82 -3.96
C THR A 65 0.23 12.61 -3.71
N LEU A 66 0.69 11.35 -3.81
CA LEU A 66 2.12 10.99 -3.61
C LEU A 66 2.59 10.04 -4.71
N THR A 67 3.89 10.07 -4.96
CA THR A 67 4.51 9.20 -5.96
C THR A 67 4.83 7.85 -5.34
N LEU A 68 4.54 6.79 -6.08
CA LEU A 68 4.80 5.43 -5.59
C LEU A 68 6.31 5.18 -5.54
N LYS A 69 6.73 4.31 -4.60
CA LYS A 69 8.14 3.96 -4.39
C LYS A 69 8.32 2.45 -4.33
N GLN A 70 9.58 2.00 -4.37
CA GLN A 70 9.93 0.57 -4.35
C GLN A 70 10.85 0.27 -3.17
N PHE A 71 10.68 -0.91 -2.60
CA PHE A 71 11.50 -1.35 -1.46
C PHE A 71 13.01 -1.30 -1.83
N PRO A 72 13.90 -1.00 -0.89
CA PRO A 72 15.37 -0.93 -1.19
C PRO A 72 15.99 -2.31 -1.49
N ASP A 73 16.17 -3.13 -0.45
CA ASP A 73 16.78 -4.45 -0.60
C ASP A 73 15.97 -5.36 -1.54
N GLU A 74 14.79 -4.90 -1.94
CA GLU A 74 13.90 -5.65 -2.85
C GLU A 74 13.43 -4.74 -4.00
N PRO A 75 14.30 -4.41 -4.94
CA PRO A 75 13.94 -3.52 -6.09
C PRO A 75 13.23 -4.28 -7.22
N ASP A 76 13.26 -5.62 -7.13
CA ASP A 76 12.62 -6.48 -8.14
C ASP A 76 11.18 -6.82 -7.72
N ARG A 77 10.76 -6.29 -6.58
CA ARG A 77 9.40 -6.53 -6.05
C ARG A 77 8.84 -5.23 -5.48
N ALA A 78 7.50 -5.09 -5.52
CA ALA A 78 6.82 -3.88 -5.01
C ALA A 78 5.53 -4.29 -4.27
N GLY A 79 5.27 -3.59 -3.16
CA GLY A 79 4.08 -3.86 -2.33
C GLY A 79 4.26 -5.15 -1.54
N ILE A 80 3.21 -5.57 -0.84
CA ILE A 80 3.25 -6.79 -0.04
C ILE A 80 3.53 -8.01 -0.92
N GLY A 81 4.31 -8.95 -0.39
CA GLY A 81 4.64 -10.17 -1.14
C GLY A 81 5.71 -10.98 -0.41
N VAL A 82 5.31 -11.64 0.69
CA VAL A 82 6.22 -12.46 1.51
C VAL A 82 5.56 -13.79 1.90
N SER A 83 6.37 -14.75 2.33
CA SER A 83 5.88 -16.07 2.72
C SER A 83 5.05 -16.71 1.61
N LEU A 84 5.29 -16.26 0.38
CA LEU A 84 4.55 -16.79 -0.78
C LEU A 84 4.84 -18.28 -0.94
N GLU A 85 6.11 -18.66 -0.78
CA GLU A 85 6.51 -20.07 -0.91
C GLU A 85 5.92 -20.88 0.23
N HIS A 86 5.76 -22.19 0.00
CA HIS A 86 5.20 -23.08 1.02
C HIS A 86 5.61 -24.53 0.73
N HIS A 87 6.71 -24.69 -0.02
CA HIS A 87 7.20 -26.02 -0.36
C HIS A 87 7.54 -26.80 0.91
N HIS A 88 8.12 -26.10 1.89
CA HIS A 88 8.50 -26.72 3.16
C HIS A 88 9.45 -27.90 2.90
N HIS A 89 9.88 -28.57 3.97
CA HIS A 89 10.79 -29.72 3.85
C HIS A 89 12.03 -29.33 3.05
N HIS A 90 12.98 -28.68 3.72
CA HIS A 90 14.22 -28.24 3.07
C HIS A 90 15.03 -29.45 2.62
N HIS A 91 15.05 -30.49 3.46
CA HIS A 91 15.79 -31.71 3.15
C HIS A 91 15.44 -32.82 4.16
N ASN A 1 -4.09 -9.10 8.70
CA ASN A 1 -4.13 -7.71 8.17
C ASN A 1 -5.43 -7.51 7.38
N GLY A 2 -5.66 -8.37 6.39
CA GLY A 2 -6.86 -8.27 5.56
C GLY A 2 -6.91 -6.93 4.83
N ILE A 3 -8.12 -6.37 4.71
CA ILE A 3 -8.29 -5.08 4.03
C ILE A 3 -7.58 -3.99 4.84
N TYR A 4 -7.74 -4.04 6.15
CA TYR A 4 -7.10 -3.07 7.04
C TYR A 4 -5.58 -3.13 6.90
N ALA A 5 -4.86 -2.71 7.96
CA ALA A 5 -3.38 -2.72 7.96
C ALA A 5 -2.88 -3.08 9.36
N SER A 6 -1.95 -4.04 9.43
CA SER A 6 -1.37 -4.49 10.71
C SER A 6 -0.10 -3.71 11.01
N SER A 7 0.74 -3.53 10.00
CA SER A 7 2.00 -2.80 10.14
C SER A 7 2.65 -2.59 8.78
N VAL A 8 3.45 -1.53 8.66
CA VAL A 8 4.15 -1.20 7.41
C VAL A 8 5.57 -0.70 7.70
N VAL A 9 6.46 -0.88 6.72
CA VAL A 9 7.87 -0.46 6.84
C VAL A 9 8.02 1.01 6.45
N GLU A 10 8.74 1.76 7.27
CA GLU A 10 9.00 3.17 7.00
C GLU A 10 9.92 3.31 5.78
N ASN A 11 10.72 4.37 5.75
CA ASN A 11 11.65 4.63 4.64
C ASN A 11 10.90 4.87 3.33
N MET A 12 9.62 5.30 3.41
CA MET A 12 8.79 5.59 2.21
C MET A 12 8.29 7.06 2.31
N PRO A 13 7.52 7.54 1.34
CA PRO A 13 6.97 8.95 1.37
C PRO A 13 6.15 9.25 2.63
N ALA A 14 5.74 8.18 3.33
CA ALA A 14 4.94 8.22 4.59
C ALA A 14 4.13 9.51 4.81
N LYS A 15 4.79 10.67 4.80
CA LYS A 15 4.10 11.93 4.99
C LYS A 15 3.06 12.14 3.88
N GLY A 16 1.79 12.01 4.24
CA GLY A 16 0.66 12.16 3.30
C GLY A 16 -0.14 10.87 3.21
N LYS A 17 0.51 9.72 3.51
CA LYS A 17 -0.15 8.41 3.48
C LYS A 17 0.27 7.60 4.72
N ILE A 18 -0.67 7.38 5.65
CA ILE A 18 -0.41 6.59 6.86
C ILE A 18 -1.19 5.28 6.73
N GLU A 19 -0.56 4.17 7.11
CA GLU A 19 -1.19 2.84 7.05
C GLU A 19 -0.77 2.05 8.28
N VAL A 20 -1.71 1.87 9.21
CA VAL A 20 -1.48 1.12 10.44
C VAL A 20 -2.79 1.01 11.20
N GLY A 21 -3.59 0.00 10.86
CA GLY A 21 -4.89 -0.23 11.50
C GLY A 21 -5.96 0.63 10.83
N ASP A 22 -5.53 1.73 10.20
CA ASP A 22 -6.45 2.63 9.51
C ASP A 22 -7.22 1.88 8.42
N LYS A 23 -8.38 2.43 8.04
CA LYS A 23 -9.23 1.81 7.00
C LYS A 23 -9.13 2.60 5.69
N ILE A 24 -8.99 1.87 4.58
CA ILE A 24 -8.90 2.47 3.23
C ILE A 24 -10.30 2.45 2.61
N ILE A 25 -10.88 3.63 2.38
CA ILE A 25 -12.21 3.72 1.79
C ILE A 25 -12.17 3.20 0.35
N SER A 26 -11.17 3.68 -0.41
CA SER A 26 -11.01 3.28 -1.80
C SER A 26 -9.66 3.77 -2.33
N ALA A 27 -9.23 3.20 -3.48
CA ALA A 27 -7.97 3.57 -4.13
C ALA A 27 -8.27 3.94 -5.59
N ASP A 28 -7.71 5.05 -6.08
CA ASP A 28 -7.94 5.50 -7.46
C ASP A 28 -9.42 5.48 -7.85
N GLY A 29 -10.32 5.82 -6.93
CA GLY A 29 -11.75 5.84 -7.24
C GLY A 29 -12.32 4.43 -7.38
N LYS A 30 -11.46 3.42 -7.24
CA LYS A 30 -11.90 2.00 -7.34
C LYS A 30 -12.20 1.48 -5.93
N ASN A 31 -13.45 1.03 -5.71
CA ASN A 31 -13.88 0.49 -4.41
C ASN A 31 -13.67 -1.03 -4.41
N TYR A 32 -13.19 -1.56 -3.27
CA TYR A 32 -12.94 -3.01 -3.11
C TYR A 32 -13.61 -3.51 -1.83
N GLN A 33 -14.35 -4.63 -1.96
CA GLN A 33 -15.06 -5.24 -0.82
C GLN A 33 -14.30 -6.44 -0.27
N SER A 34 -13.13 -6.72 -0.87
CA SER A 34 -12.28 -7.86 -0.43
C SER A 34 -10.80 -7.51 -0.56
N ALA A 35 -10.04 -7.89 0.47
CA ALA A 35 -8.60 -7.62 0.50
C ALA A 35 -7.91 -8.21 -0.73
N GLU A 36 -8.28 -9.43 -1.09
CA GLU A 36 -7.68 -10.10 -2.23
C GLU A 36 -7.78 -9.25 -3.50
N LYS A 37 -8.94 -8.64 -3.72
CA LYS A 37 -9.13 -7.80 -4.90
C LYS A 37 -8.20 -6.57 -4.85
N LEU A 38 -8.08 -5.93 -3.68
CA LEU A 38 -7.22 -4.75 -3.55
C LEU A 38 -5.78 -5.10 -3.94
N ILE A 39 -5.28 -6.23 -3.45
CA ILE A 39 -3.91 -6.65 -3.78
C ILE A 39 -3.81 -6.87 -5.30
N ASP A 40 -4.79 -7.59 -5.85
CA ASP A 40 -4.81 -7.88 -7.28
C ASP A 40 -4.72 -6.58 -8.10
N TYR A 41 -5.49 -5.56 -7.72
CA TYR A 41 -5.49 -4.29 -8.44
C TYR A 41 -4.07 -3.69 -8.48
N ILE A 42 -3.40 -3.60 -7.33
CA ILE A 42 -2.05 -3.02 -7.27
C ILE A 42 -1.10 -3.82 -8.17
N SER A 43 -1.12 -5.15 -8.01
CA SER A 43 -0.29 -6.07 -8.80
C SER A 43 1.15 -5.55 -8.93
N SER A 44 1.53 -4.70 -7.98
CA SER A 44 2.85 -4.09 -7.96
C SER A 44 2.91 -2.99 -9.03
N LYS A 45 2.64 -1.75 -8.61
CA LYS A 45 2.65 -0.57 -9.51
C LYS A 45 3.29 0.64 -8.82
N LYS A 46 4.37 0.44 -8.06
CA LYS A 46 5.04 1.56 -7.37
C LYS A 46 6.27 2.01 -8.15
N ALA A 47 6.77 3.19 -7.82
CA ALA A 47 7.95 3.78 -8.46
C ALA A 47 7.66 4.33 -9.85
N GLY A 48 7.34 5.65 -9.91
CA GLY A 48 7.04 6.36 -11.16
C GLY A 48 5.56 6.64 -11.30
N ASP A 49 4.73 5.60 -11.12
CA ASP A 49 3.28 5.77 -11.23
C ASP A 49 2.75 6.55 -10.04
N LYS A 50 1.73 7.40 -10.28
CA LYS A 50 1.10 8.21 -9.21
C LYS A 50 -0.32 7.71 -8.96
N VAL A 51 -0.81 7.95 -7.75
CA VAL A 51 -2.17 7.54 -7.38
C VAL A 51 -2.62 8.27 -6.11
N THR A 52 -3.94 8.28 -5.90
CA THR A 52 -4.54 8.92 -4.71
C THR A 52 -5.09 7.83 -3.79
N LEU A 53 -4.65 7.84 -2.52
CA LEU A 53 -5.10 6.85 -1.52
C LEU A 53 -5.97 7.54 -0.47
N LYS A 54 -7.19 7.03 -0.25
CA LYS A 54 -8.13 7.61 0.72
C LYS A 54 -7.97 6.89 2.06
N ILE A 55 -7.77 7.66 3.14
CA ILE A 55 -7.61 7.13 4.51
C ILE A 55 -8.68 7.77 5.40
N GLU A 56 -9.05 7.06 6.46
CA GLU A 56 -10.06 7.52 7.44
C GLU A 56 -9.39 7.72 8.80
N ARG A 57 -9.57 8.92 9.39
CA ARG A 57 -9.00 9.24 10.72
C ARG A 57 -10.03 10.01 11.53
N GLU A 58 -10.44 9.46 12.68
CA GLU A 58 -11.41 10.11 13.56
C GLU A 58 -12.57 10.75 12.76
N GLU A 59 -13.13 9.99 11.82
CA GLU A 59 -14.23 10.45 10.96
C GLU A 59 -13.81 11.60 10.04
N LYS A 60 -12.52 11.60 9.63
CA LYS A 60 -11.98 12.63 8.72
C LYS A 60 -11.13 11.97 7.65
N GLU A 61 -10.97 12.65 6.50
CA GLU A 61 -10.17 12.14 5.37
C GLU A 61 -9.15 13.19 4.94
N LYS A 62 -8.07 12.74 4.28
CA LYS A 62 -6.98 13.62 3.80
C LYS A 62 -6.73 13.40 2.31
N ARG A 63 -6.28 14.47 1.62
CA ARG A 63 -5.98 14.42 0.17
C ARG A 63 -4.58 14.99 -0.08
N VAL A 64 -3.65 14.13 -0.53
CA VAL A 64 -2.26 14.56 -0.80
C VAL A 64 -1.75 13.86 -2.06
N THR A 65 -1.07 14.61 -2.95
CA THR A 65 -0.51 14.03 -4.19
C THR A 65 0.96 13.73 -3.95
N LEU A 66 1.33 12.44 -4.03
CA LEU A 66 2.71 11.98 -3.82
C LEU A 66 3.05 10.93 -4.87
N THR A 67 4.36 10.67 -5.04
CA THR A 67 4.81 9.64 -6.00
C THR A 67 5.09 8.33 -5.23
N LEU A 68 4.66 7.20 -5.79
CA LEU A 68 4.87 5.91 -5.13
C LEU A 68 6.38 5.64 -4.96
N LYS A 69 6.72 4.59 -4.21
CA LYS A 69 8.12 4.24 -3.95
C LYS A 69 8.30 2.71 -3.81
N GLN A 70 9.52 2.23 -4.03
CA GLN A 70 9.86 0.80 -3.96
C GLN A 70 11.01 0.56 -2.95
N PHE A 71 10.93 -0.58 -2.26
CA PHE A 71 11.94 -0.96 -1.26
C PHE A 71 13.36 -0.77 -1.85
N PRO A 72 14.33 -0.25 -1.10
CA PRO A 72 15.72 -0.03 -1.63
C PRO A 72 16.51 -1.33 -1.85
N ASP A 73 16.64 -2.15 -0.79
CA ASP A 73 17.41 -3.40 -0.87
C ASP A 73 16.64 -4.48 -1.63
N GLU A 74 15.48 -4.12 -2.18
CA GLU A 74 14.65 -5.08 -2.93
C GLU A 74 13.82 -4.34 -4.00
N PRO A 75 14.46 -3.85 -5.06
CA PRO A 75 13.74 -3.12 -6.16
C PRO A 75 13.13 -4.10 -7.17
N ASP A 76 13.39 -5.40 -6.95
CA ASP A 76 12.86 -6.45 -7.84
C ASP A 76 11.39 -6.72 -7.50
N ARG A 77 10.97 -6.32 -6.29
CA ARG A 77 9.59 -6.52 -5.82
C ARG A 77 9.07 -5.24 -5.16
N ALA A 78 7.74 -5.04 -5.22
CA ALA A 78 7.09 -3.86 -4.62
C ALA A 78 5.76 -4.24 -3.98
N GLY A 79 5.38 -3.50 -2.94
CA GLY A 79 4.12 -3.73 -2.21
C GLY A 79 4.35 -4.61 -0.99
N ILE A 80 3.70 -5.77 -0.95
CA ILE A 80 3.83 -6.69 0.18
C ILE A 80 5.27 -7.18 0.29
N GLY A 81 5.85 -7.56 -0.86
CA GLY A 81 7.22 -8.06 -0.90
C GLY A 81 7.31 -9.48 -0.36
N VAL A 82 6.49 -9.78 0.65
CA VAL A 82 6.46 -11.10 1.27
C VAL A 82 7.86 -11.52 1.72
N SER A 83 8.25 -11.09 2.92
CA SER A 83 9.56 -11.43 3.47
C SER A 83 9.68 -12.94 3.66
N LEU A 84 10.90 -13.46 3.55
CA LEU A 84 11.14 -14.90 3.72
C LEU A 84 12.64 -15.18 3.84
N GLU A 85 13.33 -14.38 4.66
CA GLU A 85 14.77 -14.53 4.86
C GLU A 85 15.06 -15.79 5.67
N HIS A 86 14.00 -16.55 5.99
CA HIS A 86 14.14 -17.77 6.78
C HIS A 86 14.86 -17.49 8.10
N HIS A 87 15.29 -18.55 8.78
CA HIS A 87 15.99 -18.41 10.06
C HIS A 87 15.18 -17.56 11.04
N HIS A 88 14.47 -18.22 11.96
CA HIS A 88 13.64 -17.53 12.95
C HIS A 88 14.50 -16.61 13.81
N HIS A 89 15.70 -17.08 14.17
CA HIS A 89 16.63 -16.30 15.00
C HIS A 89 18.07 -16.78 14.78
N HIS A 90 19.02 -15.85 14.85
CA HIS A 90 20.44 -16.19 14.66
C HIS A 90 20.91 -17.09 15.80
N HIS A 91 20.47 -16.77 17.02
CA HIS A 91 20.86 -17.55 18.19
C HIS A 91 20.38 -18.99 18.07
N ASN A 1 -7.33 -7.63 8.62
CA ASN A 1 -5.99 -7.66 7.99
C ASN A 1 -6.16 -7.61 6.47
N GLY A 2 -7.32 -8.04 6.00
CA GLY A 2 -7.60 -8.05 4.57
C GLY A 2 -7.58 -6.64 4.00
N ILE A 3 -8.77 -6.14 3.63
CA ILE A 3 -8.89 -4.81 3.05
C ILE A 3 -8.45 -3.77 4.07
N TYR A 4 -8.90 -3.95 5.32
CA TYR A 4 -8.57 -3.03 6.41
C TYR A 4 -7.05 -2.96 6.60
N ALA A 5 -6.63 -2.62 7.81
CA ALA A 5 -5.19 -2.51 8.14
C ALA A 5 -4.96 -2.91 9.58
N SER A 6 -3.70 -3.12 9.93
CA SER A 6 -3.33 -3.53 11.30
C SER A 6 -1.88 -3.19 11.57
N SER A 7 -1.00 -3.58 10.65
CA SER A 7 0.42 -3.31 10.79
C SER A 7 1.18 -3.73 9.54
N VAL A 8 1.87 -2.77 8.90
CA VAL A 8 2.64 -3.04 7.68
C VAL A 8 3.99 -2.33 7.75
N VAL A 9 4.99 -2.90 7.08
CA VAL A 9 6.33 -2.32 7.06
C VAL A 9 6.30 -0.94 6.40
N GLU A 10 7.09 0.00 6.93
CA GLU A 10 7.16 1.35 6.36
C GLU A 10 8.29 1.41 5.33
N ASN A 11 9.36 2.16 5.61
CA ASN A 11 10.49 2.33 4.69
C ASN A 11 10.10 3.16 3.47
N MET A 12 8.95 3.87 3.54
CA MET A 12 8.45 4.71 2.42
C MET A 12 8.22 6.16 2.95
N PRO A 13 7.84 7.10 2.10
CA PRO A 13 7.58 8.51 2.56
C PRO A 13 6.57 8.58 3.72
N ALA A 14 5.61 7.66 3.70
CA ALA A 14 4.57 7.55 4.75
C ALA A 14 3.72 8.83 4.89
N LYS A 15 4.37 9.99 4.75
CA LYS A 15 3.69 11.27 4.90
C LYS A 15 2.66 11.46 3.81
N GLY A 16 1.38 11.38 4.18
CA GLY A 16 0.26 11.55 3.24
C GLY A 16 -0.40 10.21 2.94
N LYS A 17 0.33 9.10 3.09
CA LYS A 17 -0.22 7.75 2.84
C LYS A 17 0.27 6.81 3.95
N ILE A 18 -0.65 6.42 4.84
CA ILE A 18 -0.34 5.52 5.97
C ILE A 18 -1.40 4.44 6.05
N GLU A 19 -1.06 3.33 6.69
CA GLU A 19 -1.99 2.22 6.88
C GLU A 19 -1.66 1.57 8.23
N VAL A 20 -2.52 1.82 9.23
CA VAL A 20 -2.34 1.26 10.58
C VAL A 20 -3.71 1.23 11.28
N GLY A 21 -4.56 0.29 10.88
CA GLY A 21 -5.91 0.18 11.45
C GLY A 21 -6.88 1.07 10.71
N ASP A 22 -6.35 2.15 10.10
CA ASP A 22 -7.19 3.08 9.35
C ASP A 22 -8.02 2.34 8.31
N LYS A 23 -9.14 2.96 7.89
CA LYS A 23 -10.03 2.35 6.88
C LYS A 23 -9.91 3.11 5.57
N ILE A 24 -9.76 2.36 4.46
CA ILE A 24 -9.62 2.91 3.11
C ILE A 24 -10.96 2.75 2.38
N ILE A 25 -11.52 3.86 1.91
CA ILE A 25 -12.80 3.83 1.19
C ILE A 25 -12.61 3.16 -0.18
N SER A 26 -11.62 3.64 -0.92
CA SER A 26 -11.33 3.12 -2.26
C SER A 26 -10.11 3.84 -2.85
N ALA A 27 -9.45 3.21 -3.84
CA ALA A 27 -8.28 3.78 -4.51
C ALA A 27 -8.63 4.05 -5.97
N ASP A 28 -8.16 5.18 -6.52
CA ASP A 28 -8.45 5.55 -7.91
C ASP A 28 -9.95 5.59 -8.17
N GLY A 29 -10.73 6.00 -7.15
CA GLY A 29 -12.17 6.09 -7.29
C GLY A 29 -12.78 4.74 -7.66
N LYS A 30 -11.96 3.68 -7.61
CA LYS A 30 -12.40 2.31 -7.95
C LYS A 30 -12.41 1.44 -6.70
N ASN A 31 -13.58 0.85 -6.41
CA ASN A 31 -13.74 -0.03 -5.25
C ASN A 31 -13.16 -1.41 -5.58
N TYR A 32 -12.94 -2.22 -4.54
CA TYR A 32 -12.40 -3.58 -4.71
C TYR A 32 -13.08 -4.55 -3.76
N GLN A 33 -13.22 -4.13 -2.49
CA GLN A 33 -13.86 -4.96 -1.46
C GLN A 33 -13.04 -6.21 -1.16
N SER A 34 -12.20 -6.64 -2.13
CA SER A 34 -11.35 -7.83 -1.98
C SER A 34 -9.91 -7.41 -1.71
N ALA A 35 -9.39 -7.82 -0.55
CA ALA A 35 -8.02 -7.47 -0.15
C ALA A 35 -7.01 -7.93 -1.20
N GLU A 36 -7.18 -9.17 -1.67
CA GLU A 36 -6.26 -9.74 -2.66
C GLU A 36 -6.16 -8.82 -3.88
N LYS A 37 -7.29 -8.29 -4.33
CA LYS A 37 -7.31 -7.38 -5.49
C LYS A 37 -6.64 -6.06 -5.16
N LEU A 38 -7.04 -5.44 -4.04
CA LEU A 38 -6.46 -4.14 -3.67
C LEU A 38 -4.96 -4.25 -3.45
N ILE A 39 -4.55 -5.27 -2.70
CA ILE A 39 -3.13 -5.48 -2.39
C ILE A 39 -2.36 -5.74 -3.69
N ASP A 40 -2.88 -6.64 -4.52
CA ASP A 40 -2.21 -6.97 -5.78
C ASP A 40 -2.27 -5.77 -6.73
N TYR A 41 -3.38 -5.03 -6.70
CA TYR A 41 -3.53 -3.86 -7.57
C TYR A 41 -2.48 -2.80 -7.28
N ILE A 42 -2.40 -2.36 -6.03
CA ILE A 42 -1.44 -1.30 -5.66
C ILE A 42 -0.01 -1.83 -5.71
N SER A 43 0.20 -3.04 -5.20
CA SER A 43 1.52 -3.65 -5.16
C SER A 43 2.07 -3.86 -6.57
N SER A 44 1.18 -4.13 -7.51
CA SER A 44 1.55 -4.35 -8.92
C SER A 44 1.77 -3.04 -9.63
N LYS A 45 1.55 -1.92 -8.93
CA LYS A 45 1.71 -0.57 -9.51
C LYS A 45 2.46 0.35 -8.56
N LYS A 46 3.54 -0.12 -7.95
CA LYS A 46 4.34 0.71 -7.03
C LYS A 46 5.50 1.36 -7.79
N ALA A 47 6.02 2.46 -7.24
CA ALA A 47 7.14 3.17 -7.84
C ALA A 47 6.84 3.64 -9.26
N GLY A 48 6.64 4.96 -9.40
CA GLY A 48 6.37 5.60 -10.70
C GLY A 48 4.89 5.85 -10.89
N ASP A 49 4.09 4.80 -10.76
CA ASP A 49 2.65 4.95 -10.95
C ASP A 49 2.10 5.84 -9.84
N LYS A 50 1.14 6.70 -10.21
CA LYS A 50 0.50 7.62 -9.26
C LYS A 50 -0.96 7.22 -9.10
N VAL A 51 -1.50 7.50 -7.93
CA VAL A 51 -2.90 7.18 -7.64
C VAL A 51 -3.35 7.95 -6.41
N THR A 52 -4.67 8.07 -6.23
CA THR A 52 -5.25 8.77 -5.07
C THR A 52 -5.75 7.72 -4.09
N LEU A 53 -5.33 7.84 -2.83
CA LEU A 53 -5.74 6.91 -1.77
C LEU A 53 -6.50 7.67 -0.71
N LYS A 54 -7.73 7.22 -0.42
CA LYS A 54 -8.57 7.86 0.59
C LYS A 54 -8.35 7.18 1.93
N ILE A 55 -8.16 7.99 2.98
CA ILE A 55 -7.92 7.48 4.34
C ILE A 55 -8.85 8.21 5.29
N GLU A 56 -8.99 7.64 6.49
CA GLU A 56 -9.84 8.21 7.54
C GLU A 56 -9.06 8.28 8.85
N ARG A 57 -9.16 9.42 9.55
CA ARG A 57 -8.47 9.61 10.83
C ARG A 57 -9.35 10.43 11.74
N GLU A 58 -9.61 9.92 12.95
CA GLU A 58 -10.45 10.62 13.93
C GLU A 58 -11.68 11.27 13.26
N GLU A 59 -12.32 10.54 12.35
CA GLU A 59 -13.50 11.03 11.62
C GLU A 59 -13.12 12.20 10.68
N LYS A 60 -11.88 12.18 10.17
CA LYS A 60 -11.40 13.23 9.24
C LYS A 60 -10.62 12.60 8.09
N GLU A 61 -11.07 12.86 6.86
CA GLU A 61 -10.42 12.34 5.66
C GLU A 61 -9.44 13.36 5.12
N LYS A 62 -8.34 12.87 4.52
CA LYS A 62 -7.30 13.74 3.95
C LYS A 62 -6.98 13.28 2.54
N ARG A 63 -6.54 14.24 1.71
CA ARG A 63 -6.20 13.97 0.30
C ARG A 63 -4.83 14.53 0.00
N VAL A 64 -3.89 13.66 -0.36
CA VAL A 64 -2.52 14.06 -0.71
C VAL A 64 -2.08 13.29 -1.95
N THR A 65 -1.44 13.99 -2.89
CA THR A 65 -0.96 13.36 -4.13
C THR A 65 0.54 13.08 -3.97
N LEU A 66 0.90 11.79 -3.99
CA LEU A 66 2.30 11.34 -3.86
C LEU A 66 2.56 10.20 -4.83
N THR A 67 3.86 9.90 -5.04
CA THR A 67 4.28 8.81 -5.91
C THR A 67 4.69 7.62 -5.05
N LEU A 68 4.22 6.43 -5.39
CA LEU A 68 4.54 5.23 -4.63
C LEU A 68 6.04 4.97 -4.65
N LYS A 69 6.47 3.97 -3.88
CA LYS A 69 7.90 3.61 -3.78
C LYS A 69 8.04 2.09 -3.77
N GLN A 70 9.29 1.64 -3.83
CA GLN A 70 9.64 0.22 -3.83
C GLN A 70 10.78 -0.05 -2.85
N PHE A 71 10.79 -1.25 -2.27
CA PHE A 71 11.85 -1.65 -1.31
C PHE A 71 13.24 -1.19 -1.83
N PRO A 72 13.89 -0.19 -1.23
CA PRO A 72 15.23 0.29 -1.73
C PRO A 72 16.23 -0.84 -2.00
N ASP A 73 16.42 -1.72 -1.03
CA ASP A 73 17.38 -2.83 -1.16
C ASP A 73 16.81 -3.96 -2.02
N GLU A 74 15.76 -3.66 -2.76
CA GLU A 74 15.13 -4.67 -3.63
C GLU A 74 14.19 -3.97 -4.65
N PRO A 75 14.72 -3.25 -5.62
CA PRO A 75 13.89 -2.55 -6.64
C PRO A 75 13.34 -3.53 -7.69
N ASP A 76 13.81 -4.78 -7.65
CA ASP A 76 13.35 -5.81 -8.58
C ASP A 76 11.96 -6.32 -8.19
N ARG A 77 11.59 -6.11 -6.91
CA ARG A 77 10.28 -6.56 -6.40
C ARG A 77 9.65 -5.44 -5.56
N ALA A 78 8.31 -5.44 -5.47
CA ALA A 78 7.58 -4.43 -4.71
C ALA A 78 6.43 -5.08 -3.92
N GLY A 79 6.19 -4.57 -2.72
CA GLY A 79 5.14 -5.10 -1.85
C GLY A 79 5.51 -6.49 -1.34
N ILE A 80 4.94 -6.88 -0.21
CA ILE A 80 5.21 -8.18 0.39
C ILE A 80 4.73 -9.30 -0.54
N GLY A 81 4.97 -10.54 -0.13
CA GLY A 81 4.56 -11.70 -0.92
C GLY A 81 5.01 -12.99 -0.26
N VAL A 82 4.61 -13.17 1.00
CA VAL A 82 4.97 -14.37 1.76
C VAL A 82 4.27 -15.59 1.15
N SER A 83 4.95 -16.26 0.22
CA SER A 83 4.39 -17.45 -0.44
C SER A 83 4.34 -18.63 0.54
N LEU A 84 5.12 -18.53 1.61
CA LEU A 84 5.16 -19.58 2.62
C LEU A 84 3.79 -19.75 3.28
N GLU A 85 3.12 -18.62 3.55
CA GLU A 85 1.80 -18.65 4.18
C GLU A 85 1.84 -19.43 5.49
N HIS A 86 2.06 -18.73 6.61
CA HIS A 86 2.13 -19.39 7.92
C HIS A 86 3.16 -20.51 7.91
N HIS A 87 3.31 -21.21 9.04
CA HIS A 87 4.25 -22.31 9.14
C HIS A 87 3.86 -23.45 8.20
N HIS A 88 2.57 -23.77 8.17
CA HIS A 88 2.07 -24.83 7.30
C HIS A 88 2.29 -24.47 5.83
N HIS A 89 2.60 -25.48 5.02
CA HIS A 89 2.83 -25.26 3.59
C HIS A 89 2.86 -26.61 2.86
N HIS A 90 1.92 -26.81 1.93
CA HIS A 90 1.86 -28.05 1.16
C HIS A 90 1.84 -29.28 2.09
N HIS A 91 0.65 -29.62 2.58
CA HIS A 91 0.50 -30.77 3.48
C HIS A 91 -0.98 -31.11 3.65
N ASN A 1 -2.80 -7.30 5.94
CA ASN A 1 -3.55 -6.02 5.80
C ASN A 1 -5.04 -6.35 5.68
N GLY A 2 -5.45 -6.85 4.51
CA GLY A 2 -6.85 -7.20 4.26
C GLY A 2 -7.76 -6.00 4.50
N ILE A 3 -7.76 -5.06 3.54
CA ILE A 3 -8.59 -3.82 3.63
C ILE A 3 -8.69 -3.28 5.06
N TYR A 4 -7.63 -3.52 5.85
CA TYR A 4 -7.56 -3.03 7.23
C TYR A 4 -6.09 -2.98 7.67
N ALA A 5 -5.60 -1.76 7.92
CA ALA A 5 -4.22 -1.56 8.36
C ALA A 5 -4.10 -1.98 9.82
N SER A 6 -2.87 -2.14 10.30
CA SER A 6 -2.64 -2.54 11.69
C SER A 6 -1.17 -2.34 12.06
N SER A 7 -0.28 -2.79 11.18
CA SER A 7 1.15 -2.67 11.41
C SER A 7 1.92 -3.09 10.16
N VAL A 8 2.64 -2.14 9.55
CA VAL A 8 3.43 -2.39 8.32
C VAL A 8 4.84 -1.82 8.49
N VAL A 9 5.82 -2.44 7.81
CA VAL A 9 7.21 -1.98 7.87
C VAL A 9 7.33 -0.56 7.32
N GLU A 10 8.20 0.26 7.94
CA GLU A 10 8.41 1.66 7.52
C GLU A 10 9.65 1.77 6.64
N ASN A 11 9.44 1.95 5.35
CA ASN A 11 10.55 2.06 4.40
C ASN A 11 10.17 2.93 3.21
N MET A 12 9.13 3.77 3.40
CA MET A 12 8.63 4.67 2.35
C MET A 12 8.49 6.09 2.93
N PRO A 13 8.13 7.07 2.13
CA PRO A 13 7.95 8.48 2.62
C PRO A 13 6.89 8.60 3.72
N ALA A 14 5.91 7.70 3.68
CA ALA A 14 4.81 7.71 4.66
C ALA A 14 4.21 9.12 4.83
N LYS A 15 4.59 10.04 3.92
CA LYS A 15 4.13 11.43 3.97
C LYS A 15 2.70 11.56 3.42
N GLY A 16 1.79 11.96 4.29
CA GLY A 16 0.40 12.16 3.88
C GLY A 16 -0.30 10.84 3.61
N LYS A 17 0.44 9.71 3.59
CA LYS A 17 -0.15 8.39 3.34
C LYS A 17 0.42 7.42 4.37
N ILE A 18 -0.38 7.03 5.36
CA ILE A 18 0.06 6.09 6.40
C ILE A 18 -0.96 4.99 6.58
N GLU A 19 -0.50 3.85 7.09
CA GLU A 19 -1.34 2.68 7.35
C GLU A 19 -0.95 2.08 8.70
N VAL A 20 -1.79 2.32 9.71
CA VAL A 20 -1.59 1.81 11.08
C VAL A 20 -2.94 1.82 11.79
N GLY A 21 -3.78 0.84 11.47
CA GLY A 21 -5.12 0.75 12.06
C GLY A 21 -6.12 1.57 11.25
N ASP A 22 -5.60 2.49 10.42
CA ASP A 22 -6.44 3.34 9.59
C ASP A 22 -7.25 2.46 8.61
N LYS A 23 -8.40 2.97 8.18
CA LYS A 23 -9.29 2.25 7.24
C LYS A 23 -9.29 2.92 5.88
N ILE A 24 -9.31 2.12 4.80
CA ILE A 24 -9.32 2.62 3.42
C ILE A 24 -10.72 2.40 2.82
N ILE A 25 -11.32 3.48 2.29
CA ILE A 25 -12.65 3.42 1.67
C ILE A 25 -12.53 2.94 0.23
N SER A 26 -11.57 3.53 -0.50
CA SER A 26 -11.36 3.19 -1.91
C SER A 26 -10.03 3.76 -2.39
N ALA A 27 -9.50 3.19 -3.48
CA ALA A 27 -8.23 3.63 -4.08
C ALA A 27 -8.48 4.12 -5.51
N ASP A 28 -7.92 5.28 -5.87
CA ASP A 28 -8.11 5.84 -7.21
C ASP A 28 -9.60 6.03 -7.52
N GLY A 29 -10.38 6.38 -6.50
CA GLY A 29 -11.81 6.58 -6.70
C GLY A 29 -12.50 5.27 -7.07
N LYS A 30 -11.73 4.19 -7.18
CA LYS A 30 -12.28 2.86 -7.55
C LYS A 30 -12.50 2.01 -6.29
N ASN A 31 -13.72 1.49 -6.14
CA ASN A 31 -14.07 0.65 -4.99
C ASN A 31 -13.73 -0.81 -5.29
N TYR A 32 -13.71 -1.65 -4.26
CA TYR A 32 -13.41 -3.08 -4.42
C TYR A 32 -14.17 -3.90 -3.37
N GLN A 33 -14.91 -4.92 -3.82
CA GLN A 33 -15.68 -5.76 -2.91
C GLN A 33 -14.74 -6.64 -2.08
N SER A 34 -14.08 -7.59 -2.75
CA SER A 34 -13.15 -8.51 -2.10
C SER A 34 -11.77 -7.85 -1.95
N ALA A 35 -11.12 -8.09 -0.82
CA ALA A 35 -9.81 -7.52 -0.56
C ALA A 35 -8.79 -7.97 -1.60
N GLU A 36 -8.93 -9.21 -2.03
CA GLU A 36 -8.01 -9.79 -3.02
C GLU A 36 -7.92 -8.91 -4.26
N LYS A 37 -9.06 -8.35 -4.65
CA LYS A 37 -9.11 -7.46 -5.82
C LYS A 37 -8.26 -6.21 -5.58
N LEU A 38 -8.31 -5.66 -4.36
CA LEU A 38 -7.54 -4.46 -4.04
C LEU A 38 -6.04 -4.75 -4.15
N ILE A 39 -5.60 -5.91 -3.63
CA ILE A 39 -4.19 -6.27 -3.69
C ILE A 39 -3.76 -6.39 -5.15
N ASP A 40 -4.55 -7.12 -5.94
CA ASP A 40 -4.23 -7.32 -7.36
C ASP A 40 -4.23 -5.98 -8.10
N TYR A 41 -5.12 -5.07 -7.73
CA TYR A 41 -5.21 -3.77 -8.40
C TYR A 41 -3.86 -3.04 -8.33
N ILE A 42 -3.21 -3.08 -7.16
CA ILE A 42 -1.89 -2.44 -7.03
C ILE A 42 -0.90 -3.11 -7.97
N SER A 43 -0.94 -4.45 -8.02
CA SER A 43 -0.04 -5.21 -8.91
C SER A 43 1.42 -4.81 -8.66
N SER A 44 1.66 -4.24 -7.49
CA SER A 44 3.00 -3.80 -7.10
C SER A 44 3.47 -2.66 -7.99
N LYS A 45 2.55 -2.03 -8.73
CA LYS A 45 2.92 -0.92 -9.62
C LYS A 45 3.33 0.30 -8.80
N LYS A 46 4.34 0.14 -7.93
CA LYS A 46 4.84 1.24 -7.09
C LYS A 46 6.26 1.59 -7.47
N ALA A 47 6.46 2.88 -7.85
CA ALA A 47 7.77 3.44 -8.26
C ALA A 47 7.59 4.43 -9.42
N GLY A 48 7.46 5.73 -9.09
CA GLY A 48 7.32 6.78 -10.10
C GLY A 48 5.85 7.02 -10.46
N ASP A 49 5.07 5.93 -10.50
CA ASP A 49 3.65 6.05 -10.82
C ASP A 49 2.93 6.82 -9.72
N LYS A 50 1.87 7.55 -10.08
CA LYS A 50 1.08 8.35 -9.11
C LYS A 50 -0.32 7.76 -8.97
N VAL A 51 -0.90 7.94 -7.79
CA VAL A 51 -2.25 7.43 -7.52
C VAL A 51 -2.81 8.13 -6.27
N THR A 52 -4.15 8.16 -6.17
CA THR A 52 -4.84 8.78 -5.04
C THR A 52 -5.43 7.69 -4.12
N LEU A 53 -5.02 7.69 -2.84
CA LEU A 53 -5.52 6.74 -1.84
C LEU A 53 -6.36 7.51 -0.82
N LYS A 54 -7.58 7.02 -0.56
CA LYS A 54 -8.47 7.66 0.40
C LYS A 54 -8.27 7.01 1.77
N ILE A 55 -7.95 7.84 2.77
CA ILE A 55 -7.71 7.36 4.15
C ILE A 55 -8.64 8.09 5.11
N GLU A 56 -8.81 7.50 6.29
CA GLU A 56 -9.67 8.06 7.36
C GLU A 56 -8.90 8.07 8.67
N ARG A 57 -8.97 9.20 9.40
CA ARG A 57 -8.30 9.36 10.70
C ARG A 57 -9.21 10.16 11.63
N GLU A 58 -9.43 9.66 12.84
CA GLU A 58 -10.26 10.32 13.84
C GLU A 58 -11.57 10.87 13.21
N GLU A 59 -12.23 10.02 12.44
CA GLU A 59 -13.49 10.40 11.76
C GLU A 59 -13.27 11.58 10.80
N LYS A 60 -12.03 11.76 10.31
CA LYS A 60 -11.69 12.85 9.36
C LYS A 60 -10.90 12.27 8.18
N GLU A 61 -11.31 12.64 6.96
CA GLU A 61 -10.65 12.17 5.74
C GLU A 61 -9.52 13.12 5.36
N LYS A 62 -8.58 12.62 4.54
CA LYS A 62 -7.43 13.42 4.09
C LYS A 62 -7.15 13.13 2.61
N ARG A 63 -6.70 14.15 1.88
CA ARG A 63 -6.39 14.02 0.45
C ARG A 63 -5.01 14.61 0.16
N VAL A 64 -4.07 13.76 -0.27
CA VAL A 64 -2.70 14.18 -0.59
C VAL A 64 -2.22 13.41 -1.82
N THR A 65 -1.47 14.08 -2.70
CA THR A 65 -0.93 13.45 -3.91
C THR A 65 0.57 13.21 -3.71
N LEU A 66 0.97 11.93 -3.74
CA LEU A 66 2.39 11.53 -3.58
C LEU A 66 2.77 10.52 -4.66
N THR A 67 4.07 10.33 -4.84
CA THR A 67 4.59 9.37 -5.83
C THR A 67 4.96 8.07 -5.12
N LEU A 68 4.45 6.94 -5.63
CA LEU A 68 4.74 5.64 -5.02
C LEU A 68 6.26 5.41 -4.96
N LYS A 69 6.68 4.39 -4.19
CA LYS A 69 8.12 4.04 -4.05
C LYS A 69 8.30 2.52 -3.99
N GLN A 70 9.57 2.10 -4.10
CA GLN A 70 9.95 0.68 -4.07
C GLN A 70 11.11 0.47 -3.08
N PHE A 71 11.08 -0.68 -2.40
CA PHE A 71 12.12 -1.03 -1.41
C PHE A 71 13.54 -0.65 -1.92
N PRO A 72 14.45 -0.19 -1.07
CA PRO A 72 15.83 0.22 -1.52
C PRO A 72 16.75 -0.96 -1.90
N ASP A 73 17.07 -1.83 -0.93
CA ASP A 73 17.99 -2.96 -1.15
C ASP A 73 17.28 -4.13 -1.86
N GLU A 74 16.11 -3.85 -2.43
CA GLU A 74 15.34 -4.89 -3.16
C GLU A 74 14.60 -4.25 -4.35
N PRO A 75 15.31 -3.70 -5.32
CA PRO A 75 14.66 -3.05 -6.52
C PRO A 75 13.98 -4.08 -7.43
N ASP A 76 14.41 -5.33 -7.32
CA ASP A 76 13.86 -6.42 -8.13
C ASP A 76 12.43 -6.75 -7.67
N ARG A 77 12.21 -6.65 -6.35
CA ARG A 77 10.90 -6.93 -5.74
C ARG A 77 10.27 -5.63 -5.25
N ALA A 78 8.94 -5.56 -5.35
CA ALA A 78 8.18 -4.38 -4.92
C ALA A 78 6.91 -4.81 -4.17
N GLY A 79 6.64 -4.16 -3.04
CA GLY A 79 5.45 -4.47 -2.25
C GLY A 79 5.50 -5.90 -1.75
N ILE A 80 4.38 -6.36 -1.18
CA ILE A 80 4.29 -7.73 -0.65
C ILE A 80 4.12 -8.70 -1.83
N GLY A 81 4.94 -9.76 -1.84
CA GLY A 81 4.86 -10.76 -2.91
C GLY A 81 5.24 -10.14 -4.25
N VAL A 82 5.08 -10.94 -5.32
CA VAL A 82 5.40 -10.48 -6.68
C VAL A 82 4.62 -11.31 -7.71
N SER A 83 4.29 -10.69 -8.84
CA SER A 83 3.55 -11.36 -9.90
C SER A 83 3.54 -10.51 -11.17
N LEU A 84 3.98 -9.26 -11.06
CA LEU A 84 4.03 -8.35 -12.20
C LEU A 84 5.15 -8.77 -13.15
N GLU A 85 4.87 -9.73 -14.03
CA GLU A 85 5.87 -10.20 -14.99
C GLU A 85 6.12 -9.14 -16.05
N HIS A 86 7.01 -8.20 -15.74
CA HIS A 86 7.35 -7.11 -16.67
C HIS A 86 8.74 -6.58 -16.36
N HIS A 87 9.44 -6.12 -17.41
CA HIS A 87 10.79 -5.58 -17.26
C HIS A 87 10.75 -4.27 -16.47
N HIS A 88 11.76 -4.06 -15.62
CA HIS A 88 11.84 -2.85 -14.81
C HIS A 88 11.97 -1.62 -15.71
N HIS A 89 11.29 -0.53 -15.35
CA HIS A 89 11.35 0.70 -16.14
C HIS A 89 12.76 1.28 -16.10
N HIS A 90 13.14 1.98 -17.18
CA HIS A 90 14.46 2.59 -17.26
C HIS A 90 14.51 3.56 -18.44
N HIS A 91 13.98 3.13 -19.59
CA HIS A 91 13.98 3.97 -20.79
C HIS A 91 15.39 4.44 -21.15
N ASN A 1 -7.05 -7.54 5.26
CA ASN A 1 -5.63 -7.20 4.95
C ASN A 1 -5.60 -5.93 4.09
N GLY A 2 -6.12 -6.02 2.87
CA GLY A 2 -6.13 -4.87 1.97
C GLY A 2 -6.99 -3.74 2.55
N ILE A 3 -8.22 -4.08 2.93
CA ILE A 3 -9.14 -3.09 3.49
C ILE A 3 -8.73 -2.73 4.91
N TYR A 4 -7.78 -3.49 5.46
CA TYR A 4 -7.30 -3.24 6.82
C TYR A 4 -5.80 -3.59 6.93
N ALA A 5 -4.95 -2.56 6.94
CA ALA A 5 -3.51 -2.78 7.04
C ALA A 5 -3.14 -3.25 8.45
N SER A 6 -2.29 -4.28 8.52
CA SER A 6 -1.84 -4.84 9.81
C SER A 6 -0.49 -4.27 10.22
N SER A 7 0.39 -4.09 9.24
CA SER A 7 1.71 -3.53 9.48
C SER A 7 2.40 -3.25 8.16
N VAL A 8 3.31 -2.27 8.17
CA VAL A 8 4.07 -1.88 6.97
C VAL A 8 5.49 -1.46 7.35
N VAL A 9 6.41 -1.59 6.39
CA VAL A 9 7.82 -1.20 6.62
C VAL A 9 8.00 0.30 6.40
N GLU A 10 8.73 0.96 7.28
CA GLU A 10 8.96 2.40 7.16
C GLU A 10 9.70 2.70 5.83
N ASN A 11 10.35 3.85 5.76
CA ASN A 11 11.09 4.27 4.57
C ASN A 11 10.17 4.43 3.35
N MET A 12 8.93 4.90 3.56
CA MET A 12 7.93 5.08 2.48
C MET A 12 7.45 6.56 2.53
N PRO A 13 6.72 7.04 1.53
CA PRO A 13 6.21 8.45 1.52
C PRO A 13 5.51 8.86 2.84
N ALA A 14 5.31 7.89 3.76
CA ALA A 14 4.68 8.09 5.10
C ALA A 14 3.95 9.43 5.28
N LYS A 15 4.66 10.52 5.10
CA LYS A 15 4.07 11.85 5.24
C LYS A 15 2.96 12.06 4.22
N GLY A 16 1.72 12.06 4.68
CA GLY A 16 0.56 12.27 3.82
C GLY A 16 -0.08 10.95 3.42
N LYS A 17 0.70 9.85 3.37
CA LYS A 17 0.17 8.52 3.03
C LYS A 17 0.66 7.54 4.07
N ILE A 18 -0.24 7.06 4.93
CA ILE A 18 0.08 6.09 5.99
C ILE A 18 -0.83 4.88 5.85
N GLU A 19 -0.34 3.72 6.29
CA GLU A 19 -1.12 2.48 6.25
C GLU A 19 -0.80 1.64 7.49
N VAL A 20 -1.77 1.54 8.39
CA VAL A 20 -1.61 0.78 9.65
C VAL A 20 -2.94 0.71 10.39
N GLY A 21 -3.78 -0.23 9.99
CA GLY A 21 -5.10 -0.42 10.61
C GLY A 21 -6.10 0.56 10.02
N ASP A 22 -5.58 1.69 9.50
CA ASP A 22 -6.44 2.71 8.92
C ASP A 22 -7.28 2.13 7.79
N LYS A 23 -8.56 2.48 7.76
CA LYS A 23 -9.47 1.98 6.73
C LYS A 23 -9.35 2.84 5.47
N ILE A 24 -9.28 2.16 4.33
CA ILE A 24 -9.15 2.81 3.01
C ILE A 24 -10.52 2.72 2.31
N ILE A 25 -11.10 3.88 1.97
CA ILE A 25 -12.41 3.92 1.31
C ILE A 25 -12.29 3.37 -0.12
N SER A 26 -11.26 3.82 -0.84
CA SER A 26 -11.02 3.40 -2.22
C SER A 26 -9.64 3.85 -2.67
N ALA A 27 -9.14 3.27 -3.78
CA ALA A 27 -7.82 3.63 -4.35
C ALA A 27 -8.00 4.03 -5.82
N ASP A 28 -7.42 5.16 -6.21
CA ASP A 28 -7.52 5.64 -7.58
C ASP A 28 -8.99 5.78 -8.01
N GLY A 29 -9.86 6.17 -7.09
CA GLY A 29 -11.28 6.33 -7.40
C GLY A 29 -11.95 4.99 -7.70
N LYS A 30 -11.15 3.91 -7.65
CA LYS A 30 -11.65 2.55 -7.92
C LYS A 30 -11.90 1.80 -6.61
N ASN A 31 -13.07 1.16 -6.51
CA ASN A 31 -13.46 0.38 -5.32
C ASN A 31 -12.98 -1.07 -5.46
N TYR A 32 -12.97 -1.80 -4.35
CA TYR A 32 -12.53 -3.20 -4.35
C TYR A 32 -13.20 -3.95 -3.20
N GLN A 33 -14.20 -4.76 -3.52
CA GLN A 33 -14.92 -5.52 -2.51
C GLN A 33 -13.97 -6.53 -1.85
N SER A 34 -13.15 -7.18 -2.68
CA SER A 34 -12.17 -8.17 -2.21
C SER A 34 -10.85 -7.47 -1.82
N ALA A 35 -10.47 -7.60 -0.55
CA ALA A 35 -9.26 -6.97 -0.04
C ALA A 35 -8.02 -7.49 -0.76
N GLU A 36 -8.01 -8.78 -1.07
CA GLU A 36 -6.88 -9.40 -1.76
C GLU A 36 -6.62 -8.70 -3.11
N LYS A 37 -7.69 -8.30 -3.79
CA LYS A 37 -7.58 -7.61 -5.08
C LYS A 37 -6.93 -6.23 -4.91
N LEU A 38 -7.28 -5.51 -3.83
CA LEU A 38 -6.73 -4.17 -3.62
C LEU A 38 -5.20 -4.20 -3.57
N ILE A 39 -4.67 -5.11 -2.77
CA ILE A 39 -3.22 -5.22 -2.63
C ILE A 39 -2.61 -5.62 -3.97
N ASP A 40 -3.21 -6.62 -4.61
CA ASP A 40 -2.71 -7.09 -5.90
C ASP A 40 -2.82 -5.99 -6.96
N TYR A 41 -3.91 -5.22 -6.93
CA TYR A 41 -4.11 -4.15 -7.90
C TYR A 41 -3.01 -3.09 -7.79
N ILE A 42 -2.81 -2.55 -6.59
CA ILE A 42 -1.80 -1.51 -6.38
C ILE A 42 -0.40 -2.11 -6.54
N SER A 43 -0.17 -3.27 -5.91
CA SER A 43 1.14 -3.94 -5.98
C SER A 43 1.57 -4.21 -7.41
N SER A 44 0.58 -4.40 -8.29
CA SER A 44 0.85 -4.67 -9.70
C SER A 44 1.21 -3.39 -10.44
N LYS A 45 1.19 -2.24 -9.72
CA LYS A 45 1.51 -0.95 -10.34
C LYS A 45 2.18 0.01 -9.34
N LYS A 46 3.19 -0.45 -8.58
CA LYS A 46 3.91 0.42 -7.62
C LYS A 46 5.19 0.96 -8.28
N ALA A 47 5.70 2.08 -7.78
CA ALA A 47 6.92 2.70 -8.29
C ALA A 47 6.70 3.32 -9.68
N GLY A 48 6.47 4.64 -9.69
CA GLY A 48 6.28 5.41 -10.93
C GLY A 48 4.81 5.80 -11.10
N ASP A 49 3.92 4.81 -11.06
CA ASP A 49 2.49 5.08 -11.22
C ASP A 49 1.96 5.81 -9.99
N LYS A 50 1.04 6.75 -10.20
CA LYS A 50 0.41 7.52 -9.12
C LYS A 50 -1.02 7.04 -8.93
N VAL A 51 -1.53 7.16 -7.71
CA VAL A 51 -2.89 6.75 -7.38
C VAL A 51 -3.42 7.62 -6.26
N THR A 52 -4.74 7.76 -6.20
CA THR A 52 -5.40 8.55 -5.16
C THR A 52 -5.86 7.61 -4.05
N LEU A 53 -5.29 7.74 -2.84
CA LEU A 53 -5.67 6.86 -1.71
C LEU A 53 -6.44 7.66 -0.65
N LYS A 54 -7.67 7.21 -0.36
CA LYS A 54 -8.53 7.88 0.63
C LYS A 54 -8.29 7.25 2.01
N ILE A 55 -8.05 8.11 3.01
CA ILE A 55 -7.80 7.65 4.39
C ILE A 55 -8.67 8.44 5.34
N GLU A 56 -8.89 7.85 6.52
CA GLU A 56 -9.70 8.46 7.58
C GLU A 56 -8.96 8.39 8.92
N ARG A 57 -8.96 9.52 9.65
CA ARG A 57 -8.28 9.59 10.96
C ARG A 57 -9.12 10.48 11.90
N GLU A 58 -9.37 10.00 13.11
CA GLU A 58 -10.14 10.76 14.11
C GLU A 58 -11.44 11.32 13.49
N GLU A 59 -12.14 10.50 12.71
CA GLU A 59 -13.41 10.91 12.06
C GLU A 59 -13.16 11.95 10.94
N LYS A 60 -11.90 12.31 10.69
CA LYS A 60 -11.55 13.30 9.66
C LYS A 60 -10.99 12.57 8.47
N GLU A 61 -10.96 13.25 7.34
CA GLU A 61 -10.44 12.70 6.08
C GLU A 61 -9.45 13.68 5.47
N LYS A 62 -8.35 13.14 4.90
CA LYS A 62 -7.31 13.96 4.27
C LYS A 62 -6.99 13.40 2.90
N ARG A 63 -6.62 14.29 1.98
CA ARG A 63 -6.29 13.92 0.59
C ARG A 63 -4.97 14.55 0.17
N VAL A 64 -4.11 13.76 -0.48
CA VAL A 64 -2.81 14.24 -0.93
C VAL A 64 -2.34 13.43 -2.12
N THR A 65 -1.57 14.08 -3.00
CA THR A 65 -1.02 13.41 -4.19
C THR A 65 0.43 13.00 -3.92
N LEU A 66 0.70 11.69 -3.94
CA LEU A 66 2.06 11.15 -3.72
C LEU A 66 2.34 10.05 -4.72
N THR A 67 3.62 9.72 -4.87
CA THR A 67 4.08 8.67 -5.79
C THR A 67 4.35 7.38 -5.01
N LEU A 68 3.96 6.25 -5.59
CA LEU A 68 4.16 4.96 -4.95
C LEU A 68 5.65 4.68 -4.82
N LYS A 69 6.01 3.66 -4.01
CA LYS A 69 7.42 3.29 -3.80
C LYS A 69 7.55 1.76 -3.83
N GLN A 70 8.81 1.29 -3.75
CA GLN A 70 9.13 -0.14 -3.78
C GLN A 70 10.10 -0.46 -2.65
N PHE A 71 10.00 -1.68 -2.12
CA PHE A 71 10.85 -2.12 -1.00
C PHE A 71 12.33 -1.62 -1.21
N PRO A 72 12.79 -0.60 -0.46
CA PRO A 72 14.19 -0.08 -0.64
C PRO A 72 15.27 -1.17 -0.50
N ASP A 73 14.88 -2.34 0.00
CA ASP A 73 15.81 -3.47 0.19
C ASP A 73 15.59 -4.52 -0.90
N GLU A 74 14.87 -4.14 -1.96
CA GLU A 74 14.60 -5.05 -3.08
C GLU A 74 14.08 -4.26 -4.31
N PRO A 75 14.91 -3.44 -4.94
CA PRO A 75 14.46 -2.64 -6.13
C PRO A 75 14.14 -3.54 -7.34
N ASP A 76 14.62 -4.78 -7.30
CA ASP A 76 14.37 -5.73 -8.38
C ASP A 76 12.91 -6.18 -8.36
N ARG A 77 12.18 -5.85 -7.28
CA ARG A 77 10.76 -6.23 -7.12
C ARG A 77 9.98 -5.05 -6.54
N ALA A 78 8.66 -5.08 -6.70
CA ALA A 78 7.77 -4.02 -6.18
C ALA A 78 6.55 -4.64 -5.51
N GLY A 79 6.22 -4.16 -4.32
CA GLY A 79 5.07 -4.66 -3.57
C GLY A 79 5.29 -6.09 -3.10
N ILE A 80 6.42 -6.68 -3.47
CA ILE A 80 6.78 -8.07 -3.09
C ILE A 80 8.21 -8.08 -2.53
N GLY A 81 8.39 -8.73 -1.39
CA GLY A 81 9.71 -8.82 -0.76
C GLY A 81 9.64 -9.62 0.54
N VAL A 82 9.40 -10.93 0.41
CA VAL A 82 9.30 -11.82 1.57
C VAL A 82 10.70 -12.15 2.11
N SER A 83 11.68 -11.31 1.75
CA SER A 83 13.06 -11.52 2.20
C SER A 83 13.19 -11.18 3.68
N LEU A 84 12.34 -11.80 4.50
CA LEU A 84 12.34 -11.58 5.95
C LEU A 84 13.61 -12.19 6.55
N GLU A 85 14.05 -11.63 7.68
CA GLU A 85 15.25 -12.12 8.37
C GLU A 85 16.45 -12.14 7.42
N HIS A 86 16.80 -10.97 6.90
CA HIS A 86 17.93 -10.84 5.97
C HIS A 86 19.25 -11.11 6.69
N HIS A 87 19.22 -11.04 8.02
CA HIS A 87 20.42 -11.27 8.83
C HIS A 87 20.90 -12.72 8.64
N HIS A 88 22.18 -12.88 8.26
CA HIS A 88 22.75 -14.19 8.03
C HIS A 88 24.27 -14.09 7.88
N HIS A 89 24.75 -12.89 7.52
CA HIS A 89 26.18 -12.66 7.34
C HIS A 89 26.90 -12.69 8.68
N HIS A 90 26.14 -12.53 9.76
CA HIS A 90 26.70 -12.53 11.12
C HIS A 90 27.84 -11.50 11.24
N HIS A 91 29.07 -11.93 10.91
CA HIS A 91 30.22 -11.03 10.97
C HIS A 91 30.05 -9.87 10.00
N ASN A 1 -2.47 -6.33 6.09
CA ASN A 1 -2.30 -5.95 4.66
C ASN A 1 -3.67 -5.95 3.98
N GLY A 2 -3.68 -5.64 2.68
CA GLY A 2 -4.93 -5.60 1.92
C GLY A 2 -5.87 -4.52 2.45
N ILE A 3 -7.14 -4.88 2.64
CA ILE A 3 -8.13 -3.94 3.16
C ILE A 3 -7.79 -3.52 4.59
N TYR A 4 -7.03 -4.36 5.30
CA TYR A 4 -6.59 -4.08 6.69
C TYR A 4 -5.10 -3.75 6.70
N ALA A 5 -4.64 -3.18 7.81
CA ALA A 5 -3.24 -2.79 7.98
C ALA A 5 -2.83 -2.96 9.45
N SER A 6 -1.54 -3.24 9.65
CA SER A 6 -0.97 -3.42 11.00
C SER A 6 0.17 -2.43 11.18
N SER A 7 1.20 -2.58 10.35
CA SER A 7 2.38 -1.70 10.42
C SER A 7 3.29 -1.94 9.22
N VAL A 8 3.90 -0.85 8.72
CA VAL A 8 4.81 -0.93 7.55
C VAL A 8 6.06 -0.09 7.80
N VAL A 9 7.21 -0.57 7.31
CA VAL A 9 8.48 0.14 7.50
C VAL A 9 8.42 1.53 6.86
N GLU A 10 8.98 2.53 7.54
CA GLU A 10 9.00 3.90 7.03
C GLU A 10 9.99 3.99 5.86
N ASN A 11 10.63 5.17 5.72
CA ASN A 11 11.59 5.43 4.65
C ASN A 11 10.88 5.52 3.30
N MET A 12 9.60 5.95 3.32
CA MET A 12 8.79 6.06 2.07
C MET A 12 8.05 7.43 2.08
N PRO A 13 7.29 7.74 1.04
CA PRO A 13 6.51 9.01 0.95
C PRO A 13 5.64 9.26 2.18
N ALA A 14 5.60 8.28 3.13
CA ALA A 14 4.78 8.31 4.37
C ALA A 14 4.14 9.67 4.67
N LYS A 15 4.89 10.74 4.41
CA LYS A 15 4.35 12.08 4.58
C LYS A 15 3.09 12.23 3.70
N GLY A 16 1.98 12.65 4.31
CA GLY A 16 0.70 12.79 3.58
C GLY A 16 -0.09 11.48 3.50
N LYS A 17 0.57 10.32 3.74
CA LYS A 17 -0.11 9.00 3.70
C LYS A 17 0.44 8.14 4.83
N ILE A 18 -0.39 7.80 5.82
CA ILE A 18 0.02 6.97 6.97
C ILE A 18 -0.72 5.66 6.90
N GLU A 19 -0.03 4.58 7.28
CA GLU A 19 -0.63 3.25 7.30
C GLU A 19 -0.19 2.56 8.59
N VAL A 20 -1.12 2.50 9.56
CA VAL A 20 -0.89 1.88 10.88
C VAL A 20 -2.26 1.61 11.50
N GLY A 21 -2.86 0.49 11.13
CA GLY A 21 -4.17 0.12 11.69
C GLY A 21 -5.28 0.84 10.93
N ASP A 22 -4.89 1.87 10.17
CA ASP A 22 -5.85 2.65 9.41
C ASP A 22 -6.41 1.83 8.25
N LYS A 23 -7.71 1.96 8.02
CA LYS A 23 -8.39 1.24 6.94
C LYS A 23 -8.45 2.11 5.70
N ILE A 24 -8.55 1.46 4.55
CA ILE A 24 -8.62 2.16 3.24
C ILE A 24 -10.06 2.03 2.71
N ILE A 25 -10.72 3.17 2.53
CA ILE A 25 -12.11 3.19 2.04
C ILE A 25 -12.13 2.74 0.59
N SER A 26 -11.19 3.24 -0.22
CA SER A 26 -11.10 2.90 -1.64
C SER A 26 -9.74 3.31 -2.18
N ALA A 27 -9.37 2.72 -3.32
CA ALA A 27 -8.10 2.99 -3.99
C ALA A 27 -8.38 3.62 -5.34
N ASP A 28 -8.36 4.96 -5.40
CA ASP A 28 -8.62 5.71 -6.64
C ASP A 28 -9.77 5.10 -7.45
N GLY A 29 -10.62 4.32 -6.77
CA GLY A 29 -11.73 3.66 -7.41
C GLY A 29 -12.75 3.20 -6.37
N LYS A 30 -13.09 1.91 -6.39
CA LYS A 30 -14.10 1.36 -5.49
C LYS A 30 -13.48 0.87 -4.19
N ASN A 31 -14.33 0.39 -3.27
CA ASN A 31 -13.88 -0.12 -1.97
C ASN A 31 -13.44 -1.57 -2.08
N TYR A 32 -13.76 -2.19 -3.20
CA TYR A 32 -13.41 -3.60 -3.44
C TYR A 32 -13.76 -4.48 -2.22
N GLN A 33 -14.92 -5.13 -2.26
CA GLN A 33 -15.36 -5.97 -1.16
C GLN A 33 -14.36 -7.11 -0.94
N SER A 34 -13.89 -7.69 -2.05
CA SER A 34 -12.91 -8.79 -2.00
C SER A 34 -11.49 -8.23 -1.89
N ALA A 35 -10.79 -8.62 -0.82
CA ALA A 35 -9.42 -8.15 -0.61
C ALA A 35 -8.50 -8.60 -1.73
N GLU A 36 -8.63 -9.86 -2.13
CA GLU A 36 -7.79 -10.41 -3.20
C GLU A 36 -7.85 -9.54 -4.47
N LYS A 37 -9.03 -9.00 -4.78
CA LYS A 37 -9.18 -8.14 -5.95
C LYS A 37 -8.40 -6.83 -5.78
N LEU A 38 -8.46 -6.24 -4.58
CA LEU A 38 -7.76 -4.99 -4.33
C LEU A 38 -6.25 -5.18 -4.50
N ILE A 39 -5.71 -6.26 -3.93
CA ILE A 39 -4.28 -6.52 -4.03
C ILE A 39 -3.89 -6.72 -5.50
N ASP A 40 -4.65 -7.57 -6.19
CA ASP A 40 -4.37 -7.86 -7.60
C ASP A 40 -4.45 -6.58 -8.44
N TYR A 41 -5.40 -5.70 -8.14
CA TYR A 41 -5.56 -4.46 -8.90
C TYR A 41 -4.26 -3.64 -8.84
N ILE A 42 -3.67 -3.51 -7.65
CA ILE A 42 -2.44 -2.74 -7.50
C ILE A 42 -1.31 -3.42 -8.29
N SER A 43 -1.21 -4.74 -8.21
CA SER A 43 -0.15 -5.47 -8.92
C SER A 43 1.22 -4.90 -8.58
N SER A 44 1.27 -4.15 -7.48
CA SER A 44 2.51 -3.54 -7.01
C SER A 44 2.92 -2.35 -7.89
N LYS A 45 1.96 -1.78 -8.64
CA LYS A 45 2.22 -0.65 -9.56
C LYS A 45 2.85 0.54 -8.83
N LYS A 46 3.97 0.32 -8.14
CA LYS A 46 4.65 1.37 -7.39
C LYS A 46 5.98 1.73 -8.06
N ALA A 47 6.38 2.99 -7.90
CA ALA A 47 7.62 3.53 -8.47
C ALA A 47 7.38 4.07 -9.87
N GLY A 48 6.86 5.30 -9.94
CA GLY A 48 6.58 5.98 -11.21
C GLY A 48 5.11 6.37 -11.35
N ASP A 49 4.22 5.38 -11.31
CA ASP A 49 2.78 5.64 -11.46
C ASP A 49 2.24 6.34 -10.20
N LYS A 50 1.28 7.26 -10.41
CA LYS A 50 0.65 8.00 -9.29
C LYS A 50 -0.73 7.42 -9.01
N VAL A 51 -1.16 7.57 -7.75
CA VAL A 51 -2.47 7.07 -7.34
C VAL A 51 -2.91 7.82 -6.08
N THR A 52 -4.23 7.94 -5.91
CA THR A 52 -4.81 8.61 -4.74
C THR A 52 -5.30 7.54 -3.77
N LEU A 53 -4.84 7.60 -2.50
CA LEU A 53 -5.25 6.62 -1.48
C LEU A 53 -6.13 7.32 -0.45
N LYS A 54 -7.33 6.77 -0.22
CA LYS A 54 -8.28 7.34 0.72
C LYS A 54 -8.08 6.73 2.11
N ILE A 55 -7.73 7.58 3.10
CA ILE A 55 -7.50 7.15 4.50
C ILE A 55 -8.50 7.85 5.41
N GLU A 56 -8.80 7.21 6.54
CA GLU A 56 -9.74 7.75 7.54
C GLU A 56 -9.06 7.81 8.91
N ARG A 57 -9.10 8.98 9.56
CA ARG A 57 -8.49 9.19 10.88
C ARG A 57 -9.43 10.02 11.75
N GLU A 58 -9.79 9.49 12.92
CA GLU A 58 -10.69 10.21 13.84
C GLU A 58 -11.94 10.73 13.09
N GLU A 59 -12.48 9.92 12.18
CA GLU A 59 -13.67 10.30 11.41
C GLU A 59 -13.35 11.41 10.39
N LYS A 60 -12.07 11.71 10.21
CA LYS A 60 -11.61 12.75 9.25
C LYS A 60 -10.84 12.10 8.12
N GLU A 61 -10.76 12.80 6.98
CA GLU A 61 -10.05 12.30 5.79
C GLU A 61 -9.12 13.38 5.26
N LYS A 62 -8.08 12.95 4.53
CA LYS A 62 -7.08 13.86 3.95
C LYS A 62 -6.79 13.43 2.53
N ARG A 63 -6.40 14.40 1.69
CA ARG A 63 -6.08 14.16 0.27
C ARG A 63 -4.73 14.80 -0.06
N VAL A 64 -3.79 13.98 -0.55
CA VAL A 64 -2.45 14.46 -0.93
C VAL A 64 -1.99 13.74 -2.19
N THR A 65 -1.38 14.48 -3.12
CA THR A 65 -0.86 13.89 -4.36
C THR A 65 0.64 13.61 -4.19
N LEU A 66 1.00 12.32 -4.23
CA LEU A 66 2.39 11.88 -4.09
C LEU A 66 2.70 10.79 -5.11
N THR A 67 3.98 10.54 -5.33
CA THR A 67 4.43 9.50 -6.27
C THR A 67 4.76 8.24 -5.49
N LEU A 68 4.35 7.08 -6.00
CA LEU A 68 4.63 5.82 -5.32
C LEU A 68 6.14 5.62 -5.22
N LYS A 69 6.58 4.61 -4.45
CA LYS A 69 8.01 4.33 -4.27
C LYS A 69 8.23 2.82 -4.05
N GLN A 70 9.50 2.43 -4.03
CA GLN A 70 9.92 1.04 -3.83
C GLN A 70 11.05 0.93 -2.78
N PHE A 71 10.99 -0.14 -1.99
CA PHE A 71 12.00 -0.37 -0.95
C PHE A 71 13.41 -0.46 -1.57
N PRO A 72 14.45 0.03 -0.93
CA PRO A 72 15.84 -0.02 -1.50
C PRO A 72 16.44 -1.45 -1.48
N ASP A 73 16.30 -2.14 -0.36
CA ASP A 73 16.85 -3.50 -0.22
C ASP A 73 16.12 -4.50 -1.12
N GLU A 74 14.92 -4.13 -1.57
CA GLU A 74 14.10 -5.00 -2.44
C GLU A 74 13.57 -4.19 -3.65
N PRO A 75 14.41 -3.88 -4.63
CA PRO A 75 13.99 -3.08 -5.82
C PRO A 75 13.20 -3.94 -6.82
N ASP A 76 13.16 -5.24 -6.59
CA ASP A 76 12.43 -6.19 -7.46
C ASP A 76 11.00 -6.36 -6.97
N ARG A 77 10.71 -5.85 -5.76
CA ARG A 77 9.35 -5.96 -5.17
C ARG A 77 9.02 -4.70 -4.38
N ALA A 78 7.73 -4.38 -4.29
CA ALA A 78 7.26 -3.20 -3.56
C ALA A 78 5.94 -3.50 -2.82
N GLY A 79 5.62 -2.66 -1.85
CA GLY A 79 4.37 -2.83 -1.07
C GLY A 79 4.47 -4.02 -0.13
N ILE A 80 3.80 -5.13 -0.51
CA ILE A 80 3.80 -6.34 0.31
C ILE A 80 5.21 -6.94 0.38
N GLY A 81 5.56 -7.50 1.55
CA GLY A 81 6.87 -8.11 1.76
C GLY A 81 6.96 -9.44 1.02
N VAL A 82 6.79 -10.54 1.74
CA VAL A 82 6.85 -11.89 1.15
C VAL A 82 5.50 -12.24 0.50
N SER A 83 5.43 -12.16 -0.83
CA SER A 83 4.20 -12.48 -1.54
C SER A 83 3.91 -13.98 -1.45
N LEU A 84 2.65 -14.34 -1.64
CA LEU A 84 2.25 -15.75 -1.57
C LEU A 84 2.69 -16.37 -0.24
N GLU A 85 1.84 -16.21 0.78
CA GLU A 85 2.14 -16.75 2.11
C GLU A 85 2.19 -18.27 2.06
N HIS A 86 1.42 -18.85 1.14
CA HIS A 86 1.36 -20.30 0.99
C HIS A 86 0.95 -20.97 2.31
N HIS A 87 0.65 -22.26 2.25
CA HIS A 87 0.24 -23.00 3.45
C HIS A 87 0.25 -24.50 3.18
N HIS A 88 0.44 -25.29 4.23
CA HIS A 88 0.48 -26.74 4.10
C HIS A 88 -0.93 -27.27 3.80
N HIS A 89 -1.46 -26.92 2.63
CA HIS A 89 -2.80 -27.35 2.24
C HIS A 89 -2.83 -28.87 2.09
N HIS A 90 -1.80 -29.42 1.42
CA HIS A 90 -1.71 -30.86 1.22
C HIS A 90 -0.32 -31.23 0.70
N HIS A 91 0.22 -30.41 -0.21
CA HIS A 91 1.54 -30.65 -0.79
C HIS A 91 1.59 -32.05 -1.44
N ASN A 1 -3.77 -4.97 1.81
CA ASN A 1 -4.20 -4.03 2.88
C ASN A 1 -5.65 -4.33 3.26
N GLY A 2 -6.47 -4.62 2.26
CA GLY A 2 -7.88 -4.92 2.50
C GLY A 2 -8.61 -3.69 3.02
N ILE A 3 -9.90 -3.86 3.36
CA ILE A 3 -10.71 -2.76 3.89
C ILE A 3 -10.19 -2.31 5.26
N TYR A 4 -9.46 -3.21 5.93
CA TYR A 4 -8.87 -2.92 7.25
C TYR A 4 -7.48 -3.56 7.34
N ALA A 5 -6.44 -2.73 7.27
CA ALA A 5 -5.07 -3.23 7.35
C ALA A 5 -4.73 -3.65 8.79
N SER A 6 -4.29 -4.89 8.96
CA SER A 6 -3.95 -5.43 10.29
C SER A 6 -2.47 -5.25 10.58
N SER A 7 -1.69 -5.02 9.53
CA SER A 7 -0.25 -4.83 9.66
C SER A 7 0.32 -4.33 8.34
N VAL A 8 1.58 -3.91 8.36
CA VAL A 8 2.28 -3.41 7.16
C VAL A 8 3.77 -3.70 7.28
N VAL A 9 4.44 -3.81 6.12
CA VAL A 9 5.88 -4.07 6.10
C VAL A 9 6.62 -2.93 6.83
N GLU A 10 7.24 -3.25 7.97
CA GLU A 10 7.97 -2.26 8.78
C GLU A 10 8.81 -1.30 7.95
N ASN A 11 9.41 -1.81 6.88
CA ASN A 11 10.27 -1.00 6.03
C ASN A 11 9.56 -0.58 4.74
N MET A 12 8.73 0.48 4.81
CA MET A 12 7.98 0.97 3.64
C MET A 12 8.04 2.51 3.61
N PRO A 13 7.68 3.15 2.51
CA PRO A 13 7.74 4.65 2.41
C PRO A 13 6.91 5.34 3.47
N ALA A 14 5.82 4.67 3.85
CA ALA A 14 4.86 5.20 4.85
C ALA A 14 4.66 6.73 4.68
N LYS A 15 5.06 7.25 3.50
CA LYS A 15 4.99 8.67 3.20
C LYS A 15 3.55 9.04 2.89
N GLY A 16 2.98 9.95 3.68
CA GLY A 16 1.61 10.39 3.48
C GLY A 16 0.62 9.23 3.31
N LYS A 17 1.09 7.97 3.40
CA LYS A 17 0.26 6.78 3.22
C LYS A 17 0.48 5.86 4.42
N ILE A 18 -0.50 5.81 5.32
CA ILE A 18 -0.44 4.95 6.51
C ILE A 18 -1.60 3.96 6.45
N GLU A 19 -1.33 2.74 6.86
CA GLU A 19 -2.33 1.68 6.90
C GLU A 19 -2.05 0.82 8.12
N VAL A 20 -2.86 1.00 9.15
CA VAL A 20 -2.76 0.23 10.40
C VAL A 20 -4.08 0.41 11.16
N GLY A 21 -5.07 -0.42 10.83
CA GLY A 21 -6.37 -0.35 11.50
C GLY A 21 -7.26 0.70 10.84
N ASP A 22 -6.66 1.52 9.98
CA ASP A 22 -7.41 2.58 9.28
C ASP A 22 -8.29 1.96 8.21
N LYS A 23 -9.09 2.81 7.53
CA LYS A 23 -10.00 2.35 6.47
C LYS A 23 -9.70 3.09 5.16
N ILE A 24 -9.81 2.35 4.06
CA ILE A 24 -9.57 2.87 2.70
C ILE A 24 -10.91 3.04 1.98
N ILE A 25 -11.24 4.28 1.62
CA ILE A 25 -12.50 4.60 0.94
C ILE A 25 -12.49 4.03 -0.47
N SER A 26 -11.36 4.18 -1.17
CA SER A 26 -11.21 3.71 -2.55
C SER A 26 -9.75 3.78 -2.99
N ALA A 27 -9.45 3.13 -4.13
CA ALA A 27 -8.09 3.11 -4.70
C ALA A 27 -8.18 3.48 -6.19
N ASP A 28 -7.28 4.36 -6.65
CA ASP A 28 -7.28 4.81 -8.06
C ASP A 28 -8.68 5.25 -8.52
N GLY A 29 -9.51 5.69 -7.58
CA GLY A 29 -10.88 6.15 -7.90
C GLY A 29 -11.85 4.98 -7.95
N LYS A 30 -11.31 3.75 -7.96
CA LYS A 30 -12.14 2.54 -8.01
C LYS A 30 -12.55 2.15 -6.58
N ASN A 31 -13.84 1.89 -6.41
CA ASN A 31 -14.40 1.50 -5.11
C ASN A 31 -14.39 -0.03 -4.99
N TYR A 32 -14.30 -0.51 -3.75
CA TYR A 32 -14.29 -1.95 -3.47
C TYR A 32 -15.05 -2.25 -2.18
N GLN A 33 -16.02 -3.16 -2.24
CA GLN A 33 -16.83 -3.51 -1.07
C GLN A 33 -16.05 -4.45 -0.16
N SER A 34 -15.94 -5.72 -0.57
CA SER A 34 -15.22 -6.73 0.21
C SER A 34 -13.72 -6.65 -0.04
N ALA A 35 -12.94 -6.88 1.01
CA ALA A 35 -11.47 -6.82 0.93
C ALA A 35 -10.95 -7.73 -0.20
N GLU A 36 -11.64 -8.85 -0.40
CA GLU A 36 -11.26 -9.83 -1.41
C GLU A 36 -11.14 -9.17 -2.78
N LYS A 37 -12.09 -8.30 -3.08
CA LYS A 37 -12.09 -7.59 -4.35
C LYS A 37 -10.88 -6.65 -4.43
N LEU A 38 -10.61 -5.88 -3.38
CA LEU A 38 -9.48 -4.94 -3.39
C LEU A 38 -8.17 -5.68 -3.61
N ILE A 39 -8.02 -6.82 -2.94
CA ILE A 39 -6.79 -7.62 -3.09
C ILE A 39 -6.68 -8.09 -4.55
N ASP A 40 -7.79 -8.58 -5.09
CA ASP A 40 -7.78 -9.08 -6.47
C ASP A 40 -7.40 -7.97 -7.44
N TYR A 41 -7.84 -6.73 -7.18
CA TYR A 41 -7.52 -5.61 -8.08
C TYR A 41 -5.99 -5.42 -8.18
N ILE A 42 -5.30 -5.35 -7.05
CA ILE A 42 -3.85 -5.18 -7.07
C ILE A 42 -3.19 -6.36 -7.80
N SER A 43 -3.57 -7.58 -7.42
CA SER A 43 -3.03 -8.80 -8.05
C SER A 43 -1.50 -8.79 -8.07
N SER A 44 -0.91 -8.10 -7.09
CA SER A 44 0.54 -7.98 -6.98
C SER A 44 1.03 -6.93 -7.99
N LYS A 45 1.10 -5.67 -7.53
CA LYS A 45 1.59 -4.54 -8.36
C LYS A 45 2.26 -3.48 -7.48
N LYS A 46 2.99 -3.91 -6.45
CA LYS A 46 3.69 -2.97 -5.56
C LYS A 46 4.96 -2.46 -6.23
N ALA A 47 5.42 -1.28 -5.83
CA ALA A 47 6.63 -0.69 -6.37
C ALA A 47 6.55 -0.53 -7.90
N GLY A 48 6.76 0.71 -8.36
CA GLY A 48 6.73 1.06 -9.80
C GLY A 48 5.45 1.81 -10.14
N ASP A 49 4.30 1.14 -10.00
CA ASP A 49 3.01 1.77 -10.31
C ASP A 49 2.69 2.77 -9.22
N LYS A 50 1.88 3.78 -9.55
CA LYS A 50 1.47 4.83 -8.60
C LYS A 50 -0.05 4.86 -8.51
N VAL A 51 -0.55 5.30 -7.37
CA VAL A 51 -2.00 5.39 -7.17
C VAL A 51 -2.29 6.38 -6.05
N THR A 52 -3.50 6.94 -6.06
CA THR A 52 -3.95 7.87 -5.02
C THR A 52 -4.80 7.09 -4.04
N LEU A 53 -4.32 6.94 -2.80
CA LEU A 53 -5.06 6.18 -1.78
C LEU A 53 -5.74 7.17 -0.84
N LYS A 54 -7.07 7.01 -0.65
CA LYS A 54 -7.84 7.90 0.22
C LYS A 54 -8.13 7.18 1.54
N ILE A 55 -7.88 7.88 2.66
CA ILE A 55 -8.11 7.33 4.00
C ILE A 55 -8.80 8.39 4.86
N GLU A 56 -9.37 7.94 5.97
CA GLU A 56 -10.06 8.82 6.94
C GLU A 56 -9.40 8.68 8.31
N ARG A 57 -9.08 9.82 8.92
CA ARG A 57 -8.44 9.86 10.25
C ARG A 57 -9.09 10.98 11.07
N GLU A 58 -9.65 10.62 12.22
CA GLU A 58 -10.30 11.61 13.11
C GLU A 58 -11.10 12.68 12.32
N GLU A 59 -11.87 12.21 11.33
CA GLU A 59 -12.68 13.10 10.47
C GLU A 59 -11.79 13.98 9.59
N LYS A 60 -10.64 13.43 9.18
CA LYS A 60 -9.70 14.16 8.30
C LYS A 60 -9.09 13.21 7.28
N GLU A 61 -8.90 13.69 6.05
CA GLU A 61 -8.31 12.92 4.95
C GLU A 61 -7.03 13.59 4.47
N LYS A 62 -6.12 12.78 3.93
CA LYS A 62 -4.84 13.27 3.40
C LYS A 62 -4.62 12.71 2.01
N ARG A 63 -4.05 13.54 1.13
CA ARG A 63 -3.77 13.14 -0.26
C ARG A 63 -2.32 13.52 -0.59
N VAL A 64 -1.52 12.52 -0.98
CA VAL A 64 -0.10 12.73 -1.33
C VAL A 64 0.27 11.79 -2.47
N THR A 65 1.23 12.23 -3.31
CA THR A 65 1.68 11.40 -4.44
C THR A 65 2.97 10.65 -4.02
N LEU A 66 2.87 9.33 -3.95
CA LEU A 66 4.00 8.45 -3.58
C LEU A 66 4.00 7.22 -4.45
N THR A 67 5.12 6.48 -4.42
CA THR A 67 5.22 5.22 -5.17
C THR A 67 4.85 4.10 -4.22
N LEU A 68 3.91 3.23 -4.64
CA LEU A 68 3.44 2.09 -3.81
C LEU A 68 4.48 1.61 -2.81
N LYS A 69 5.62 1.18 -3.32
CA LYS A 69 6.72 0.71 -2.48
C LYS A 69 8.04 0.90 -3.21
N GLN A 70 9.14 0.77 -2.49
CA GLN A 70 10.48 0.89 -3.06
C GLN A 70 11.34 -0.25 -2.55
N PHE A 71 12.26 -0.74 -3.40
CA PHE A 71 13.13 -1.87 -3.04
C PHE A 71 13.59 -1.81 -1.55
N PRO A 72 14.02 -2.91 -0.96
CA PRO A 72 14.46 -2.94 0.47
C PRO A 72 15.36 -1.77 0.86
N ASP A 73 16.41 -1.53 0.07
CA ASP A 73 17.37 -0.45 0.34
C ASP A 73 17.47 0.52 -0.84
N GLU A 74 17.50 -0.02 -2.06
CA GLU A 74 17.64 0.80 -3.28
C GLU A 74 16.43 1.75 -3.43
N PRO A 75 16.58 3.07 -3.27
CA PRO A 75 15.42 4.04 -3.40
C PRO A 75 15.23 4.49 -4.85
N ASP A 76 16.32 4.91 -5.48
CA ASP A 76 16.27 5.40 -6.86
C ASP A 76 15.79 4.29 -7.80
N ARG A 77 15.62 3.07 -7.25
CA ARG A 77 15.15 1.90 -8.04
C ARG A 77 13.90 1.28 -7.39
N ALA A 78 12.86 1.05 -8.19
CA ALA A 78 11.61 0.46 -7.71
C ALA A 78 11.07 -0.48 -8.78
N GLY A 79 10.39 -1.56 -8.38
CA GLY A 79 9.84 -2.51 -9.35
C GLY A 79 10.95 -3.24 -10.10
N ILE A 80 10.72 -4.51 -10.39
CA ILE A 80 11.71 -5.32 -11.12
C ILE A 80 11.91 -4.74 -12.52
N GLY A 81 10.80 -4.43 -13.20
CA GLY A 81 10.84 -3.86 -14.55
C GLY A 81 9.52 -4.13 -15.27
N VAL A 82 9.49 -3.84 -16.58
CA VAL A 82 8.30 -4.06 -17.40
C VAL A 82 8.69 -4.39 -18.83
N SER A 83 7.89 -5.21 -19.51
CA SER A 83 8.17 -5.58 -20.89
C SER A 83 9.63 -6.05 -21.07
N LEU A 84 10.28 -6.42 -19.96
CA LEU A 84 11.66 -6.88 -20.01
C LEU A 84 11.73 -8.26 -20.66
N GLU A 85 12.13 -8.29 -21.92
CA GLU A 85 12.24 -9.55 -22.65
C GLU A 85 13.36 -10.40 -22.04
N HIS A 86 14.54 -9.79 -21.92
CA HIS A 86 15.71 -10.46 -21.35
C HIS A 86 16.83 -9.47 -21.05
N HIS A 87 17.67 -9.79 -20.06
CA HIS A 87 18.80 -8.92 -19.71
C HIS A 87 19.84 -8.94 -20.82
N HIS A 88 20.25 -7.76 -21.29
CA HIS A 88 21.25 -7.65 -22.36
C HIS A 88 22.64 -7.97 -21.81
N HIS A 89 23.29 -9.00 -22.36
CA HIS A 89 24.62 -9.40 -21.91
C HIS A 89 25.65 -8.35 -22.33
N HIS A 90 26.38 -7.80 -21.35
CA HIS A 90 27.39 -6.80 -21.64
C HIS A 90 28.54 -7.41 -22.44
N HIS A 91 28.92 -8.64 -22.07
CA HIS A 91 30.00 -9.34 -22.77
C HIS A 91 29.63 -9.57 -24.23
N ASN A 1 -2.82 -6.80 7.46
CA ASN A 1 -2.81 -7.16 6.01
C ASN A 1 -4.23 -7.04 5.45
N GLY A 2 -4.46 -7.66 4.29
CA GLY A 2 -5.77 -7.62 3.67
C GLY A 2 -6.17 -6.19 3.29
N ILE A 3 -7.33 -5.73 3.79
CA ILE A 3 -7.84 -4.38 3.51
C ILE A 3 -7.46 -3.44 4.66
N TYR A 4 -6.61 -3.91 5.58
CA TYR A 4 -6.15 -3.11 6.73
C TYR A 4 -4.63 -3.19 6.87
N ALA A 5 -3.98 -2.04 7.09
CA ALA A 5 -2.53 -1.98 7.25
C ALA A 5 -2.14 -2.40 8.68
N SER A 6 -1.47 -3.54 8.82
CA SER A 6 -1.04 -4.02 10.14
C SER A 6 0.37 -3.52 10.48
N SER A 7 1.15 -3.24 9.45
CA SER A 7 2.51 -2.75 9.63
C SER A 7 3.05 -2.25 8.30
N VAL A 8 4.04 -1.35 8.36
CA VAL A 8 4.66 -0.79 7.15
C VAL A 8 6.14 -0.51 7.40
N VAL A 9 6.93 -0.54 6.32
CA VAL A 9 8.38 -0.30 6.41
C VAL A 9 8.69 1.21 6.28
N GLU A 10 9.56 1.70 7.17
CA GLU A 10 9.93 3.12 7.16
C GLU A 10 10.49 3.52 5.79
N ASN A 11 11.05 4.73 5.71
CA ASN A 11 11.63 5.23 4.45
C ASN A 11 10.59 5.19 3.32
N MET A 12 9.32 5.53 3.63
CA MET A 12 8.21 5.50 2.64
C MET A 12 7.62 6.92 2.52
N PRO A 13 6.70 7.16 1.58
CA PRO A 13 6.05 8.51 1.42
C PRO A 13 5.49 9.10 2.71
N ALA A 14 5.56 8.31 3.82
CA ALA A 14 5.08 8.70 5.19
C ALA A 14 4.43 10.09 5.23
N LYS A 15 5.11 11.09 4.68
CA LYS A 15 4.57 12.45 4.60
C LYS A 15 3.20 12.37 3.92
N GLY A 16 2.27 13.19 4.39
CA GLY A 16 0.92 13.25 3.81
C GLY A 16 0.21 11.88 3.68
N LYS A 17 0.95 10.75 3.62
CA LYS A 17 0.38 9.40 3.50
C LYS A 17 0.92 8.55 4.63
N ILE A 18 0.08 8.25 5.62
CA ILE A 18 0.48 7.40 6.74
C ILE A 18 -0.37 6.13 6.68
N GLU A 19 0.25 4.98 6.94
CA GLU A 19 -0.44 3.69 6.91
C GLU A 19 0.06 2.80 8.06
N VAL A 20 -0.81 2.58 9.04
CA VAL A 20 -0.49 1.73 10.19
C VAL A 20 -1.75 1.59 11.05
N GLY A 21 -2.53 0.56 10.74
CA GLY A 21 -3.77 0.29 11.48
C GLY A 21 -4.90 1.16 10.93
N ASP A 22 -4.53 2.23 10.23
CA ASP A 22 -5.50 3.14 9.64
C ASP A 22 -6.27 2.42 8.54
N LYS A 23 -7.50 2.91 8.25
CA LYS A 23 -8.36 2.30 7.22
C LYS A 23 -8.37 3.17 5.96
N ILE A 24 -8.36 2.51 4.79
CA ILE A 24 -8.37 3.18 3.48
C ILE A 24 -9.82 3.20 2.97
N ILE A 25 -10.39 4.40 2.82
CA ILE A 25 -11.76 4.55 2.33
C ILE A 25 -11.87 4.05 0.89
N SER A 26 -10.94 4.51 0.05
CA SER A 26 -10.92 4.13 -1.36
C SER A 26 -9.56 4.47 -1.96
N ALA A 27 -9.25 3.86 -3.12
CA ALA A 27 -7.98 4.10 -3.81
C ALA A 27 -8.15 5.16 -4.91
N ASP A 28 -8.31 4.70 -6.15
CA ASP A 28 -8.51 5.59 -7.31
C ASP A 28 -10.01 5.70 -7.64
N GLY A 29 -10.79 6.26 -6.71
CA GLY A 29 -12.23 6.43 -6.92
C GLY A 29 -12.96 5.08 -6.97
N LYS A 30 -12.19 3.99 -6.87
CA LYS A 30 -12.76 2.64 -6.90
C LYS A 30 -12.80 2.04 -5.49
N ASN A 31 -14.02 1.82 -4.97
CA ASN A 31 -14.20 1.26 -3.62
C ASN A 31 -14.18 -0.26 -3.68
N TYR A 32 -13.01 -0.86 -3.47
CA TYR A 32 -12.86 -2.31 -3.52
C TYR A 32 -13.43 -2.94 -2.23
N GLN A 33 -14.23 -4.00 -2.39
CA GLN A 33 -14.84 -4.71 -1.25
C GLN A 33 -14.00 -5.93 -0.88
N SER A 34 -13.71 -6.77 -1.88
CA SER A 34 -12.91 -7.98 -1.67
C SER A 34 -11.41 -7.65 -1.70
N ALA A 35 -10.67 -8.21 -0.75
CA ALA A 35 -9.23 -7.98 -0.65
C ALA A 35 -8.51 -8.42 -1.92
N GLU A 36 -8.91 -9.57 -2.45
CA GLU A 36 -8.29 -10.12 -3.66
C GLU A 36 -8.28 -9.08 -4.79
N LYS A 37 -9.38 -8.34 -4.92
CA LYS A 37 -9.48 -7.32 -5.96
C LYS A 37 -8.57 -6.12 -5.64
N LEU A 38 -8.59 -5.66 -4.38
CA LEU A 38 -7.77 -4.50 -3.99
C LEU A 38 -6.28 -4.78 -4.21
N ILE A 39 -5.78 -5.92 -3.70
CA ILE A 39 -4.36 -6.24 -3.85
C ILE A 39 -4.01 -6.42 -5.33
N ASP A 40 -4.87 -7.14 -6.05
CA ASP A 40 -4.64 -7.37 -7.48
C ASP A 40 -4.67 -6.05 -8.25
N TYR A 41 -5.55 -5.12 -7.87
CA TYR A 41 -5.64 -3.83 -8.55
C TYR A 41 -4.29 -3.11 -8.53
N ILE A 42 -3.65 -3.06 -7.36
CA ILE A 42 -2.34 -2.43 -7.25
C ILE A 42 -1.34 -3.20 -8.12
N SER A 43 -1.40 -4.54 -8.07
CA SER A 43 -0.51 -5.37 -8.87
C SER A 43 0.95 -5.01 -8.60
N SER A 44 1.18 -4.46 -7.41
CA SER A 44 2.52 -4.05 -6.99
C SER A 44 3.10 -3.00 -7.92
N LYS A 45 2.26 -2.45 -8.80
CA LYS A 45 2.69 -1.43 -9.75
C LYS A 45 3.12 -0.16 -9.02
N LYS A 46 4.20 -0.25 -8.21
CA LYS A 46 4.71 0.89 -7.46
C LYS A 46 5.87 1.52 -8.20
N ALA A 47 6.37 2.65 -7.70
CA ALA A 47 7.49 3.34 -8.33
C ALA A 47 7.15 3.76 -9.76
N GLY A 48 6.86 5.05 -9.94
CA GLY A 48 6.54 5.62 -11.26
C GLY A 48 5.04 5.86 -11.41
N ASP A 49 4.25 4.80 -11.24
CA ASP A 49 2.80 4.90 -11.38
C ASP A 49 2.22 5.65 -10.17
N LYS A 50 1.43 6.70 -10.42
CA LYS A 50 0.81 7.49 -9.35
C LYS A 50 -0.60 6.95 -9.11
N VAL A 51 -1.06 7.04 -7.85
CA VAL A 51 -2.40 6.56 -7.47
C VAL A 51 -2.90 7.40 -6.29
N THR A 52 -4.22 7.44 -6.11
CA THR A 52 -4.83 8.20 -5.01
C THR A 52 -5.15 7.24 -3.88
N LEU A 53 -4.65 7.53 -2.66
CA LEU A 53 -4.91 6.66 -1.50
C LEU A 53 -5.45 7.52 -0.35
N LYS A 54 -6.73 7.34 -0.03
CA LYS A 54 -7.37 8.10 1.04
C LYS A 54 -7.20 7.36 2.36
N ILE A 55 -7.01 8.12 3.44
CA ILE A 55 -6.82 7.57 4.80
C ILE A 55 -7.95 8.08 5.71
N GLU A 56 -8.29 7.26 6.72
CA GLU A 56 -9.36 7.60 7.70
C GLU A 56 -8.76 7.82 9.08
N ARG A 57 -9.06 8.98 9.70
CA ARG A 57 -8.57 9.30 11.05
C ARG A 57 -9.66 10.04 11.83
N GLU A 58 -10.04 9.49 12.97
CA GLU A 58 -11.08 10.12 13.80
C GLU A 58 -12.33 10.48 12.98
N GLU A 59 -12.78 9.54 12.14
CA GLU A 59 -13.96 9.74 11.29
C GLU A 59 -13.77 10.89 10.30
N LYS A 60 -12.52 11.07 9.83
CA LYS A 60 -12.17 12.14 8.86
C LYS A 60 -11.54 11.54 7.61
N GLU A 61 -11.29 12.37 6.59
CA GLU A 61 -10.66 11.93 5.34
C GLU A 61 -9.64 12.99 4.87
N LYS A 62 -8.50 12.53 4.33
CA LYS A 62 -7.43 13.42 3.82
C LYS A 62 -7.22 13.18 2.33
N ARG A 63 -6.81 14.24 1.61
CA ARG A 63 -6.56 14.17 0.16
C ARG A 63 -5.16 14.71 -0.14
N VAL A 64 -4.31 13.84 -0.70
CA VAL A 64 -2.95 14.23 -1.06
C VAL A 64 -2.47 13.40 -2.24
N THR A 65 -1.75 14.05 -3.17
CA THR A 65 -1.22 13.35 -4.34
C THR A 65 0.25 13.02 -4.09
N LEU A 66 0.55 11.72 -4.06
CA LEU A 66 1.93 11.21 -3.85
C LEU A 66 2.21 10.11 -4.87
N THR A 67 3.48 9.87 -5.14
CA THR A 67 3.91 8.83 -6.07
C THR A 67 4.28 7.59 -5.27
N LEU A 68 3.95 6.42 -5.81
CA LEU A 68 4.25 5.15 -5.13
C LEU A 68 5.76 4.99 -4.96
N LYS A 69 6.16 4.02 -4.13
CA LYS A 69 7.58 3.75 -3.83
C LYS A 69 7.83 2.25 -3.71
N GLN A 70 9.09 1.86 -3.89
CA GLN A 70 9.53 0.46 -3.81
C GLN A 70 10.48 0.24 -2.63
N PHE A 71 10.35 -0.95 -2.00
CA PHE A 71 11.18 -1.31 -0.83
C PHE A 71 12.67 -0.89 -1.05
N PRO A 72 13.39 -0.50 -0.02
CA PRO A 72 14.83 -0.07 -0.18
C PRO A 72 15.77 -1.22 -0.57
N ASP A 73 16.09 -2.08 0.40
CA ASP A 73 17.00 -3.20 0.18
C ASP A 73 16.38 -4.30 -0.69
N GLU A 74 15.26 -3.99 -1.35
CA GLU A 74 14.58 -4.97 -2.24
C GLU A 74 13.97 -4.22 -3.43
N PRO A 75 14.79 -3.64 -4.29
CA PRO A 75 14.29 -2.89 -5.49
C PRO A 75 13.87 -3.83 -6.61
N ASP A 76 14.23 -5.11 -6.45
CA ASP A 76 13.90 -6.14 -7.44
C ASP A 76 12.47 -6.65 -7.25
N ARG A 77 11.84 -6.22 -6.14
CA ARG A 77 10.46 -6.64 -5.79
C ARG A 77 9.67 -5.44 -5.27
N ALA A 78 8.35 -5.47 -5.47
CA ALA A 78 7.45 -4.39 -5.02
C ALA A 78 6.18 -4.98 -4.41
N GLY A 79 5.58 -4.25 -3.47
CA GLY A 79 4.36 -4.72 -2.81
C GLY A 79 4.61 -6.04 -2.09
N ILE A 80 3.58 -6.52 -1.36
CA ILE A 80 3.68 -7.78 -0.62
C ILE A 80 3.43 -8.95 -1.58
N GLY A 81 4.37 -9.89 -1.64
CA GLY A 81 4.24 -11.05 -2.52
C GLY A 81 4.17 -10.61 -3.99
N VAL A 82 4.63 -11.48 -4.89
CA VAL A 82 4.61 -11.19 -6.32
C VAL A 82 3.17 -11.06 -6.81
N SER A 83 2.46 -12.18 -6.88
CA SER A 83 1.07 -12.19 -7.33
C SER A 83 0.42 -13.55 -7.04
N LEU A 84 -0.83 -13.52 -6.57
CA LEU A 84 -1.54 -14.76 -6.26
C LEU A 84 -1.75 -15.60 -7.52
N GLU A 85 -2.11 -14.95 -8.62
CA GLU A 85 -2.34 -15.64 -9.90
C GLU A 85 -1.02 -15.76 -10.68
N HIS A 86 -0.52 -16.98 -10.82
CA HIS A 86 0.74 -17.22 -11.54
C HIS A 86 0.52 -17.03 -13.05
N HIS A 87 0.23 -15.78 -13.45
CA HIS A 87 0.00 -15.45 -14.86
C HIS A 87 0.31 -13.97 -15.10
N HIS A 88 1.57 -13.68 -15.44
CA HIS A 88 2.00 -12.30 -15.71
C HIS A 88 3.39 -12.30 -16.34
N HIS A 89 3.90 -13.49 -16.65
CA HIS A 89 5.23 -13.63 -17.26
C HIS A 89 6.29 -12.91 -16.42
N HIS A 90 7.51 -12.84 -16.93
CA HIS A 90 8.60 -12.17 -16.22
C HIS A 90 8.31 -10.67 -16.09
N HIS A 91 8.59 -10.11 -14.92
CA HIS A 91 8.35 -8.68 -14.67
C HIS A 91 6.89 -8.30 -14.97
N ASN A 1 -1.58 -5.48 6.05
CA ASN A 1 -1.99 -5.42 4.61
C ASN A 1 -3.52 -5.48 4.53
N GLY A 2 -4.04 -5.73 3.33
CA GLY A 2 -5.48 -5.81 3.13
C GLY A 2 -6.13 -4.46 3.40
N ILE A 3 -7.46 -4.46 3.43
CA ILE A 3 -8.23 -3.23 3.69
C ILE A 3 -7.92 -2.70 5.09
N TYR A 4 -7.06 -3.41 5.82
CA TYR A 4 -6.66 -2.99 7.18
C TYR A 4 -5.19 -2.55 7.14
N ALA A 5 -4.62 -2.29 8.32
CA ALA A 5 -3.23 -1.86 8.43
C ALA A 5 -2.63 -2.38 9.74
N SER A 6 -1.61 -3.23 9.64
CA SER A 6 -0.93 -3.81 10.81
C SER A 6 0.37 -3.08 11.11
N SER A 7 1.11 -2.77 10.05
CA SER A 7 2.39 -2.07 10.17
C SER A 7 2.85 -1.55 8.81
N VAL A 8 3.88 -0.70 8.84
CA VAL A 8 4.46 -0.11 7.62
C VAL A 8 5.99 -0.14 7.69
N VAL A 9 6.61 -0.37 6.53
CA VAL A 9 8.08 -0.42 6.44
C VAL A 9 8.62 0.99 6.25
N GLU A 10 9.62 1.36 7.03
CA GLU A 10 10.22 2.68 6.93
C GLU A 10 10.76 2.92 5.51
N ASN A 11 11.30 4.12 5.29
CA ASN A 11 11.87 4.49 4.00
C ASN A 11 10.83 4.42 2.89
N MET A 12 9.55 4.74 3.21
CA MET A 12 8.45 4.67 2.23
C MET A 12 7.75 6.04 2.12
N PRO A 13 6.82 6.21 1.18
CA PRO A 13 6.07 7.49 1.02
C PRO A 13 5.47 8.00 2.31
N ALA A 14 5.57 7.19 3.42
CA ALA A 14 5.03 7.51 4.78
C ALA A 14 4.43 8.91 4.86
N LYS A 15 5.18 9.89 4.35
CA LYS A 15 4.72 11.26 4.28
C LYS A 15 3.31 11.29 3.68
N GLY A 16 2.43 12.04 4.31
CA GLY A 16 1.07 12.17 3.84
C GLY A 16 0.35 10.83 3.70
N LYS A 17 1.05 9.68 3.83
CA LYS A 17 0.45 8.35 3.72
C LYS A 17 0.80 7.56 4.95
N ILE A 18 -0.13 7.35 5.88
CA ILE A 18 0.13 6.56 7.08
C ILE A 18 -0.87 5.42 7.10
N GLU A 19 -0.45 4.25 7.60
CA GLU A 19 -1.34 3.11 7.71
C GLU A 19 -0.99 2.36 8.98
N VAL A 20 -1.81 2.54 10.01
CA VAL A 20 -1.62 1.86 11.31
C VAL A 20 -2.99 1.80 12.00
N GLY A 21 -3.75 0.75 11.68
CA GLY A 21 -5.09 0.57 12.24
C GLY A 21 -6.11 1.34 11.40
N ASP A 22 -5.60 2.27 10.57
CA ASP A 22 -6.46 3.07 9.70
C ASP A 22 -7.04 2.19 8.61
N LYS A 23 -8.14 2.66 8.00
CA LYS A 23 -8.82 1.92 6.92
C LYS A 23 -8.77 2.74 5.62
N ILE A 24 -8.73 2.03 4.50
CA ILE A 24 -8.67 2.63 3.16
C ILE A 24 -10.03 2.44 2.50
N ILE A 25 -10.65 3.56 2.09
CA ILE A 25 -11.96 3.52 1.46
C ILE A 25 -11.86 2.94 0.04
N SER A 26 -10.95 3.52 -0.75
CA SER A 26 -10.73 3.10 -2.14
C SER A 26 -9.43 3.68 -2.67
N ALA A 27 -8.98 3.16 -3.83
CA ALA A 27 -7.74 3.63 -4.49
C ALA A 27 -8.03 3.87 -5.96
N ASP A 28 -7.46 4.95 -6.51
CA ASP A 28 -7.67 5.29 -7.92
C ASP A 28 -9.16 5.45 -8.23
N GLY A 29 -9.92 5.95 -7.26
CA GLY A 29 -11.34 6.15 -7.45
C GLY A 29 -12.06 4.83 -7.72
N LYS A 30 -11.31 3.72 -7.65
CA LYS A 30 -11.86 2.38 -7.90
C LYS A 30 -11.95 1.60 -6.60
N ASN A 31 -13.14 1.07 -6.30
CA ASN A 31 -13.36 0.28 -5.08
C ASN A 31 -12.82 -1.13 -5.28
N TYR A 32 -12.82 -1.91 -4.20
CA TYR A 32 -12.34 -3.30 -4.24
C TYR A 32 -13.10 -4.13 -3.21
N GLN A 33 -13.91 -5.08 -3.69
CA GLN A 33 -14.69 -5.93 -2.81
C GLN A 33 -13.75 -6.83 -2.00
N SER A 34 -12.82 -7.49 -2.69
CA SER A 34 -11.85 -8.38 -2.03
C SER A 34 -10.59 -7.61 -1.68
N ALA A 35 -10.18 -7.73 -0.42
CA ALA A 35 -9.00 -7.04 0.06
C ALA A 35 -7.75 -7.51 -0.67
N GLU A 36 -7.72 -8.81 -0.98
CA GLU A 36 -6.57 -9.39 -1.67
C GLU A 36 -6.36 -8.74 -3.02
N LYS A 37 -7.44 -8.40 -3.68
CA LYS A 37 -7.37 -7.78 -4.99
C LYS A 37 -6.68 -6.42 -4.92
N LEU A 38 -6.90 -5.70 -3.83
CA LEU A 38 -6.32 -4.36 -3.68
C LEU A 38 -4.80 -4.42 -3.77
N ILE A 39 -4.19 -5.36 -3.06
CA ILE A 39 -2.73 -5.50 -3.07
C ILE A 39 -2.27 -5.85 -4.48
N ASP A 40 -2.94 -6.79 -5.11
CA ASP A 40 -2.57 -7.22 -6.46
C ASP A 40 -2.64 -6.04 -7.42
N TYR A 41 -3.68 -5.22 -7.29
CA TYR A 41 -3.83 -4.05 -8.16
C TYR A 41 -2.68 -3.05 -7.96
N ILE A 42 -2.46 -2.63 -6.71
CA ILE A 42 -1.41 -1.65 -6.42
C ILE A 42 -0.02 -2.25 -6.66
N SER A 43 0.19 -3.45 -6.15
CA SER A 43 1.49 -4.11 -6.29
C SER A 43 1.89 -4.27 -7.75
N SER A 44 0.90 -4.24 -8.64
CA SER A 44 1.13 -4.37 -10.07
C SER A 44 1.46 -3.02 -10.68
N LYS A 45 1.37 -1.96 -9.87
CA LYS A 45 1.65 -0.59 -10.35
C LYS A 45 2.20 0.27 -9.24
N LYS A 46 3.11 -0.26 -8.40
CA LYS A 46 3.70 0.53 -7.31
C LYS A 46 5.15 0.84 -7.63
N ALA A 47 5.50 2.12 -7.62
CA ALA A 47 6.85 2.59 -7.90
C ALA A 47 6.83 4.10 -8.14
N GLY A 48 6.65 4.50 -9.40
CA GLY A 48 6.64 5.92 -9.80
C GLY A 48 5.25 6.37 -10.20
N ASP A 49 4.39 5.40 -10.52
CA ASP A 49 3.02 5.71 -10.92
C ASP A 49 2.31 6.41 -9.77
N LYS A 50 1.46 7.38 -10.09
CA LYS A 50 0.71 8.13 -9.08
C LYS A 50 -0.69 7.55 -8.92
N VAL A 51 -1.27 7.78 -7.76
CA VAL A 51 -2.61 7.28 -7.46
C VAL A 51 -3.20 8.07 -6.30
N THR A 52 -4.52 8.06 -6.19
CA THR A 52 -5.24 8.75 -5.12
C THR A 52 -5.64 7.75 -4.05
N LEU A 53 -5.26 8.01 -2.79
CA LEU A 53 -5.60 7.11 -1.68
C LEU A 53 -6.30 7.92 -0.59
N LYS A 54 -7.45 7.42 -0.13
CA LYS A 54 -8.22 8.07 0.92
C LYS A 54 -8.05 7.30 2.22
N ILE A 55 -7.78 8.03 3.31
CA ILE A 55 -7.58 7.43 4.64
C ILE A 55 -8.63 7.98 5.58
N GLU A 56 -8.90 7.23 6.64
CA GLU A 56 -9.89 7.62 7.66
C GLU A 56 -9.19 7.86 8.98
N ARG A 57 -9.40 9.04 9.58
CA ARG A 57 -8.78 9.40 10.86
C ARG A 57 -9.80 10.14 11.72
N GLU A 58 -10.12 9.57 12.88
CA GLU A 58 -11.09 10.20 13.80
C GLU A 58 -12.32 10.74 13.05
N GLU A 59 -12.82 9.94 12.12
CA GLU A 59 -13.99 10.31 11.31
C GLU A 59 -13.67 11.51 10.40
N LYS A 60 -12.41 11.61 9.97
CA LYS A 60 -11.98 12.70 9.06
C LYS A 60 -11.13 12.13 7.95
N GLU A 61 -11.39 12.60 6.72
CA GLU A 61 -10.65 12.15 5.55
C GLU A 61 -9.64 13.22 5.15
N LYS A 62 -8.51 12.77 4.62
CA LYS A 62 -7.43 13.66 4.19
C LYS A 62 -7.16 13.42 2.71
N ARG A 63 -6.63 14.45 2.04
CA ARG A 63 -6.31 14.38 0.62
C ARG A 63 -4.90 14.92 0.38
N VAL A 64 -4.06 14.10 -0.24
CA VAL A 64 -2.68 14.48 -0.56
C VAL A 64 -2.23 13.73 -1.80
N THR A 65 -1.35 14.37 -2.58
CA THR A 65 -0.81 13.77 -3.80
C THR A 65 0.65 13.39 -3.56
N LEU A 66 0.95 12.09 -3.65
CA LEU A 66 2.30 11.57 -3.47
C LEU A 66 2.59 10.50 -4.51
N THR A 67 3.87 10.17 -4.67
CA THR A 67 4.30 9.13 -5.62
C THR A 67 4.52 7.81 -4.88
N LEU A 68 4.27 6.69 -5.56
CA LEU A 68 4.43 5.36 -4.96
C LEU A 68 5.89 5.03 -4.81
N LYS A 69 6.16 3.84 -4.29
CA LYS A 69 7.55 3.40 -4.10
C LYS A 69 7.64 1.87 -4.11
N GLN A 70 8.75 1.38 -4.65
CA GLN A 70 9.02 -0.06 -4.72
C GLN A 70 9.96 -0.44 -3.59
N PHE A 71 9.80 -1.66 -3.06
CA PHE A 71 10.64 -2.14 -1.94
C PHE A 71 12.12 -1.70 -2.14
N PRO A 72 12.61 -0.71 -1.41
CA PRO A 72 14.03 -0.24 -1.55
C PRO A 72 15.05 -1.38 -1.37
N ASP A 73 14.57 -2.55 -0.90
CA ASP A 73 15.44 -3.72 -0.65
C ASP A 73 15.09 -4.88 -1.59
N GLU A 74 14.14 -4.64 -2.49
CA GLU A 74 13.72 -5.66 -3.45
C GLU A 74 13.11 -5.01 -4.71
N PRO A 75 13.91 -4.30 -5.50
CA PRO A 75 13.39 -3.64 -6.75
C PRO A 75 12.94 -4.65 -7.80
N ASP A 76 13.38 -5.91 -7.64
CA ASP A 76 13.00 -6.96 -8.58
C ASP A 76 11.51 -7.29 -8.45
N ARG A 77 10.91 -6.87 -7.33
CA ARG A 77 9.48 -7.12 -7.07
C ARG A 77 8.85 -5.87 -6.48
N ALA A 78 7.52 -5.78 -6.59
CA ALA A 78 6.75 -4.63 -6.08
C ALA A 78 5.56 -5.11 -5.25
N GLY A 79 5.34 -4.47 -4.10
CA GLY A 79 4.24 -4.83 -3.23
C GLY A 79 4.40 -6.26 -2.71
N ILE A 80 3.30 -6.88 -2.33
CA ILE A 80 3.34 -8.25 -1.81
C ILE A 80 4.28 -8.34 -0.60
N GLY A 81 3.81 -7.85 0.55
CA GLY A 81 4.62 -7.87 1.76
C GLY A 81 4.85 -9.31 2.24
N VAL A 82 3.86 -10.17 2.03
CA VAL A 82 3.96 -11.57 2.44
C VAL A 82 5.15 -12.24 1.76
N SER A 83 5.49 -11.78 0.56
CA SER A 83 6.61 -12.33 -0.20
C SER A 83 6.46 -13.86 -0.31
N LEU A 84 7.04 -14.58 0.66
CA LEU A 84 6.99 -16.05 0.71
C LEU A 84 7.52 -16.63 -0.61
N GLU A 85 6.64 -16.69 -1.60
CA GLU A 85 6.99 -17.22 -2.91
C GLU A 85 8.13 -16.40 -3.53
N HIS A 86 9.09 -17.09 -4.12
CA HIS A 86 10.23 -16.42 -4.73
C HIS A 86 11.00 -17.40 -5.61
N HIS A 87 12.11 -16.94 -6.18
CA HIS A 87 12.94 -17.77 -7.04
C HIS A 87 12.10 -18.38 -8.18
N HIS A 88 10.90 -17.84 -8.38
CA HIS A 88 10.01 -18.34 -9.43
C HIS A 88 10.66 -18.19 -10.81
N HIS A 89 11.21 -17.00 -11.07
CA HIS A 89 11.85 -16.73 -12.36
C HIS A 89 13.15 -17.53 -12.46
N HIS A 90 13.36 -18.16 -13.61
CA HIS A 90 14.57 -18.96 -13.83
C HIS A 90 15.81 -18.07 -13.77
N HIS A 91 15.77 -16.94 -14.48
CA HIS A 91 16.90 -16.00 -14.49
C HIS A 91 17.01 -15.28 -13.14
N ASN A 1 0.09 -6.03 5.16
CA ASN A 1 -0.50 -4.77 4.60
C ASN A 1 -1.65 -5.14 3.65
N GLY A 2 -2.73 -4.38 3.71
CA GLY A 2 -3.90 -4.64 2.86
C GLY A 2 -5.05 -3.68 3.21
N ILE A 3 -6.26 -4.22 3.31
CA ILE A 3 -7.43 -3.41 3.64
C ILE A 3 -7.25 -2.78 5.02
N TYR A 4 -6.19 -3.17 5.73
CA TYR A 4 -5.94 -2.64 7.08
C TYR A 4 -4.43 -2.52 7.34
N ALA A 5 -3.98 -1.29 7.65
CA ALA A 5 -2.57 -1.02 7.93
C ALA A 5 -2.22 -1.50 9.34
N SER A 6 -1.59 -2.68 9.43
CA SER A 6 -1.18 -3.28 10.71
C SER A 6 0.24 -2.87 11.06
N SER A 7 1.01 -2.47 10.04
CA SER A 7 2.40 -2.06 10.24
C SER A 7 2.91 -1.32 9.01
N VAL A 8 4.01 -0.59 9.17
CA VAL A 8 4.63 0.16 8.06
C VAL A 8 6.16 0.11 8.21
N VAL A 9 6.86 0.04 7.08
CA VAL A 9 8.33 0.00 7.07
C VAL A 9 8.89 1.40 6.88
N GLU A 10 9.88 1.78 7.68
CA GLU A 10 10.50 3.10 7.57
C GLU A 10 10.99 3.37 6.15
N ASN A 11 11.39 4.62 5.89
CA ASN A 11 11.89 5.03 4.57
C ASN A 11 10.86 4.74 3.46
N MET A 12 9.56 4.90 3.79
CA MET A 12 8.46 4.65 2.83
C MET A 12 7.63 5.94 2.64
N PRO A 13 6.86 6.05 1.57
CA PRO A 13 6.04 7.26 1.30
C PRO A 13 4.99 7.48 2.37
N ALA A 14 4.83 6.52 3.32
CA ALA A 14 3.83 6.58 4.41
C ALA A 14 3.43 8.02 4.84
N LYS A 15 4.23 9.03 4.48
CA LYS A 15 3.90 10.42 4.76
C LYS A 15 2.54 10.76 4.13
N GLY A 16 1.57 11.11 4.97
CA GLY A 16 0.23 11.45 4.48
C GLY A 16 -0.53 10.18 4.05
N LYS A 17 0.21 9.12 3.71
CA LYS A 17 -0.33 7.82 3.32
C LYS A 17 -0.86 7.14 4.57
N ILE A 18 -1.07 5.84 4.46
CA ILE A 18 -1.58 5.04 5.55
C ILE A 18 -0.60 5.04 6.73
N GLU A 19 -1.18 4.87 7.91
CA GLU A 19 -0.44 4.84 9.16
C GLU A 19 -0.90 3.66 9.99
N VAL A 20 -0.21 3.44 11.09
CA VAL A 20 -0.53 2.33 11.99
C VAL A 20 -1.97 2.44 12.52
N GLY A 21 -2.78 1.46 12.16
CA GLY A 21 -4.18 1.39 12.59
C GLY A 21 -5.13 2.01 11.57
N ASP A 22 -4.61 2.73 10.55
CA ASP A 22 -5.47 3.33 9.55
C ASP A 22 -5.93 2.27 8.56
N LYS A 23 -6.90 2.65 7.74
CA LYS A 23 -7.46 1.75 6.73
C LYS A 23 -7.71 2.53 5.45
N ILE A 24 -7.92 1.79 4.37
CA ILE A 24 -8.16 2.37 3.03
C ILE A 24 -9.64 2.14 2.67
N ILE A 25 -10.38 3.23 2.52
CA ILE A 25 -11.80 3.17 2.15
C ILE A 25 -11.93 2.65 0.74
N SER A 26 -11.09 3.15 -0.16
CA SER A 26 -11.12 2.73 -1.55
C SER A 26 -9.82 3.09 -2.26
N ALA A 27 -9.63 2.53 -3.46
CA ALA A 27 -8.44 2.75 -4.28
C ALA A 27 -8.84 3.23 -5.67
N ASP A 28 -8.60 4.52 -5.97
CA ASP A 28 -8.92 5.09 -7.29
C ASP A 28 -10.30 4.62 -7.79
N GLY A 29 -11.15 4.20 -6.86
CA GLY A 29 -12.48 3.70 -7.20
C GLY A 29 -13.35 3.62 -5.96
N LYS A 30 -13.73 2.39 -5.57
CA LYS A 30 -14.62 2.18 -4.40
C LYS A 30 -14.07 1.08 -3.50
N ASN A 31 -14.75 0.85 -2.38
CA ASN A 31 -14.33 -0.18 -1.44
C ASN A 31 -14.50 -1.56 -2.06
N TYR A 32 -13.85 -2.58 -1.48
CA TYR A 32 -13.94 -3.96 -1.98
C TYR A 32 -14.04 -4.95 -0.80
N GLN A 33 -14.98 -5.88 -0.90
CA GLN A 33 -15.18 -6.88 0.15
C GLN A 33 -13.96 -7.80 0.23
N SER A 34 -13.42 -8.17 -0.94
CA SER A 34 -12.24 -9.06 -1.01
C SER A 34 -10.97 -8.23 -1.17
N ALA A 35 -10.09 -8.30 -0.17
CA ALA A 35 -8.83 -7.57 -0.18
C ALA A 35 -8.02 -7.92 -1.43
N GLU A 36 -8.29 -9.11 -1.98
CA GLU A 36 -7.57 -9.58 -3.16
C GLU A 36 -7.70 -8.60 -4.32
N LYS A 37 -8.87 -7.96 -4.41
CA LYS A 37 -9.11 -6.99 -5.47
C LYS A 37 -8.18 -5.80 -5.33
N LEU A 38 -8.02 -5.31 -4.10
CA LEU A 38 -7.16 -4.15 -3.86
C LEU A 38 -5.71 -4.48 -4.23
N ILE A 39 -5.22 -5.60 -3.72
CA ILE A 39 -3.84 -6.03 -4.01
C ILE A 39 -3.67 -6.21 -5.51
N ASP A 40 -4.56 -6.97 -6.14
CA ASP A 40 -4.47 -7.22 -7.58
C ASP A 40 -4.52 -5.90 -8.36
N TYR A 41 -5.37 -4.98 -7.91
CA TYR A 41 -5.49 -3.68 -8.58
C TYR A 41 -4.14 -2.94 -8.57
N ILE A 42 -3.46 -2.93 -7.43
CA ILE A 42 -2.16 -2.26 -7.33
C ILE A 42 -1.17 -2.96 -8.25
N SER A 43 -1.20 -4.30 -8.26
CA SER A 43 -0.31 -5.09 -9.10
C SER A 43 1.16 -4.74 -8.83
N SER A 44 1.40 -4.24 -7.61
CA SER A 44 2.75 -3.86 -7.19
C SER A 44 3.31 -2.76 -8.09
N LYS A 45 2.44 -2.15 -8.89
CA LYS A 45 2.84 -1.08 -9.80
C LYS A 45 3.33 0.15 -9.02
N LYS A 46 4.41 -0.02 -8.25
CA LYS A 46 4.98 1.07 -7.45
C LYS A 46 6.24 1.59 -8.12
N ALA A 47 6.63 2.82 -7.80
CA ALA A 47 7.82 3.45 -8.36
C ALA A 47 7.52 4.06 -9.73
N GLY A 48 7.25 5.36 -9.74
CA GLY A 48 6.94 6.10 -10.96
C GLY A 48 5.44 6.34 -11.10
N ASP A 49 4.64 5.28 -10.98
CA ASP A 49 3.18 5.40 -11.09
C ASP A 49 2.62 6.08 -9.85
N LYS A 50 1.53 6.84 -10.03
CA LYS A 50 0.86 7.55 -8.93
C LYS A 50 -0.55 7.00 -8.75
N VAL A 51 -1.13 7.23 -7.56
CA VAL A 51 -2.48 6.76 -7.26
C VAL A 51 -3.06 7.57 -6.10
N THR A 52 -4.39 7.71 -6.11
CA THR A 52 -5.11 8.44 -5.04
C THR A 52 -5.82 7.42 -4.15
N LEU A 53 -5.53 7.47 -2.85
CA LEU A 53 -6.12 6.54 -1.86
C LEU A 53 -6.92 7.34 -0.82
N LYS A 54 -8.18 6.95 -0.61
CA LYS A 54 -9.04 7.64 0.36
C LYS A 54 -8.91 6.96 1.72
N ILE A 55 -8.70 7.77 2.76
CA ILE A 55 -8.55 7.27 4.14
C ILE A 55 -9.46 8.06 5.08
N GLU A 56 -9.63 7.51 6.29
CA GLU A 56 -10.43 8.13 7.34
C GLU A 56 -9.62 8.22 8.64
N ARG A 57 -9.65 9.40 9.27
CA ARG A 57 -8.93 9.64 10.54
C ARG A 57 -9.81 10.47 11.47
N GLU A 58 -10.04 9.97 12.68
CA GLU A 58 -10.87 10.66 13.67
C GLU A 58 -12.16 11.22 13.04
N GLU A 59 -12.79 10.41 12.20
CA GLU A 59 -14.03 10.80 11.50
C GLU A 59 -13.77 11.98 10.56
N LYS A 60 -12.55 12.05 10.01
CA LYS A 60 -12.17 13.13 9.07
C LYS A 60 -11.31 12.55 7.94
N GLU A 61 -11.79 12.67 6.69
CA GLU A 61 -11.06 12.17 5.53
C GLU A 61 -10.06 13.21 5.04
N LYS A 62 -8.92 12.74 4.53
CA LYS A 62 -7.85 13.63 4.02
C LYS A 62 -7.36 13.10 2.68
N ARG A 63 -6.81 14.00 1.87
CA ARG A 63 -6.28 13.66 0.53
C ARG A 63 -4.87 14.21 0.37
N VAL A 64 -3.94 13.34 -0.02
CA VAL A 64 -2.54 13.72 -0.25
C VAL A 64 -2.04 13.03 -1.52
N THR A 65 -1.40 13.78 -2.42
CA THR A 65 -0.87 13.21 -3.67
C THR A 65 0.63 12.94 -3.48
N LEU A 66 1.01 11.66 -3.53
CA LEU A 66 2.42 11.24 -3.40
C LEU A 66 2.74 10.19 -4.46
N THR A 67 4.04 9.96 -4.67
CA THR A 67 4.51 8.96 -5.65
C THR A 67 4.84 7.66 -4.93
N LEU A 68 4.44 6.54 -5.53
CA LEU A 68 4.69 5.24 -4.94
C LEU A 68 6.20 4.99 -4.80
N LYS A 69 6.57 3.91 -4.11
CA LYS A 69 7.99 3.57 -3.89
C LYS A 69 8.18 2.06 -3.79
N GLN A 70 9.43 1.62 -3.93
CA GLN A 70 9.80 0.20 -3.85
C GLN A 70 10.85 -0.03 -2.76
N PHE A 71 10.73 -1.17 -2.06
CA PHE A 71 11.65 -1.52 -0.95
C PHE A 71 13.11 -1.09 -1.25
N PRO A 72 13.82 -0.48 -0.32
CA PRO A 72 15.22 0.01 -0.58
C PRO A 72 16.24 -1.13 -0.66
N ASP A 73 15.86 -2.34 -0.22
CA ASP A 73 16.77 -3.51 -0.23
C ASP A 73 16.34 -4.53 -1.29
N GLU A 74 15.41 -4.14 -2.16
CA GLU A 74 14.91 -5.03 -3.23
C GLU A 74 14.20 -4.21 -4.32
N PRO A 75 14.92 -3.38 -5.07
CA PRO A 75 14.30 -2.55 -6.15
C PRO A 75 13.92 -3.39 -7.36
N ASP A 76 14.34 -4.66 -7.36
CA ASP A 76 14.03 -5.58 -8.46
C ASP A 76 12.61 -6.13 -8.30
N ARG A 77 11.98 -5.86 -7.15
CA ARG A 77 10.61 -6.33 -6.88
C ARG A 77 9.87 -5.31 -6.01
N ALA A 78 8.54 -5.33 -6.07
CA ALA A 78 7.70 -4.40 -5.29
C ALA A 78 6.45 -5.12 -4.75
N GLY A 79 5.77 -4.48 -3.81
CA GLY A 79 4.55 -5.06 -3.22
C GLY A 79 4.86 -6.34 -2.44
N ILE A 80 4.29 -7.46 -2.87
CA ILE A 80 4.51 -8.74 -2.21
C ILE A 80 5.98 -9.15 -2.34
N GLY A 81 6.42 -10.03 -1.44
CA GLY A 81 7.81 -10.50 -1.46
C GLY A 81 8.02 -11.59 -0.42
N VAL A 82 8.54 -12.74 -0.87
CA VAL A 82 8.81 -13.87 0.02
C VAL A 82 9.94 -13.54 0.98
N SER A 83 9.85 -14.03 2.22
CA SER A 83 10.87 -13.78 3.22
C SER A 83 12.21 -14.38 2.78
N LEU A 84 12.46 -15.63 3.15
CA LEU A 84 13.70 -16.32 2.79
C LEU A 84 14.92 -15.51 3.25
N GLU A 85 15.59 -15.98 4.31
CA GLU A 85 16.77 -15.27 4.83
C GLU A 85 17.86 -15.20 3.78
N HIS A 86 17.99 -16.26 2.98
CA HIS A 86 19.00 -16.30 1.92
C HIS A 86 18.73 -17.49 0.99
N HIS A 87 18.72 -17.25 -0.32
CA HIS A 87 18.49 -18.30 -1.31
C HIS A 87 18.81 -17.77 -2.71
N HIS A 88 19.62 -18.53 -3.46
CA HIS A 88 19.98 -18.14 -4.81
C HIS A 88 20.71 -19.30 -5.50
N HIS A 89 20.22 -19.69 -6.68
CA HIS A 89 20.82 -20.78 -7.44
C HIS A 89 20.23 -20.81 -8.86
N HIS A 90 18.97 -20.41 -8.98
CA HIS A 90 18.29 -20.42 -10.28
C HIS A 90 18.93 -19.35 -11.20
N HIS A 91 19.28 -19.77 -12.42
CA HIS A 91 19.90 -18.86 -13.39
C HIS A 91 21.13 -18.17 -12.79
N ASN A 1 -4.21 -6.81 5.48
CA ASN A 1 -3.02 -6.12 4.93
C ASN A 1 -3.48 -5.00 4.00
N GLY A 2 -4.28 -5.34 2.99
CA GLY A 2 -4.79 -4.36 2.04
C GLY A 2 -5.85 -3.45 2.68
N ILE A 3 -7.00 -4.04 3.02
CA ILE A 3 -8.09 -3.29 3.65
C ILE A 3 -7.72 -2.87 5.06
N TYR A 4 -6.65 -3.46 5.60
CA TYR A 4 -6.20 -3.14 6.95
C TYR A 4 -4.66 -3.22 7.04
N ALA A 5 -4.02 -2.07 7.26
CA ALA A 5 -2.56 -2.01 7.35
C ALA A 5 -2.11 -2.61 8.69
N SER A 6 -1.50 -3.80 8.62
CA SER A 6 -1.01 -4.49 9.83
C SER A 6 0.39 -4.00 10.20
N SER A 7 1.18 -3.67 9.19
CA SER A 7 2.55 -3.18 9.40
C SER A 7 3.07 -2.54 8.12
N VAL A 8 4.10 -1.69 8.26
CA VAL A 8 4.72 -1.01 7.11
C VAL A 8 6.21 -0.81 7.39
N VAL A 9 7.00 -0.77 6.31
CA VAL A 9 8.46 -0.58 6.40
C VAL A 9 8.81 0.91 6.30
N GLU A 10 9.75 1.36 7.12
CA GLU A 10 10.18 2.76 7.12
C GLU A 10 10.63 3.17 5.70
N ASN A 11 11.16 4.39 5.55
CA ASN A 11 11.62 4.88 4.24
C ASN A 11 10.50 4.79 3.19
N MET A 12 9.24 4.99 3.61
CA MET A 12 8.06 4.93 2.72
C MET A 12 7.40 6.33 2.65
N PRO A 13 6.58 6.61 1.64
CA PRO A 13 5.92 7.95 1.47
C PRO A 13 5.06 8.36 2.66
N ALA A 14 5.00 7.48 3.70
CA ALA A 14 4.19 7.69 4.94
C ALA A 14 3.76 9.14 5.19
N LYS A 15 4.56 10.10 4.71
CA LYS A 15 4.20 11.51 4.79
C LYS A 15 2.79 11.68 4.19
N GLY A 16 2.04 12.66 4.66
CA GLY A 16 0.70 12.88 4.11
C GLY A 16 -0.23 11.64 4.19
N LYS A 17 0.31 10.42 4.40
CA LYS A 17 -0.50 9.18 4.48
C LYS A 17 0.00 8.33 5.66
N ILE A 18 -0.74 8.29 6.77
CA ILE A 18 -0.33 7.50 7.95
C ILE A 18 -1.00 6.13 7.88
N GLU A 19 -0.20 5.08 8.07
CA GLU A 19 -0.66 3.69 8.05
C GLU A 19 -0.62 3.16 9.48
N VAL A 20 -0.78 1.85 9.63
CA VAL A 20 -0.77 1.18 10.95
C VAL A 20 -2.11 1.38 11.66
N GLY A 21 -3.02 0.44 11.38
CA GLY A 21 -4.36 0.43 11.98
C GLY A 21 -5.32 1.32 11.20
N ASP A 22 -4.78 2.25 10.42
CA ASP A 22 -5.61 3.15 9.62
C ASP A 22 -6.34 2.34 8.55
N LYS A 23 -7.58 2.74 8.24
CA LYS A 23 -8.40 2.07 7.22
C LYS A 23 -8.46 2.91 5.96
N ILE A 24 -8.48 2.23 4.80
CA ILE A 24 -8.53 2.89 3.49
C ILE A 24 -9.92 2.72 2.88
N ILE A 25 -10.59 3.84 2.58
CA ILE A 25 -11.93 3.83 1.99
C ILE A 25 -11.88 3.32 0.56
N SER A 26 -10.93 3.87 -0.21
CA SER A 26 -10.77 3.49 -1.63
C SER A 26 -9.43 4.00 -2.14
N ALA A 27 -8.98 3.44 -3.27
CA ALA A 27 -7.70 3.84 -3.88
C ALA A 27 -7.92 4.91 -4.95
N ASP A 28 -8.10 4.48 -6.19
CA ASP A 28 -8.36 5.36 -7.35
C ASP A 28 -9.87 5.48 -7.60
N GLY A 29 -10.60 5.97 -6.60
CA GLY A 29 -12.05 6.15 -6.72
C GLY A 29 -12.78 4.82 -6.96
N LYS A 30 -12.00 3.72 -7.07
CA LYS A 30 -12.57 2.37 -7.31
C LYS A 30 -12.59 1.59 -5.99
N ASN A 31 -13.78 1.22 -5.53
CA ASN A 31 -13.91 0.45 -4.29
C ASN A 31 -13.36 -0.96 -4.48
N TYR A 32 -13.12 -1.66 -3.37
CA TYR A 32 -12.59 -3.04 -3.41
C TYR A 32 -13.08 -3.82 -2.19
N GLN A 33 -14.17 -4.57 -2.38
CA GLN A 33 -14.74 -5.37 -1.30
C GLN A 33 -13.75 -6.47 -0.90
N SER A 34 -13.18 -7.14 -1.90
CA SER A 34 -12.20 -8.22 -1.68
C SER A 34 -10.79 -7.63 -1.55
N ALA A 35 -10.13 -7.94 -0.44
CA ALA A 35 -8.78 -7.44 -0.19
C ALA A 35 -7.81 -7.93 -1.25
N GLU A 36 -8.00 -9.17 -1.69
CA GLU A 36 -7.13 -9.77 -2.71
C GLU A 36 -7.17 -8.96 -4.00
N LYS A 37 -8.35 -8.47 -4.33
CA LYS A 37 -8.52 -7.69 -5.55
C LYS A 37 -7.72 -6.39 -5.49
N LEU A 38 -7.64 -5.77 -4.31
CA LEU A 38 -6.90 -4.51 -4.17
C LEU A 38 -5.43 -4.73 -4.53
N ILE A 39 -4.85 -5.82 -4.04
CA ILE A 39 -3.44 -6.12 -4.32
C ILE A 39 -3.26 -6.32 -5.84
N ASP A 40 -4.15 -7.10 -6.45
CA ASP A 40 -4.06 -7.36 -7.88
C ASP A 40 -4.20 -6.08 -8.69
N TYR A 41 -5.08 -5.16 -8.26
CA TYR A 41 -5.27 -3.91 -8.98
C TYR A 41 -3.95 -3.14 -9.10
N ILE A 42 -3.23 -3.00 -7.99
CA ILE A 42 -1.93 -2.32 -8.00
C ILE A 42 -0.96 -3.09 -8.88
N SER A 43 -0.97 -4.42 -8.78
CA SER A 43 -0.07 -5.27 -9.57
C SER A 43 1.39 -4.95 -9.28
N SER A 44 1.65 -4.46 -8.07
CA SER A 44 3.00 -4.13 -7.64
C SER A 44 3.60 -3.01 -8.51
N LYS A 45 2.76 -2.42 -9.37
CA LYS A 45 3.20 -1.34 -10.26
C LYS A 45 3.49 -0.08 -9.45
N LYS A 46 4.48 -0.15 -8.55
CA LYS A 46 4.84 0.99 -7.72
C LYS A 46 6.20 1.53 -8.16
N ALA A 47 6.25 2.85 -8.48
CA ALA A 47 7.45 3.61 -8.90
C ALA A 47 7.18 4.44 -10.17
N GLY A 48 7.09 5.76 -10.01
CA GLY A 48 6.87 6.69 -11.13
C GLY A 48 5.40 6.98 -11.37
N ASP A 49 4.60 5.92 -11.45
CA ASP A 49 3.16 6.08 -11.67
C ASP A 49 2.54 6.91 -10.54
N LYS A 50 1.23 7.15 -10.61
CA LYS A 50 0.51 7.94 -9.56
C LYS A 50 -0.83 7.26 -9.26
N VAL A 51 -1.28 7.42 -8.01
CA VAL A 51 -2.55 6.83 -7.55
C VAL A 51 -3.09 7.64 -6.39
N THR A 52 -4.42 7.59 -6.18
CA THR A 52 -5.05 8.33 -5.08
C THR A 52 -5.25 7.36 -3.93
N LEU A 53 -4.93 7.77 -2.71
CA LEU A 53 -5.08 6.92 -1.52
C LEU A 53 -5.84 7.71 -0.44
N LYS A 54 -7.08 7.28 -0.14
CA LYS A 54 -7.89 7.94 0.88
C LYS A 54 -7.68 7.21 2.20
N ILE A 55 -7.48 7.98 3.27
CA ILE A 55 -7.24 7.41 4.61
C ILE A 55 -8.28 7.97 5.59
N GLU A 56 -8.49 7.23 6.69
CA GLU A 56 -9.46 7.61 7.73
C GLU A 56 -8.72 7.88 9.06
N ARG A 57 -9.00 9.04 9.67
CA ARG A 57 -8.37 9.43 10.96
C ARG A 57 -9.41 10.09 11.86
N GLU A 58 -9.71 9.47 13.00
CA GLU A 58 -10.67 10.02 13.96
C GLU A 58 -11.95 10.51 13.25
N GLU A 59 -12.51 9.67 12.40
CA GLU A 59 -13.71 9.99 11.63
C GLU A 59 -13.49 11.18 10.67
N LYS A 60 -12.25 11.33 10.16
CA LYS A 60 -11.91 12.42 9.19
C LYS A 60 -11.16 11.83 8.01
N GLU A 61 -11.29 12.48 6.85
CA GLU A 61 -10.65 12.06 5.60
C GLU A 61 -9.72 13.14 5.09
N LYS A 62 -8.58 12.74 4.53
CA LYS A 62 -7.58 13.65 3.98
C LYS A 62 -7.24 13.23 2.55
N ARG A 63 -6.85 14.21 1.73
CA ARG A 63 -6.49 13.98 0.32
C ARG A 63 -5.12 14.58 0.04
N VAL A 64 -4.16 13.73 -0.36
CA VAL A 64 -2.80 14.16 -0.68
C VAL A 64 -2.32 13.41 -1.93
N THR A 65 -1.70 14.11 -2.87
CA THR A 65 -1.19 13.48 -4.10
C THR A 65 0.28 13.11 -3.88
N LEU A 66 0.57 11.80 -3.94
CA LEU A 66 1.95 11.28 -3.77
C LEU A 66 2.23 10.25 -4.86
N THR A 67 3.52 10.06 -5.15
CA THR A 67 3.97 9.08 -6.16
C THR A 67 4.19 7.75 -5.47
N LEU A 68 3.92 6.65 -6.18
CA LEU A 68 4.08 5.32 -5.60
C LEU A 68 5.55 5.09 -5.27
N LYS A 69 5.84 4.09 -4.43
CA LYS A 69 7.22 3.78 -4.01
C LYS A 69 7.38 2.26 -3.81
N GLN A 70 8.63 1.81 -3.97
CA GLN A 70 9.00 0.39 -3.84
C GLN A 70 10.18 0.24 -2.88
N PHE A 71 10.16 -0.86 -2.12
CA PHE A 71 11.22 -1.16 -1.12
C PHE A 71 12.62 -0.79 -1.68
N PRO A 72 13.54 -0.25 -0.87
CA PRO A 72 14.90 0.15 -1.37
C PRO A 72 15.83 -1.03 -1.72
N ASP A 73 16.33 -1.72 -0.69
CA ASP A 73 17.27 -2.84 -0.89
C ASP A 73 16.56 -4.08 -1.46
N GLU A 74 15.31 -3.91 -1.90
CA GLU A 74 14.53 -5.03 -2.48
C GLU A 74 13.69 -4.52 -3.66
N PRO A 75 14.31 -4.11 -4.75
CA PRO A 75 13.57 -3.58 -5.95
C PRO A 75 12.97 -4.73 -6.78
N ASP A 76 13.35 -5.96 -6.42
CA ASP A 76 12.85 -7.15 -7.12
C ASP A 76 11.34 -7.30 -6.88
N ARG A 77 10.86 -6.72 -5.77
CA ARG A 77 9.43 -6.78 -5.41
C ARG A 77 9.01 -5.47 -4.74
N ALA A 78 7.69 -5.19 -4.79
CA ALA A 78 7.13 -3.96 -4.19
C ALA A 78 5.82 -4.26 -3.48
N GLY A 79 5.51 -3.46 -2.47
CA GLY A 79 4.28 -3.65 -1.68
C GLY A 79 4.34 -4.92 -0.85
N ILE A 80 3.84 -4.85 0.38
CA ILE A 80 3.84 -6.00 1.28
C ILE A 80 2.97 -7.11 0.71
N GLY A 81 3.36 -8.36 0.97
CA GLY A 81 2.63 -9.53 0.47
C GLY A 81 2.97 -10.75 1.32
N VAL A 82 2.30 -11.86 1.02
CA VAL A 82 2.54 -13.10 1.76
C VAL A 82 3.99 -13.55 1.61
N SER A 83 4.57 -13.26 0.44
CA SER A 83 5.96 -13.64 0.15
C SER A 83 6.17 -15.14 0.38
N LEU A 84 7.40 -15.59 0.25
CA LEU A 84 7.72 -17.01 0.44
C LEU A 84 7.56 -17.38 1.93
N GLU A 85 7.05 -18.58 2.19
CA GLU A 85 6.84 -19.04 3.56
C GLU A 85 8.17 -19.19 4.28
N HIS A 86 9.21 -19.60 3.53
CA HIS A 86 10.54 -19.79 4.08
C HIS A 86 11.59 -19.73 2.97
N HIS A 87 12.86 -19.88 3.35
CA HIS A 87 13.97 -19.84 2.39
C HIS A 87 15.17 -20.62 2.94
N HIS A 88 16.07 -21.03 2.05
CA HIS A 88 17.26 -21.79 2.46
C HIS A 88 18.19 -20.87 3.25
N HIS A 89 18.72 -21.39 4.37
CA HIS A 89 19.63 -20.62 5.21
C HIS A 89 20.93 -20.34 4.45
N HIS A 90 21.46 -19.13 4.62
CA HIS A 90 22.70 -18.73 3.94
C HIS A 90 23.86 -19.63 4.38
N HIS A 91 23.91 -19.92 5.67
CA HIS A 91 24.98 -20.76 6.22
C HIS A 91 24.89 -22.17 5.62
N ASN A 1 -3.97 -6.81 9.61
CA ASN A 1 -3.70 -7.19 8.20
C ASN A 1 -4.96 -6.90 7.36
N GLY A 2 -5.21 -7.73 6.35
CA GLY A 2 -6.37 -7.55 5.49
C GLY A 2 -6.28 -6.22 4.75
N ILE A 3 -7.43 -5.57 4.55
CA ILE A 3 -7.46 -4.29 3.85
C ILE A 3 -6.68 -3.25 4.64
N TYR A 4 -6.99 -3.13 5.93
CA TYR A 4 -6.31 -2.19 6.81
C TYR A 4 -4.86 -2.61 7.04
N ALA A 5 -3.98 -1.61 7.13
CA ALA A 5 -2.56 -1.85 7.34
C ALA A 5 -2.34 -2.34 8.77
N SER A 6 -1.14 -2.83 9.03
CA SER A 6 -0.80 -3.35 10.38
C SER A 6 0.71 -3.36 10.59
N SER A 7 1.46 -2.99 9.56
CA SER A 7 2.91 -2.95 9.64
C SER A 7 3.47 -2.21 8.44
N VAL A 8 4.58 -1.52 8.65
CA VAL A 8 5.25 -0.73 7.60
C VAL A 8 6.74 -0.61 7.93
N VAL A 9 7.55 -0.28 6.90
CA VAL A 9 9.00 -0.10 7.04
C VAL A 9 9.38 1.33 6.69
N GLU A 10 10.36 1.87 7.41
CA GLU A 10 10.83 3.23 7.17
C GLU A 10 11.44 3.34 5.76
N ASN A 11 12.34 4.29 5.59
CA ASN A 11 13.01 4.52 4.32
C ASN A 11 12.02 4.86 3.21
N MET A 12 10.95 5.57 3.55
CA MET A 12 9.90 5.94 2.56
C MET A 12 9.57 7.45 2.71
N PRO A 13 9.03 8.11 1.68
CA PRO A 13 8.69 9.56 1.76
C PRO A 13 7.76 9.88 2.94
N ALA A 14 6.92 8.91 3.29
CA ALA A 14 5.94 9.06 4.38
C ALA A 14 5.24 10.44 4.29
N LYS A 15 5.31 11.08 3.12
CA LYS A 15 4.72 12.39 2.89
C LYS A 15 3.19 12.28 3.01
N GLY A 16 2.59 13.09 3.89
CA GLY A 16 1.13 13.13 4.09
C GLY A 16 0.43 11.78 3.77
N LYS A 17 1.14 10.66 3.96
CA LYS A 17 0.61 9.31 3.67
C LYS A 17 1.05 8.34 4.77
N ILE A 18 0.12 7.96 5.64
CA ILE A 18 0.41 7.02 6.74
C ILE A 18 -0.38 5.75 6.49
N GLU A 19 0.20 4.63 6.89
CA GLU A 19 -0.44 3.32 6.73
C GLU A 19 -0.01 2.43 7.89
N VAL A 20 -0.93 2.15 8.82
CA VAL A 20 -0.64 1.29 9.97
C VAL A 20 -1.91 1.23 10.85
N GLY A 21 -2.79 0.27 10.55
CA GLY A 21 -4.05 0.12 11.30
C GLY A 21 -5.12 1.05 10.73
N ASP A 22 -4.68 2.16 10.12
CA ASP A 22 -5.62 3.11 9.53
C ASP A 22 -6.23 2.54 8.24
N LYS A 23 -7.56 2.49 8.19
CA LYS A 23 -8.27 1.94 7.03
C LYS A 23 -8.26 2.95 5.89
N ILE A 24 -8.28 2.41 4.67
CA ILE A 24 -8.25 3.22 3.44
C ILE A 24 -9.67 3.23 2.85
N ILE A 25 -10.18 4.43 2.57
CA ILE A 25 -11.52 4.58 2.01
C ILE A 25 -11.58 3.94 0.61
N SER A 26 -10.65 4.35 -0.25
CA SER A 26 -10.60 3.85 -1.63
C SER A 26 -9.33 4.36 -2.34
N ALA A 27 -9.01 3.74 -3.49
CA ALA A 27 -7.83 4.13 -4.31
C ALA A 27 -8.25 4.24 -5.77
N ASP A 28 -7.81 5.30 -6.47
CA ASP A 28 -8.18 5.49 -7.89
C ASP A 28 -9.70 5.49 -8.07
N GLY A 29 -10.38 6.25 -7.21
CA GLY A 29 -11.85 6.36 -7.27
C GLY A 29 -12.51 4.99 -7.42
N LYS A 30 -11.77 3.93 -7.04
CA LYS A 30 -12.24 2.54 -7.13
C LYS A 30 -12.36 1.93 -5.73
N ASN A 31 -13.53 1.36 -5.42
CA ASN A 31 -13.77 0.73 -4.13
C ASN A 31 -13.17 -0.68 -4.14
N TYR A 32 -13.10 -1.30 -2.96
CA TYR A 32 -12.55 -2.66 -2.82
C TYR A 32 -13.31 -3.41 -1.73
N GLN A 33 -14.07 -4.45 -2.12
CA GLN A 33 -14.84 -5.24 -1.17
C GLN A 33 -13.91 -6.04 -0.26
N SER A 34 -12.83 -6.57 -0.86
CA SER A 34 -11.84 -7.39 -0.12
C SER A 34 -10.41 -7.00 -0.52
N ALA A 35 -9.50 -7.09 0.45
CA ALA A 35 -8.09 -6.75 0.22
C ALA A 35 -7.54 -7.47 -1.01
N GLU A 36 -8.11 -8.64 -1.33
CA GLU A 36 -7.68 -9.42 -2.47
C GLU A 36 -7.74 -8.59 -3.75
N LYS A 37 -8.87 -7.91 -3.95
CA LYS A 37 -9.05 -7.08 -5.15
C LYS A 37 -8.04 -5.92 -5.12
N LEU A 38 -7.93 -5.23 -3.98
CA LEU A 38 -7.02 -4.09 -3.88
C LEU A 38 -5.61 -4.49 -4.34
N ILE A 39 -5.12 -5.61 -3.83
CA ILE A 39 -3.78 -6.07 -4.19
C ILE A 39 -3.75 -6.38 -5.68
N ASP A 40 -4.80 -7.06 -6.17
CA ASP A 40 -4.88 -7.42 -7.58
C ASP A 40 -4.82 -6.16 -8.46
N TYR A 41 -5.57 -5.12 -8.08
CA TYR A 41 -5.59 -3.89 -8.85
C TYR A 41 -4.17 -3.27 -8.92
N ILE A 42 -3.53 -3.09 -7.77
CA ILE A 42 -2.19 -2.51 -7.72
C ILE A 42 -1.22 -3.41 -8.49
N SER A 43 -1.33 -4.72 -8.27
CA SER A 43 -0.45 -5.69 -8.95
C SER A 43 1.02 -5.28 -8.80
N SER A 44 1.33 -4.63 -7.68
CA SER A 44 2.69 -4.17 -7.38
C SER A 44 3.15 -3.09 -8.36
N LYS A 45 2.21 -2.54 -9.16
CA LYS A 45 2.53 -1.50 -10.16
C LYS A 45 2.95 -0.22 -9.46
N LYS A 46 4.02 -0.30 -8.68
CA LYS A 46 4.55 0.85 -7.95
C LYS A 46 5.73 1.44 -8.72
N ALA A 47 6.30 2.52 -8.18
CA ALA A 47 7.42 3.18 -8.81
C ALA A 47 7.05 3.72 -10.20
N GLY A 48 7.14 5.04 -10.36
CA GLY A 48 6.81 5.70 -11.64
C GLY A 48 5.37 6.21 -11.65
N ASP A 49 4.42 5.28 -11.76
CA ASP A 49 3.00 5.65 -11.80
C ASP A 49 2.57 6.23 -10.47
N LYS A 50 1.62 7.16 -10.52
CA LYS A 50 1.09 7.83 -9.31
C LYS A 50 -0.18 7.13 -8.85
N VAL A 51 -0.72 7.60 -7.74
CA VAL A 51 -1.94 7.03 -7.16
C VAL A 51 -2.58 8.06 -6.24
N THR A 52 -3.89 7.91 -6.05
CA THR A 52 -4.66 8.77 -5.15
C THR A 52 -5.13 7.90 -4.01
N LEU A 53 -4.55 8.07 -2.81
CA LEU A 53 -4.92 7.25 -1.63
C LEU A 53 -5.40 8.15 -0.49
N LYS A 54 -6.59 7.84 0.02
CA LYS A 54 -7.21 8.58 1.11
C LYS A 54 -7.11 7.78 2.40
N ILE A 55 -7.05 8.46 3.54
CA ILE A 55 -6.95 7.82 4.85
C ILE A 55 -8.10 8.32 5.73
N GLU A 56 -8.53 7.46 6.66
CA GLU A 56 -9.61 7.79 7.61
C GLU A 56 -9.10 7.78 9.04
N ARG A 57 -9.44 8.82 9.81
CA ARG A 57 -9.02 8.94 11.22
C ARG A 57 -10.20 9.43 12.05
N GLU A 58 -10.87 8.51 12.72
CA GLU A 58 -12.02 8.87 13.55
C GLU A 58 -13.04 9.72 12.76
N GLU A 59 -13.53 9.18 11.63
CA GLU A 59 -14.52 9.89 10.81
C GLU A 59 -13.91 11.14 10.15
N LYS A 60 -12.63 11.09 9.76
CA LYS A 60 -11.96 12.24 9.11
C LYS A 60 -11.21 11.76 7.86
N GLU A 61 -11.78 12.05 6.69
CA GLU A 61 -11.18 11.68 5.41
C GLU A 61 -10.16 12.73 5.01
N LYS A 62 -9.12 12.30 4.29
CA LYS A 62 -8.06 13.21 3.84
C LYS A 62 -7.69 12.88 2.39
N ARG A 63 -7.39 13.92 1.60
CA ARG A 63 -7.02 13.76 0.20
C ARG A 63 -5.54 14.12 0.03
N VAL A 64 -4.79 13.21 -0.59
CA VAL A 64 -3.37 13.39 -0.83
C VAL A 64 -2.98 12.67 -2.10
N THR A 65 -1.94 13.19 -2.77
CA THR A 65 -1.41 12.59 -4.01
C THR A 65 0.08 12.38 -3.81
N LEU A 66 0.54 11.11 -3.92
CA LEU A 66 1.97 10.77 -3.75
C LEU A 66 2.40 9.81 -4.86
N THR A 67 3.69 9.89 -5.20
CA THR A 67 4.27 9.01 -6.21
C THR A 67 4.56 7.66 -5.58
N LEU A 68 4.29 6.61 -6.35
CA LEU A 68 4.51 5.25 -5.85
C LEU A 68 6.01 5.02 -5.63
N LYS A 69 6.34 4.20 -4.60
CA LYS A 69 7.74 3.89 -4.24
C LYS A 69 7.93 2.39 -4.22
N GLN A 70 9.18 1.95 -4.11
CA GLN A 70 9.55 0.54 -4.08
C GLN A 70 10.47 0.28 -2.90
N PHE A 71 10.38 -0.91 -2.33
CA PHE A 71 11.22 -1.28 -1.19
C PHE A 71 12.71 -1.05 -1.50
N PRO A 72 13.54 -0.70 -0.52
CA PRO A 72 15.01 -0.46 -0.77
C PRO A 72 15.79 -1.74 -1.15
N ASP A 73 16.05 -2.60 -0.17
CA ASP A 73 16.81 -3.84 -0.39
C ASP A 73 16.03 -4.86 -1.22
N GLU A 74 14.87 -4.45 -1.72
CA GLU A 74 14.00 -5.33 -2.56
C GLU A 74 13.38 -4.52 -3.71
N PRO A 75 14.19 -4.04 -4.66
CA PRO A 75 13.67 -3.25 -5.82
C PRO A 75 13.02 -4.13 -6.88
N ASP A 76 13.15 -5.45 -6.73
CA ASP A 76 12.56 -6.43 -7.67
C ASP A 76 11.17 -6.85 -7.20
N ARG A 77 10.71 -6.29 -6.07
CA ARG A 77 9.39 -6.62 -5.50
C ARG A 77 8.72 -5.34 -5.01
N ALA A 78 7.39 -5.29 -5.12
CA ALA A 78 6.59 -4.13 -4.70
C ALA A 78 5.28 -4.62 -4.07
N GLY A 79 4.84 -3.91 -3.02
CA GLY A 79 3.60 -4.27 -2.32
C GLY A 79 3.58 -3.64 -0.93
N ILE A 80 2.58 -4.02 -0.14
CA ILE A 80 2.45 -3.49 1.21
C ILE A 80 3.59 -4.03 2.09
N GLY A 81 3.98 -5.28 1.83
CA GLY A 81 5.05 -5.92 2.60
C GLY A 81 4.60 -6.12 4.04
N VAL A 82 4.75 -7.35 4.54
CA VAL A 82 4.35 -7.69 5.91
C VAL A 82 4.95 -9.04 6.31
N SER A 83 5.25 -9.20 7.59
CA SER A 83 5.82 -10.45 8.09
C SER A 83 5.60 -10.53 9.60
N LEU A 84 5.03 -11.65 10.06
CA LEU A 84 4.77 -11.84 11.48
C LEU A 84 6.08 -12.18 12.20
N GLU A 85 6.27 -11.58 13.38
CA GLU A 85 7.46 -11.81 14.18
C GLU A 85 7.49 -13.25 14.66
N HIS A 86 8.69 -13.78 14.87
CA HIS A 86 8.85 -15.16 15.33
C HIS A 86 10.25 -15.36 15.87
N HIS A 87 10.92 -14.25 16.19
CA HIS A 87 12.28 -14.30 16.72
C HIS A 87 13.19 -15.11 15.79
N HIS A 88 13.88 -14.43 14.88
CA HIS A 88 14.77 -15.09 13.93
C HIS A 88 15.91 -15.78 14.66
N HIS A 89 16.28 -16.97 14.22
CA HIS A 89 17.36 -17.73 14.86
C HIS A 89 18.67 -16.93 14.81
N HIS A 90 18.93 -16.32 13.66
CA HIS A 90 20.14 -15.52 13.49
C HIS A 90 20.01 -14.60 12.26
N HIS A 91 20.75 -13.50 12.26
CA HIS A 91 20.70 -12.56 11.15
C HIS A 91 21.21 -13.23 9.86
N ASN A 1 -5.33 -7.75 4.39
CA ASN A 1 -4.06 -6.98 4.48
C ASN A 1 -4.27 -5.59 3.87
N GLY A 2 -4.63 -5.56 2.60
CA GLY A 2 -4.86 -4.28 1.92
C GLY A 2 -6.01 -3.51 2.56
N ILE A 3 -7.09 -4.23 2.90
CA ILE A 3 -8.26 -3.61 3.53
C ILE A 3 -7.92 -3.16 4.96
N TYR A 4 -6.89 -3.78 5.55
CA TYR A 4 -6.45 -3.42 6.91
C TYR A 4 -4.93 -3.65 7.02
N ALA A 5 -4.18 -2.55 7.05
CA ALA A 5 -2.72 -2.61 7.15
C ALA A 5 -2.32 -3.02 8.57
N SER A 6 -1.75 -4.23 8.71
CA SER A 6 -1.33 -4.74 10.02
C SER A 6 0.07 -4.25 10.35
N SER A 7 0.84 -3.93 9.32
CA SER A 7 2.21 -3.43 9.50
C SER A 7 2.71 -2.84 8.18
N VAL A 8 3.63 -1.87 8.29
CA VAL A 8 4.21 -1.21 7.12
C VAL A 8 5.64 -0.78 7.43
N VAL A 9 6.46 -0.64 6.37
CA VAL A 9 7.86 -0.22 6.50
C VAL A 9 8.00 1.22 6.02
N GLU A 10 8.73 2.03 6.79
CA GLU A 10 8.94 3.43 6.44
C GLU A 10 9.80 3.52 5.16
N ASN A 11 10.76 4.44 5.17
CA ASN A 11 11.63 4.67 4.03
C ASN A 11 10.81 5.12 2.82
N MET A 12 9.59 5.61 3.05
CA MET A 12 8.68 6.09 1.98
C MET A 12 8.44 7.61 2.13
N PRO A 13 7.95 8.30 1.10
CA PRO A 13 7.67 9.76 1.17
C PRO A 13 6.71 10.11 2.30
N ALA A 14 6.04 9.09 2.86
CA ALA A 14 5.09 9.27 3.97
C ALA A 14 4.25 10.55 3.77
N LYS A 15 4.14 11.01 2.50
CA LYS A 15 3.43 12.25 2.19
C LYS A 15 1.98 12.13 2.62
N GLY A 16 1.62 12.81 3.72
CA GLY A 16 0.26 12.80 4.25
C GLY A 16 -0.46 11.45 4.00
N LYS A 17 0.32 10.34 3.93
CA LYS A 17 -0.22 9.00 3.67
C LYS A 17 0.29 8.03 4.75
N ILE A 18 -0.57 7.66 5.69
CA ILE A 18 -0.19 6.73 6.77
C ILE A 18 -1.02 5.46 6.63
N GLU A 19 -0.39 4.31 6.88
CA GLU A 19 -1.06 3.03 6.77
C GLU A 19 -0.56 2.13 7.90
N VAL A 20 -1.43 1.88 8.87
CA VAL A 20 -1.12 1.03 10.02
C VAL A 20 -2.38 0.93 10.91
N GLY A 21 -3.20 -0.08 10.63
CA GLY A 21 -4.44 -0.29 11.39
C GLY A 21 -5.57 0.55 10.81
N ASP A 22 -5.19 1.62 10.09
CA ASP A 22 -6.18 2.51 9.49
C ASP A 22 -6.94 1.76 8.40
N LYS A 23 -8.11 2.29 8.02
CA LYS A 23 -8.95 1.68 6.98
C LYS A 23 -8.92 2.52 5.72
N ILE A 24 -8.86 1.84 4.57
CA ILE A 24 -8.82 2.48 3.25
C ILE A 24 -10.24 2.47 2.68
N ILE A 25 -10.81 3.68 2.50
CA ILE A 25 -12.16 3.81 1.95
C ILE A 25 -12.21 3.33 0.51
N SER A 26 -11.25 3.81 -0.29
CA SER A 26 -11.16 3.46 -1.70
C SER A 26 -9.82 3.91 -2.28
N ALA A 27 -9.50 3.40 -3.47
CA ALA A 27 -8.23 3.73 -4.17
C ALA A 27 -8.54 4.07 -5.62
N ASP A 28 -8.02 5.21 -6.10
CA ASP A 28 -8.25 5.64 -7.48
C ASP A 28 -9.75 5.73 -7.79
N GLY A 29 -10.55 6.08 -6.79
CA GLY A 29 -12.00 6.21 -6.96
C GLY A 29 -12.64 4.85 -7.19
N LYS A 30 -11.82 3.80 -7.24
CA LYS A 30 -12.29 2.43 -7.45
C LYS A 30 -12.50 1.72 -6.11
N ASN A 31 -13.66 1.09 -5.95
CA ASN A 31 -14.00 0.35 -4.73
C ASN A 31 -13.51 -1.09 -4.85
N TYR A 32 -13.38 -1.77 -3.72
CA TYR A 32 -12.91 -3.16 -3.71
C TYR A 32 -13.46 -3.88 -2.49
N GLN A 33 -14.56 -4.59 -2.67
CA GLN A 33 -15.20 -5.33 -1.58
C GLN A 33 -14.29 -6.47 -1.12
N SER A 34 -13.68 -7.16 -2.09
CA SER A 34 -12.78 -8.28 -1.80
C SER A 34 -11.32 -7.80 -1.72
N ALA A 35 -10.64 -8.13 -0.62
CA ALA A 35 -9.26 -7.72 -0.44
C ALA A 35 -8.37 -8.22 -1.57
N GLU A 36 -8.65 -9.43 -2.07
CA GLU A 36 -7.87 -10.02 -3.15
C GLU A 36 -7.86 -9.09 -4.36
N LYS A 37 -8.99 -8.46 -4.63
CA LYS A 37 -9.10 -7.53 -5.76
C LYS A 37 -8.28 -6.28 -5.50
N LEU A 38 -8.37 -5.73 -4.28
CA LEU A 38 -7.62 -4.51 -3.94
C LEU A 38 -6.12 -4.70 -4.14
N ILE A 39 -5.55 -5.73 -3.53
CA ILE A 39 -4.12 -5.97 -3.65
C ILE A 39 -3.77 -6.23 -5.12
N ASP A 40 -4.59 -7.04 -5.79
CA ASP A 40 -4.37 -7.36 -7.20
C ASP A 40 -4.43 -6.09 -8.04
N TYR A 41 -5.35 -5.18 -7.70
CA TYR A 41 -5.50 -3.93 -8.46
C TYR A 41 -4.17 -3.14 -8.44
N ILE A 42 -3.55 -3.04 -7.27
CA ILE A 42 -2.27 -2.34 -7.15
C ILE A 42 -1.21 -3.08 -7.98
N SER A 43 -1.22 -4.42 -7.90
CA SER A 43 -0.25 -5.24 -8.65
C SER A 43 1.19 -4.78 -8.38
N SER A 44 1.39 -4.22 -7.19
CA SER A 44 2.70 -3.73 -6.78
C SER A 44 3.18 -2.58 -7.68
N LYS A 45 2.24 -1.98 -8.42
CA LYS A 45 2.55 -0.87 -9.33
C LYS A 45 2.95 0.37 -8.57
N LYS A 46 3.98 0.24 -7.74
CA LYS A 46 4.52 1.35 -6.94
C LYS A 46 5.98 1.48 -7.25
N ALA A 47 6.41 2.73 -7.49
CA ALA A 47 7.80 3.07 -7.75
C ALA A 47 7.91 4.40 -8.48
N GLY A 48 6.79 5.01 -8.86
CA GLY A 48 6.82 6.28 -9.56
C GLY A 48 5.42 6.66 -10.02
N ASP A 49 4.60 5.64 -10.32
CA ASP A 49 3.23 5.86 -10.77
C ASP A 49 2.45 6.57 -9.66
N LYS A 50 1.50 7.43 -10.04
CA LYS A 50 0.70 8.18 -9.06
C LYS A 50 -0.64 7.49 -8.85
N VAL A 51 -1.18 7.63 -7.64
CA VAL A 51 -2.47 7.04 -7.30
C VAL A 51 -3.09 7.80 -6.14
N THR A 52 -4.43 7.81 -6.08
CA THR A 52 -5.16 8.51 -5.02
C THR A 52 -5.64 7.49 -4.00
N LEU A 53 -5.07 7.54 -2.78
CA LEU A 53 -5.45 6.60 -1.70
C LEU A 53 -6.07 7.39 -0.55
N LYS A 54 -7.32 7.06 -0.23
CA LYS A 54 -8.03 7.73 0.86
C LYS A 54 -7.82 6.94 2.15
N ILE A 55 -7.57 7.66 3.25
CA ILE A 55 -7.34 7.05 4.58
C ILE A 55 -8.34 7.64 5.55
N GLU A 56 -8.56 6.95 6.68
CA GLU A 56 -9.48 7.40 7.73
C GLU A 56 -8.69 7.68 9.01
N ARG A 57 -8.88 8.89 9.57
CA ARG A 57 -8.19 9.30 10.80
C ARG A 57 -9.14 10.11 11.67
N GLU A 58 -9.35 9.67 12.91
CA GLU A 58 -10.23 10.38 13.85
C GLU A 58 -11.54 10.83 13.17
N GLU A 59 -12.15 9.92 12.40
CA GLU A 59 -13.41 10.21 11.69
C GLU A 59 -13.21 11.32 10.66
N LYS A 60 -11.99 11.40 10.09
CA LYS A 60 -11.66 12.41 9.06
C LYS A 60 -10.87 11.77 7.94
N GLU A 61 -11.02 12.32 6.73
CA GLU A 61 -10.32 11.83 5.53
C GLU A 61 -9.41 12.91 4.96
N LYS A 62 -8.32 12.49 4.33
CA LYS A 62 -7.35 13.41 3.72
C LYS A 62 -6.96 12.91 2.34
N ARG A 63 -6.69 13.86 1.44
CA ARG A 63 -6.30 13.56 0.05
C ARG A 63 -5.08 14.40 -0.30
N VAL A 64 -4.09 13.77 -0.94
CA VAL A 64 -2.84 14.45 -1.33
C VAL A 64 -2.28 13.79 -2.59
N THR A 65 -1.55 14.57 -3.40
CA THR A 65 -0.93 14.05 -4.62
C THR A 65 0.53 13.71 -4.34
N LEU A 66 0.86 12.42 -4.44
CA LEU A 66 2.23 11.92 -4.20
C LEU A 66 2.61 10.89 -5.25
N THR A 67 3.90 10.58 -5.30
CA THR A 67 4.42 9.54 -6.20
C THR A 67 4.79 8.30 -5.38
N LEU A 68 4.46 7.12 -5.89
CA LEU A 68 4.74 5.88 -5.18
C LEU A 68 6.24 5.66 -5.07
N LYS A 69 6.64 4.66 -4.27
CA LYS A 69 8.06 4.35 -4.07
C LYS A 69 8.24 2.86 -3.84
N GLN A 70 9.49 2.39 -4.02
CA GLN A 70 9.85 0.98 -3.82
C GLN A 70 11.10 0.88 -2.94
N PHE A 71 11.11 -0.14 -2.08
CA PHE A 71 12.24 -0.33 -1.17
C PHE A 71 13.58 -0.44 -1.95
N PRO A 72 14.69 0.13 -1.47
CA PRO A 72 15.99 0.06 -2.21
C PRO A 72 16.66 -1.33 -2.13
N ASP A 73 16.98 -1.77 -0.92
CA ASP A 73 17.65 -3.06 -0.72
C ASP A 73 16.81 -4.21 -1.28
N GLU A 74 15.56 -3.93 -1.63
CA GLU A 74 14.64 -4.96 -2.19
C GLU A 74 13.89 -4.38 -3.41
N PRO A 75 14.53 -4.29 -4.57
CA PRO A 75 13.89 -3.75 -5.80
C PRO A 75 13.07 -4.82 -6.53
N ASP A 76 13.30 -6.08 -6.16
CA ASP A 76 12.57 -7.21 -6.75
C ASP A 76 11.11 -7.22 -6.29
N ARG A 77 10.86 -6.65 -5.11
CA ARG A 77 9.50 -6.59 -4.53
C ARG A 77 9.25 -5.22 -3.93
N ALA A 78 7.97 -4.84 -3.86
CA ALA A 78 7.56 -3.54 -3.30
C ALA A 78 6.32 -3.72 -2.44
N GLY A 79 6.22 -2.91 -1.37
CA GLY A 79 5.08 -3.00 -0.46
C GLY A 79 4.91 -4.41 0.09
N ILE A 80 5.53 -4.69 1.23
CA ILE A 80 5.44 -6.01 1.87
C ILE A 80 5.55 -5.89 3.39
N GLY A 81 4.78 -6.71 4.11
CA GLY A 81 4.79 -6.71 5.57
C GLY A 81 5.96 -7.55 6.10
N VAL A 82 7.11 -6.90 6.28
CA VAL A 82 8.31 -7.59 6.77
C VAL A 82 8.09 -8.05 8.20
N SER A 83 8.53 -9.28 8.52
CA SER A 83 8.37 -9.82 9.87
C SER A 83 9.33 -9.13 10.85
N LEU A 84 8.90 -8.02 11.41
CA LEU A 84 9.72 -7.26 12.36
C LEU A 84 9.94 -8.08 13.63
N GLU A 85 8.91 -8.82 14.04
CA GLU A 85 8.99 -9.65 15.25
C GLU A 85 10.18 -10.62 15.17
N HIS A 86 10.63 -10.89 13.95
CA HIS A 86 11.76 -11.80 13.74
C HIS A 86 13.01 -11.25 14.43
N HIS A 87 13.31 -9.98 14.18
CA HIS A 87 14.49 -9.34 14.79
C HIS A 87 14.15 -8.82 16.19
N HIS A 88 15.16 -8.77 17.05
CA HIS A 88 14.95 -8.30 18.41
C HIS A 88 14.55 -6.83 18.41
N HIS A 89 13.53 -6.49 19.21
CA HIS A 89 13.05 -5.11 19.29
C HIS A 89 14.13 -4.21 19.91
N HIS A 90 14.48 -3.14 19.21
CA HIS A 90 15.49 -2.20 19.69
C HIS A 90 14.92 -1.35 20.83
N HIS A 91 15.75 -1.04 21.81
CA HIS A 91 15.33 -0.23 22.96
C HIS A 91 16.54 0.19 23.78
#